data_2CTD
#
_entry.id   2CTD
#
loop_
_entity.id
_entity.type
_entity.pdbx_description
1 polymer 'Zinc finger protein 512'
2 non-polymer 'ZINC ION'
#
_entity_poly.entity_id   1
_entity_poly.type   'polypeptide(L)'
_entity_poly.pdbx_seq_one_letter_code
;GSSGSSGRIRKEPPVYAAGSLEEQWYLEIVDKGSVSCPTCQAVGRKTIEGLKKHMENCKQEMFTCHHCGKQLRSLAGMKY
HVMANHNSLPSGPSSG
;
_entity_poly.pdbx_strand_id   A
#
loop_
_chem_comp.id
_chem_comp.type
_chem_comp.name
_chem_comp.formula
ZN non-polymer 'ZINC ION' 'Zn 2'
#
# COMPACT_ATOMS: atom_id res chain seq x y z
N GLY A 1 -46.20 17.22 -9.60
CA GLY A 1 -45.76 17.31 -10.98
C GLY A 1 -44.32 17.78 -11.10
N SER A 2 -43.70 17.50 -12.24
CA SER A 2 -42.32 17.89 -12.48
C SER A 2 -41.90 17.57 -13.91
N SER A 3 -40.79 18.15 -14.35
CA SER A 3 -40.28 17.91 -15.69
C SER A 3 -38.88 18.51 -15.85
N GLY A 4 -38.17 18.05 -16.87
CA GLY A 4 -36.82 18.54 -17.11
C GLY A 4 -36.06 17.69 -18.12
N SER A 5 -34.87 18.15 -18.49
CA SER A 5 -34.05 17.41 -19.46
C SER A 5 -32.60 17.87 -19.38
N SER A 6 -31.71 17.10 -19.98
CA SER A 6 -30.29 17.41 -19.99
C SER A 6 -29.53 16.54 -20.98
N GLY A 7 -28.26 16.85 -21.20
CA GLY A 7 -27.44 16.09 -22.12
C GLY A 7 -26.13 16.76 -22.44
N ARG A 8 -25.05 16.26 -21.84
CA ARG A 8 -23.73 16.83 -22.06
C ARG A 8 -22.67 15.74 -22.09
N ILE A 9 -21.49 16.07 -22.62
CA ILE A 9 -20.40 15.12 -22.71
C ILE A 9 -19.71 14.92 -21.35
N ARG A 10 -19.03 13.80 -21.19
CA ARG A 10 -18.34 13.50 -19.95
C ARG A 10 -16.90 13.08 -20.22
N LYS A 11 -15.99 14.04 -20.20
CA LYS A 11 -14.58 13.77 -20.44
C LYS A 11 -13.74 14.11 -19.22
N GLU A 12 -13.84 13.28 -18.18
CA GLU A 12 -13.09 13.50 -16.95
C GLU A 12 -12.46 12.20 -16.46
N PRO A 13 -11.34 12.32 -15.74
CA PRO A 13 -10.62 11.17 -15.20
C PRO A 13 -11.39 10.47 -14.08
N PRO A 14 -11.05 9.20 -13.83
CA PRO A 14 -11.70 8.40 -12.79
C PRO A 14 -11.33 8.87 -11.38
N VAL A 15 -12.03 8.35 -10.39
CA VAL A 15 -11.78 8.71 -9.00
C VAL A 15 -10.28 8.71 -8.70
N TYR A 16 -9.52 7.97 -9.50
CA TYR A 16 -8.08 7.88 -9.31
C TYR A 16 -7.41 9.21 -9.61
N ALA A 17 -6.25 9.44 -9.00
CA ALA A 17 -5.50 10.67 -9.21
C ALA A 17 -4.39 10.47 -10.23
N ALA A 18 -3.79 11.58 -10.67
CA ALA A 18 -2.71 11.53 -11.65
C ALA A 18 -1.38 11.20 -10.98
N GLY A 19 -1.42 10.29 -10.01
CA GLY A 19 -0.20 9.90 -9.31
C GLY A 19 -0.49 9.38 -7.92
N SER A 20 -1.48 8.50 -7.80
CA SER A 20 -1.85 7.93 -6.52
C SER A 20 -1.77 6.40 -6.55
N LEU A 21 -1.91 5.78 -5.39
CA LEU A 21 -1.85 4.33 -5.29
C LEU A 21 -3.01 3.68 -6.03
N GLU A 22 -4.22 4.20 -5.79
CA GLU A 22 -5.42 3.67 -6.44
C GLU A 22 -5.12 3.26 -7.87
N GLU A 23 -4.49 4.16 -8.62
CA GLU A 23 -4.15 3.90 -10.02
C GLU A 23 -3.30 2.63 -10.14
N GLN A 24 -2.28 2.53 -9.31
CA GLN A 24 -1.38 1.37 -9.32
C GLN A 24 -2.19 0.07 -9.18
N TRP A 25 -2.92 -0.04 -8.07
CA TRP A 25 -3.72 -1.23 -7.81
C TRP A 25 -4.66 -1.52 -8.98
N TYR A 26 -5.23 -0.45 -9.54
CA TYR A 26 -6.16 -0.60 -10.66
C TYR A 26 -5.51 -1.36 -11.82
N LEU A 27 -4.30 -0.94 -12.18
CA LEU A 27 -3.57 -1.57 -13.27
C LEU A 27 -3.47 -3.08 -13.05
N GLU A 28 -2.90 -3.46 -11.91
CA GLU A 28 -2.74 -4.86 -11.58
C GLU A 28 -4.00 -5.66 -11.93
N ILE A 29 -5.13 -4.97 -11.97
CA ILE A 29 -6.40 -5.60 -12.30
C ILE A 29 -6.65 -5.59 -13.81
N VAL A 30 -6.64 -4.41 -14.40
CA VAL A 30 -6.85 -4.26 -15.83
C VAL A 30 -5.80 -5.03 -16.63
N ASP A 31 -4.73 -5.42 -15.96
CA ASP A 31 -3.64 -6.15 -16.60
C ASP A 31 -3.74 -7.65 -16.29
N LYS A 32 -4.01 -7.96 -15.02
CA LYS A 32 -4.13 -9.36 -14.60
C LYS A 32 -5.59 -9.73 -14.37
N GLY A 33 -6.29 -8.91 -13.58
CA GLY A 33 -7.70 -9.17 -13.30
C GLY A 33 -8.03 -9.01 -11.83
N SER A 34 -7.00 -8.94 -10.99
CA SER A 34 -7.18 -8.80 -9.55
C SER A 34 -5.99 -8.09 -8.91
N VAL A 35 -6.19 -7.59 -7.70
CA VAL A 35 -5.12 -6.89 -6.98
C VAL A 35 -4.91 -7.49 -5.60
N SER A 36 -3.65 -7.53 -5.17
CA SER A 36 -3.31 -8.09 -3.87
C SER A 36 -3.27 -7.00 -2.80
N CYS A 37 -3.20 -7.41 -1.54
CA CYS A 37 -3.16 -6.47 -0.42
C CYS A 37 -1.74 -6.02 -0.14
N PRO A 38 -1.52 -4.70 -0.15
CA PRO A 38 -0.21 -4.11 0.11
C PRO A 38 0.23 -4.27 1.57
N THR A 39 -0.71 -4.67 2.41
CA THR A 39 -0.43 -4.86 3.83
C THR A 39 0.07 -6.28 4.11
N CYS A 40 -0.79 -7.26 3.87
CA CYS A 40 -0.43 -8.66 4.10
C CYS A 40 0.22 -9.26 2.86
N GLN A 41 -0.30 -8.88 1.69
CA GLN A 41 0.22 -9.40 0.43
C GLN A 41 0.03 -10.91 0.32
N ALA A 42 -1.12 -11.38 0.77
CA ALA A 42 -1.44 -12.80 0.73
C ALA A 42 -2.76 -13.05 0.01
N VAL A 43 -3.72 -12.16 0.22
CA VAL A 43 -5.03 -12.29 -0.40
C VAL A 43 -5.44 -10.99 -1.10
N GLY A 44 -5.93 -11.10 -2.32
CA GLY A 44 -6.35 -9.93 -3.07
C GLY A 44 -7.84 -9.90 -3.30
N ARG A 45 -8.29 -8.99 -4.17
CA ARG A 45 -9.71 -8.86 -4.49
C ARG A 45 -9.92 -8.64 -5.98
N LYS A 46 -11.16 -8.77 -6.42
CA LYS A 46 -11.49 -8.59 -7.84
C LYS A 46 -11.21 -7.15 -8.27
N THR A 47 -11.27 -6.22 -7.33
CA THR A 47 -11.03 -4.82 -7.62
C THR A 47 -10.57 -4.07 -6.37
N ILE A 48 -10.39 -2.77 -6.50
CA ILE A 48 -9.96 -1.94 -5.38
C ILE A 48 -11.07 -1.78 -4.34
N GLU A 49 -12.22 -1.29 -4.80
CA GLU A 49 -13.36 -1.10 -3.91
C GLU A 49 -13.41 -2.18 -2.84
N GLY A 50 -13.38 -3.44 -3.26
CA GLY A 50 -13.41 -4.54 -2.32
C GLY A 50 -12.21 -4.55 -1.41
N LEU A 51 -11.03 -4.36 -1.98
CA LEU A 51 -9.79 -4.36 -1.19
C LEU A 51 -9.83 -3.28 -0.12
N LYS A 52 -10.12 -2.05 -0.53
CA LYS A 52 -10.19 -0.93 0.40
C LYS A 52 -10.81 -1.36 1.73
N LYS A 53 -11.98 -1.97 1.67
CA LYS A 53 -12.67 -2.44 2.86
C LYS A 53 -11.80 -3.42 3.64
N HIS A 54 -11.05 -4.24 2.91
CA HIS A 54 -10.17 -5.23 3.54
C HIS A 54 -9.04 -4.54 4.28
N MET A 55 -8.31 -3.68 3.59
CA MET A 55 -7.19 -2.96 4.19
C MET A 55 -7.68 -1.99 5.27
N GLU A 56 -8.94 -1.59 5.17
CA GLU A 56 -9.53 -0.67 6.13
C GLU A 56 -9.37 -1.19 7.55
N ASN A 57 -9.20 -2.50 7.68
CA ASN A 57 -9.03 -3.12 8.99
C ASN A 57 -7.72 -3.91 9.05
N CYS A 58 -7.40 -4.58 7.95
CA CYS A 58 -6.18 -5.38 7.88
C CYS A 58 -4.95 -4.50 8.10
N LYS A 59 -5.01 -3.27 7.62
CA LYS A 59 -3.90 -2.33 7.76
C LYS A 59 -3.38 -2.33 9.20
N GLN A 60 -2.42 -3.21 9.49
CA GLN A 60 -1.84 -3.30 10.82
C GLN A 60 -0.35 -3.01 10.79
N GLU A 61 0.25 -2.89 11.96
CA GLU A 61 1.68 -2.61 12.06
C GLU A 61 2.44 -3.84 12.55
N MET A 62 3.48 -4.21 11.81
CA MET A 62 4.29 -5.38 12.16
C MET A 62 5.51 -4.95 12.99
N PHE A 63 6.06 -5.90 13.75
CA PHE A 63 7.22 -5.63 14.58
C PHE A 63 8.28 -6.72 14.40
N THR A 64 9.49 -6.42 14.86
CA THR A 64 10.59 -7.37 14.75
C THR A 64 11.68 -7.08 15.77
N CYS A 65 11.84 -7.98 16.73
CA CYS A 65 12.84 -7.82 17.78
C CYS A 65 14.21 -7.56 17.17
N HIS A 66 15.12 -7.03 17.99
CA HIS A 66 16.48 -6.73 17.54
C HIS A 66 17.47 -7.75 18.09
N HIS A 67 17.29 -8.14 19.34
CA HIS A 67 18.17 -9.11 19.97
C HIS A 67 18.38 -10.32 19.08
N CYS A 68 17.30 -11.03 18.77
CA CYS A 68 17.37 -12.20 17.92
C CYS A 68 16.77 -11.92 16.53
N GLY A 69 15.62 -11.24 16.53
CA GLY A 69 14.96 -10.92 15.28
C GLY A 69 13.65 -11.66 15.11
N LYS A 70 12.97 -11.91 16.22
CA LYS A 70 11.69 -12.60 16.19
C LYS A 70 10.60 -11.73 15.56
N GLN A 71 9.57 -12.37 15.03
CA GLN A 71 8.47 -11.66 14.39
C GLN A 71 7.13 -12.19 14.88
N LEU A 72 6.44 -11.39 15.68
CA LEU A 72 5.14 -11.77 16.22
C LEU A 72 4.10 -10.68 15.97
N ARG A 73 2.87 -11.09 15.72
CA ARG A 73 1.78 -10.15 15.46
C ARG A 73 1.52 -9.28 16.70
N SER A 74 1.21 -9.93 17.81
CA SER A 74 0.92 -9.23 19.05
C SER A 74 2.21 -8.69 19.68
N LEU A 75 2.31 -7.36 19.74
CA LEU A 75 3.48 -6.71 20.31
C LEU A 75 3.75 -7.21 21.72
N ALA A 76 2.69 -7.28 22.53
CA ALA A 76 2.80 -7.74 23.91
C ALA A 76 3.58 -9.05 23.99
N GLY A 77 3.03 -10.09 23.37
CA GLY A 77 3.69 -11.39 23.38
C GLY A 77 5.17 -11.29 23.07
N MET A 78 5.50 -10.53 22.03
CA MET A 78 6.89 -10.36 21.63
C MET A 78 7.70 -9.66 22.73
N LYS A 79 7.30 -8.44 23.05
CA LYS A 79 7.99 -7.67 24.08
C LYS A 79 8.29 -8.54 25.30
N TYR A 80 7.55 -9.63 25.44
CA TYR A 80 7.73 -10.55 26.56
C TYR A 80 8.80 -11.60 26.24
N HIS A 81 8.85 -11.99 24.97
CA HIS A 81 9.83 -12.99 24.54
C HIS A 81 11.25 -12.49 24.77
N VAL A 82 11.41 -11.18 24.84
CA VAL A 82 12.73 -10.58 25.06
C VAL A 82 13.11 -10.61 26.54
N MET A 83 12.21 -10.14 27.39
CA MET A 83 12.45 -10.12 28.83
C MET A 83 12.59 -11.53 29.37
N ALA A 84 12.16 -12.51 28.59
CA ALA A 84 12.24 -13.91 29.00
C ALA A 84 13.52 -14.55 28.48
N ASN A 85 13.68 -14.57 27.16
CA ASN A 85 14.86 -15.16 26.54
C ASN A 85 16.08 -14.26 26.72
N HIS A 86 15.92 -12.99 26.35
CA HIS A 86 17.01 -12.02 26.46
C HIS A 86 16.97 -11.34 27.83
N ASN A 87 16.83 -12.13 28.88
CA ASN A 87 16.77 -11.59 30.23
C ASN A 87 18.16 -11.23 30.73
N SER A 88 18.50 -9.94 30.66
CA SER A 88 19.81 -9.46 31.09
C SER A 88 19.67 -8.48 32.25
N LEU A 89 19.46 -9.02 33.45
CA LEU A 89 19.31 -8.19 34.65
C LEU A 89 20.58 -7.39 34.92
N PRO A 90 20.42 -6.08 35.13
CA PRO A 90 21.54 -5.18 35.40
C PRO A 90 22.15 -5.42 36.79
N SER A 91 23.29 -6.11 36.81
CA SER A 91 23.96 -6.41 38.07
C SER A 91 25.44 -6.04 37.99
N GLY A 92 26.15 -6.66 37.06
CA GLY A 92 27.57 -6.38 36.90
C GLY A 92 28.08 -6.73 35.52
N PRO A 93 29.36 -6.41 35.24
CA PRO A 93 29.98 -6.69 33.95
C PRO A 93 30.21 -8.19 33.73
N SER A 94 29.82 -8.99 34.71
CA SER A 94 29.98 -10.43 34.61
C SER A 94 28.96 -11.16 35.49
N SER A 95 28.84 -12.46 35.29
CA SER A 95 27.90 -13.26 36.06
C SER A 95 28.57 -13.85 37.30
N GLY A 96 29.77 -14.41 37.12
CA GLY A 96 30.49 -15.00 38.23
C GLY A 96 31.82 -15.59 37.80
ZN ZN B . -4.54 -7.53 3.95
ZN ZN C . 14.31 -11.48 20.38
N GLY A 1 -13.11 45.57 -39.34
CA GLY A 1 -12.70 44.18 -39.46
C GLY A 1 -13.45 43.27 -38.49
N SER A 2 -12.90 42.08 -38.27
CA SER A 2 -13.52 41.12 -37.37
C SER A 2 -12.61 39.92 -37.14
N SER A 3 -12.95 39.10 -36.15
CA SER A 3 -12.16 37.92 -35.83
C SER A 3 -12.92 37.00 -34.88
N GLY A 4 -12.35 35.82 -34.62
CA GLY A 4 -12.99 34.87 -33.73
C GLY A 4 -12.00 33.93 -33.07
N SER A 5 -12.50 33.02 -32.26
CA SER A 5 -11.65 32.06 -31.56
C SER A 5 -12.44 30.81 -31.17
N SER A 6 -11.74 29.83 -30.59
CA SER A 6 -12.37 28.60 -30.17
C SER A 6 -11.39 27.71 -29.42
N GLY A 7 -11.90 26.63 -28.83
CA GLY A 7 -11.05 25.72 -28.08
C GLY A 7 -11.48 24.28 -28.22
N ARG A 8 -10.77 23.38 -27.55
CA ARG A 8 -11.09 21.96 -27.60
C ARG A 8 -10.67 21.26 -26.31
N ILE A 9 -11.16 20.04 -26.12
CA ILE A 9 -10.84 19.27 -24.92
C ILE A 9 -9.51 18.54 -25.09
N ARG A 10 -9.03 17.93 -24.00
CA ARG A 10 -7.77 17.20 -24.03
C ARG A 10 -7.93 15.80 -23.44
N LYS A 11 -8.15 15.74 -22.13
CA LYS A 11 -8.33 14.48 -21.43
C LYS A 11 -9.22 14.64 -20.22
N GLU A 12 -9.51 13.53 -19.54
CA GLU A 12 -10.35 13.55 -18.35
C GLU A 12 -9.74 12.72 -17.23
N PRO A 13 -9.69 13.30 -16.03
CA PRO A 13 -9.13 12.64 -14.85
C PRO A 13 -10.01 11.48 -14.36
N PRO A 14 -9.42 10.28 -14.25
CA PRO A 14 -10.12 9.08 -13.81
C PRO A 14 -10.47 9.14 -12.32
N VAL A 15 -11.24 8.15 -11.86
CA VAL A 15 -11.65 8.09 -10.47
C VAL A 15 -10.49 8.44 -9.54
N TYR A 16 -9.30 7.98 -9.90
CA TYR A 16 -8.11 8.24 -9.10
C TYR A 16 -7.37 9.46 -9.60
N ALA A 17 -6.45 9.98 -8.78
CA ALA A 17 -5.66 11.15 -9.15
C ALA A 17 -4.54 10.77 -10.11
N ALA A 18 -3.86 11.78 -10.66
CA ALA A 18 -2.77 11.55 -11.58
C ALA A 18 -1.44 11.39 -10.84
N GLY A 19 -1.26 10.23 -10.21
CA GLY A 19 -0.03 9.97 -9.48
C GLY A 19 -0.30 9.45 -8.08
N SER A 20 -1.31 8.61 -7.95
CA SER A 20 -1.67 8.05 -6.64
C SER A 20 -1.58 6.53 -6.67
N LEU A 21 -1.88 5.91 -5.52
CA LEU A 21 -1.83 4.46 -5.41
C LEU A 21 -2.97 3.81 -6.18
N GLU A 22 -4.20 4.25 -5.88
CA GLU A 22 -5.37 3.72 -6.56
C GLU A 22 -5.09 3.40 -8.02
N GLU A 23 -4.34 4.30 -8.67
CA GLU A 23 -3.99 4.12 -10.07
C GLU A 23 -3.20 2.83 -10.27
N GLN A 24 -2.16 2.65 -9.47
CA GLN A 24 -1.32 1.46 -9.57
C GLN A 24 -2.15 0.20 -9.37
N TRP A 25 -2.83 0.11 -8.23
CA TRP A 25 -3.67 -1.05 -7.93
C TRP A 25 -4.62 -1.35 -9.09
N TYR A 26 -5.21 -0.31 -9.65
CA TYR A 26 -6.15 -0.47 -10.76
C TYR A 26 -5.49 -1.25 -11.91
N LEU A 27 -4.28 -0.86 -12.27
CA LEU A 27 -3.56 -1.53 -13.35
C LEU A 27 -3.44 -3.02 -13.09
N GLU A 28 -2.91 -3.37 -11.91
CA GLU A 28 -2.75 -4.76 -11.53
C GLU A 28 -4.00 -5.57 -11.84
N ILE A 29 -5.13 -4.87 -11.94
CA ILE A 29 -6.41 -5.52 -12.23
C ILE A 29 -6.67 -5.56 -13.73
N VAL A 30 -6.69 -4.38 -14.35
CA VAL A 30 -6.93 -4.28 -15.79
C VAL A 30 -5.92 -5.11 -16.57
N ASP A 31 -4.84 -5.51 -15.91
CA ASP A 31 -3.79 -6.31 -16.54
C ASP A 31 -3.94 -7.79 -16.18
N LYS A 32 -4.27 -8.06 -14.92
CA LYS A 32 -4.44 -9.42 -14.45
C LYS A 32 -5.91 -9.74 -14.21
N GLY A 33 -6.56 -8.89 -13.41
CA GLY A 33 -7.97 -9.10 -13.11
C GLY A 33 -8.31 -8.77 -11.67
N SER A 34 -7.28 -8.68 -10.83
CA SER A 34 -7.48 -8.37 -9.42
C SER A 34 -6.20 -7.80 -8.80
N VAL A 35 -6.33 -7.30 -7.58
CA VAL A 35 -5.19 -6.72 -6.88
C VAL A 35 -4.96 -7.40 -5.54
N SER A 36 -3.70 -7.50 -5.13
CA SER A 36 -3.35 -8.13 -3.87
C SER A 36 -3.20 -7.10 -2.76
N CYS A 37 -3.34 -7.54 -1.52
CA CYS A 37 -3.23 -6.65 -0.36
C CYS A 37 -1.80 -6.13 -0.23
N PRO A 38 -1.63 -4.82 -0.47
CA PRO A 38 -0.33 -4.15 -0.37
C PRO A 38 0.16 -4.06 1.07
N THR A 39 -0.66 -4.50 2.01
CA THR A 39 -0.31 -4.47 3.42
C THR A 39 0.09 -5.85 3.92
N CYS A 40 -0.81 -6.81 3.77
CA CYS A 40 -0.56 -8.17 4.22
C CYS A 40 -0.04 -9.02 3.06
N GLN A 41 -0.45 -8.68 1.85
CA GLN A 41 -0.02 -9.42 0.66
C GLN A 41 -0.36 -10.90 0.80
N ALA A 42 -1.58 -11.19 1.22
CA ALA A 42 -2.02 -12.57 1.39
C ALA A 42 -3.24 -12.86 0.51
N VAL A 43 -4.16 -11.89 0.44
CA VAL A 43 -5.37 -12.04 -0.36
C VAL A 43 -5.68 -10.77 -1.13
N GLY A 44 -6.21 -10.94 -2.33
CA GLY A 44 -6.55 -9.79 -3.17
C GLY A 44 -8.04 -9.65 -3.38
N ARG A 45 -8.43 -8.64 -4.15
CA ARG A 45 -9.84 -8.39 -4.43
C ARG A 45 -10.05 -8.07 -5.90
N LYS A 46 -11.28 -8.30 -6.38
CA LYS A 46 -11.61 -8.05 -7.77
C LYS A 46 -11.26 -6.62 -8.17
N THR A 47 -11.72 -5.65 -7.38
CA THR A 47 -11.44 -4.25 -7.64
C THR A 47 -10.92 -3.55 -6.40
N ILE A 48 -10.37 -2.35 -6.59
CA ILE A 48 -9.83 -1.57 -5.48
C ILE A 48 -10.84 -1.45 -4.34
N GLU A 49 -12.11 -1.31 -4.69
CA GLU A 49 -13.17 -1.18 -3.70
C GLU A 49 -13.08 -2.30 -2.67
N GLY A 50 -13.11 -3.55 -3.14
CA GLY A 50 -13.02 -4.69 -2.25
C GLY A 50 -11.77 -4.67 -1.40
N LEU A 51 -10.65 -4.29 -2.01
CA LEU A 51 -9.37 -4.23 -1.32
C LEU A 51 -9.42 -3.22 -0.18
N LYS A 52 -9.80 -1.99 -0.51
CA LYS A 52 -9.90 -0.92 0.49
C LYS A 52 -10.59 -1.42 1.75
N LYS A 53 -11.80 -1.94 1.58
CA LYS A 53 -12.57 -2.45 2.71
C LYS A 53 -11.83 -3.57 3.42
N HIS A 54 -11.04 -4.32 2.66
CA HIS A 54 -10.26 -5.42 3.23
C HIS A 54 -9.12 -4.89 4.10
N MET A 55 -8.29 -4.04 3.53
CA MET A 55 -7.17 -3.47 4.25
C MET A 55 -7.64 -2.56 5.37
N GLU A 56 -8.88 -2.08 5.25
CA GLU A 56 -9.46 -1.20 6.26
C GLU A 56 -9.41 -1.85 7.64
N ASN A 57 -9.68 -3.15 7.68
CA ASN A 57 -9.67 -3.88 8.94
C ASN A 57 -8.47 -4.81 9.02
N CYS A 58 -8.17 -5.47 7.90
CA CYS A 58 -7.04 -6.39 7.84
C CYS A 58 -5.81 -5.80 8.51
N LYS A 59 -5.25 -4.76 7.89
CA LYS A 59 -4.07 -4.10 8.43
C LYS A 59 -3.73 -2.85 7.61
N GLN A 60 -3.43 -1.76 8.30
CA GLN A 60 -3.10 -0.50 7.64
C GLN A 60 -1.87 0.14 8.28
N GLU A 61 -0.70 -0.47 8.06
CA GLU A 61 0.55 0.04 8.62
C GLU A 61 1.73 -0.32 7.72
N MET A 62 2.90 0.23 8.04
CA MET A 62 4.10 -0.04 7.27
C MET A 62 5.17 -0.68 8.15
N PHE A 63 6.33 -0.97 7.55
CA PHE A 63 7.43 -1.59 8.28
C PHE A 63 8.66 -0.69 8.25
N THR A 64 9.34 -0.60 9.40
CA THR A 64 10.54 0.23 9.51
C THR A 64 11.60 -0.46 10.37
N CYS A 65 12.74 -0.74 9.78
CA CYS A 65 13.84 -1.40 10.49
C CYS A 65 14.23 -0.59 11.73
N HIS A 66 14.89 -1.26 12.68
CA HIS A 66 15.32 -0.60 13.90
C HIS A 66 16.83 -0.42 13.91
N HIS A 67 17.54 -1.37 13.33
CA HIS A 67 19.00 -1.32 13.27
C HIS A 67 19.46 -0.05 12.56
N CYS A 68 19.01 0.14 11.33
CA CYS A 68 19.38 1.31 10.54
C CYS A 68 18.23 2.32 10.49
N GLY A 69 17.03 1.82 10.22
CA GLY A 69 15.86 2.68 10.15
C GLY A 69 15.34 2.84 8.74
N LYS A 70 15.48 1.79 7.94
CA LYS A 70 15.02 1.81 6.56
C LYS A 70 13.49 1.79 6.49
N GLN A 71 12.95 2.25 5.37
CA GLN A 71 11.50 2.28 5.18
C GLN A 71 11.13 1.84 3.77
N LEU A 72 10.63 0.61 3.65
CA LEU A 72 10.22 0.07 2.36
C LEU A 72 8.80 -0.48 2.41
N ARG A 73 8.13 -0.47 1.27
CA ARG A 73 6.76 -0.97 1.18
C ARG A 73 6.74 -2.50 1.11
N SER A 74 7.46 -3.05 0.15
CA SER A 74 7.52 -4.50 -0.02
C SER A 74 8.41 -5.14 1.04
N LEU A 75 7.82 -5.94 1.90
CA LEU A 75 8.57 -6.62 2.96
C LEU A 75 9.79 -7.32 2.40
N ALA A 76 9.62 -8.00 1.28
CA ALA A 76 10.71 -8.72 0.63
C ALA A 76 11.94 -7.83 0.50
N GLY A 77 11.80 -6.73 -0.24
CA GLY A 77 12.91 -5.83 -0.43
C GLY A 77 13.61 -5.48 0.86
N MET A 78 12.83 -5.13 1.88
CA MET A 78 13.38 -4.78 3.19
C MET A 78 14.12 -5.97 3.80
N LYS A 79 13.39 -7.04 4.07
CA LYS A 79 13.98 -8.24 4.66
C LYS A 79 15.35 -8.52 4.07
N TYR A 80 15.54 -8.13 2.82
CA TYR A 80 16.80 -8.34 2.13
C TYR A 80 17.84 -7.33 2.57
N HIS A 81 17.41 -6.08 2.78
CA HIS A 81 18.30 -5.01 3.21
C HIS A 81 19.08 -5.43 4.46
N VAL A 82 18.44 -6.24 5.30
CA VAL A 82 19.06 -6.70 6.53
C VAL A 82 20.16 -7.72 6.24
N MET A 83 19.83 -8.72 5.43
CA MET A 83 20.79 -9.76 5.08
C MET A 83 21.94 -9.18 4.25
N ALA A 84 21.70 -8.02 3.64
CA ALA A 84 22.71 -7.36 2.83
C ALA A 84 23.58 -6.43 3.68
N ASN A 85 22.94 -5.43 4.28
CA ASN A 85 23.66 -4.48 5.12
C ASN A 85 24.07 -5.11 6.45
N HIS A 86 23.07 -5.57 7.21
CA HIS A 86 23.33 -6.20 8.50
C HIS A 86 23.63 -7.68 8.33
N ASN A 87 24.38 -8.02 7.29
CA ASN A 87 24.74 -9.40 7.02
C ASN A 87 25.48 -10.02 8.20
N SER A 88 25.28 -11.32 8.41
CA SER A 88 25.92 -12.04 9.50
C SER A 88 26.84 -13.13 8.98
N LEU A 89 28.02 -13.24 9.58
CA LEU A 89 28.99 -14.25 9.18
C LEU A 89 29.62 -14.93 10.40
N PRO A 90 30.06 -16.18 10.22
CA PRO A 90 30.68 -16.95 11.30
C PRO A 90 32.06 -16.43 11.67
N SER A 91 32.54 -16.80 12.86
CA SER A 91 33.85 -16.36 13.32
C SER A 91 34.96 -17.15 12.66
N GLY A 92 35.49 -16.61 11.57
CA GLY A 92 36.57 -17.28 10.86
C GLY A 92 37.90 -16.58 11.01
N PRO A 93 38.97 -17.19 10.49
CA PRO A 93 40.32 -16.64 10.56
C PRO A 93 40.48 -15.40 9.68
N SER A 94 41.64 -14.75 9.81
CA SER A 94 41.91 -13.54 9.03
C SER A 94 42.10 -13.88 7.55
N SER A 95 42.47 -15.14 7.28
CA SER A 95 42.69 -15.59 5.92
C SER A 95 43.30 -14.48 5.07
N GLY A 96 44.33 -13.83 5.60
CA GLY A 96 44.99 -12.75 4.89
C GLY A 96 46.46 -13.05 4.64
ZN ZN B . -4.99 -7.79 3.85
ZN ZN C . 18.10 -2.12 8.63
N GLY A 1 21.03 30.70 -32.62
CA GLY A 1 19.98 30.93 -31.64
C GLY A 1 18.64 30.38 -32.09
N SER A 2 17.71 30.24 -31.16
CA SER A 2 16.39 29.71 -31.46
C SER A 2 15.47 29.82 -30.24
N SER A 3 14.18 29.59 -30.47
CA SER A 3 13.19 29.68 -29.40
C SER A 3 11.82 29.25 -29.89
N GLY A 4 10.88 29.10 -28.97
CA GLY A 4 9.53 28.68 -29.32
C GLY A 4 8.67 28.41 -28.11
N SER A 5 7.51 27.81 -28.34
CA SER A 5 6.59 27.49 -27.26
C SER A 5 5.43 26.62 -27.76
N SER A 6 4.84 25.85 -26.86
CA SER A 6 3.73 24.98 -27.21
C SER A 6 2.85 24.69 -25.99
N GLY A 7 1.77 23.95 -26.21
CA GLY A 7 0.87 23.62 -25.12
C GLY A 7 -0.41 24.45 -25.17
N ARG A 8 -1.54 23.78 -25.42
CA ARG A 8 -2.83 24.46 -25.48
C ARG A 8 -3.62 24.25 -24.19
N ILE A 9 -2.93 24.37 -23.06
CA ILE A 9 -3.57 24.21 -21.75
C ILE A 9 -4.58 23.07 -21.79
N ARG A 10 -4.15 21.92 -22.29
CA ARG A 10 -5.02 20.75 -22.37
C ARG A 10 -4.37 19.54 -21.72
N LYS A 11 -4.69 19.31 -20.45
CA LYS A 11 -4.14 18.19 -19.70
C LYS A 11 -4.94 17.93 -18.44
N GLU A 12 -5.49 16.72 -18.33
CA GLU A 12 -6.29 16.34 -17.17
C GLU A 12 -6.30 14.83 -16.98
N PRO A 13 -5.97 14.38 -15.76
CA PRO A 13 -5.93 12.95 -15.43
C PRO A 13 -7.32 12.33 -15.39
N PRO A 14 -7.36 10.99 -15.34
CA PRO A 14 -8.62 10.24 -15.30
C PRO A 14 -9.35 10.40 -13.97
N VAL A 15 -10.49 9.75 -13.84
CA VAL A 15 -11.28 9.82 -12.62
C VAL A 15 -10.38 9.69 -11.38
N TYR A 16 -9.37 8.84 -11.47
CA TYR A 16 -8.45 8.64 -10.37
C TYR A 16 -7.63 9.90 -10.09
N ALA A 17 -7.04 9.97 -8.91
CA ALA A 17 -6.23 11.11 -8.52
C ALA A 17 -4.94 11.17 -9.33
N ALA A 18 -4.34 12.36 -9.39
CA ALA A 18 -3.10 12.54 -10.14
C ALA A 18 -1.89 12.17 -9.29
N GLY A 19 -1.59 10.88 -9.23
CA GLY A 19 -0.45 10.42 -8.45
C GLY A 19 -0.88 9.78 -7.14
N SER A 20 -1.80 8.82 -7.23
CA SER A 20 -2.29 8.12 -6.04
C SER A 20 -2.15 6.62 -6.20
N LEU A 21 -2.27 5.90 -5.09
CA LEU A 21 -2.17 4.44 -5.11
C LEU A 21 -3.27 3.82 -5.97
N GLU A 22 -4.47 4.38 -5.88
CA GLU A 22 -5.60 3.88 -6.64
C GLU A 22 -5.16 3.43 -8.04
N GLU A 23 -4.58 4.35 -8.80
CA GLU A 23 -4.10 4.04 -10.14
C GLU A 23 -3.33 2.73 -10.17
N GLN A 24 -2.28 2.66 -9.34
CA GLN A 24 -1.46 1.45 -9.27
C GLN A 24 -2.33 0.21 -9.10
N TRP A 25 -3.03 0.14 -7.97
CA TRP A 25 -3.89 -1.00 -7.68
C TRP A 25 -4.76 -1.34 -8.88
N TYR A 26 -5.38 -0.33 -9.48
CA TYR A 26 -6.23 -0.53 -10.64
C TYR A 26 -5.50 -1.32 -11.72
N LEU A 27 -4.29 -0.88 -12.06
CA LEU A 27 -3.49 -1.54 -13.08
C LEU A 27 -3.38 -3.04 -12.80
N GLU A 28 -2.97 -3.38 -11.59
CA GLU A 28 -2.83 -4.78 -11.20
C GLU A 28 -4.08 -5.58 -11.57
N ILE A 29 -5.18 -4.87 -11.75
CA ILE A 29 -6.44 -5.52 -12.12
C ILE A 29 -6.63 -5.56 -13.63
N VAL A 30 -6.40 -4.42 -14.28
CA VAL A 30 -6.54 -4.31 -15.72
C VAL A 30 -5.48 -5.16 -16.44
N ASP A 31 -4.45 -5.56 -15.69
CA ASP A 31 -3.38 -6.37 -16.25
C ASP A 31 -3.58 -7.84 -15.91
N LYS A 32 -3.79 -8.12 -14.63
CA LYS A 32 -4.00 -9.50 -14.17
C LYS A 32 -5.49 -9.80 -14.05
N GLY A 33 -6.24 -8.88 -13.46
CA GLY A 33 -7.67 -9.07 -13.28
C GLY A 33 -8.13 -8.76 -11.87
N SER A 34 -7.18 -8.66 -10.95
CA SER A 34 -7.50 -8.37 -9.55
C SER A 34 -6.31 -7.72 -8.85
N VAL A 35 -6.55 -7.20 -7.65
CA VAL A 35 -5.50 -6.55 -6.88
C VAL A 35 -5.25 -7.29 -5.56
N SER A 36 -4.01 -7.27 -5.11
CA SER A 36 -3.64 -7.94 -3.86
C SER A 36 -3.48 -6.92 -2.73
N CYS A 37 -3.50 -7.42 -1.50
CA CYS A 37 -3.35 -6.56 -0.32
C CYS A 37 -1.91 -6.08 -0.17
N PRO A 38 -1.69 -4.78 -0.37
CA PRO A 38 -0.36 -4.17 -0.26
C PRO A 38 0.14 -4.14 1.17
N THR A 39 -0.70 -4.57 2.11
CA THR A 39 -0.34 -4.59 3.52
C THR A 39 0.20 -5.95 3.93
N CYS A 40 -0.54 -7.01 3.62
CA CYS A 40 -0.13 -8.36 3.95
C CYS A 40 0.20 -9.16 2.69
N GLN A 41 -0.41 -8.77 1.59
CA GLN A 41 -0.18 -9.45 0.31
C GLN A 41 -0.54 -10.93 0.41
N ALA A 42 -1.63 -11.22 1.12
CA ALA A 42 -2.07 -12.60 1.29
C ALA A 42 -3.36 -12.86 0.50
N VAL A 43 -4.26 -11.90 0.54
CA VAL A 43 -5.54 -12.02 -0.17
C VAL A 43 -5.84 -10.76 -0.98
N GLY A 44 -6.42 -10.96 -2.16
CA GLY A 44 -6.75 -9.83 -3.01
C GLY A 44 -8.25 -9.68 -3.22
N ARG A 45 -8.64 -8.72 -4.05
CA ARG A 45 -10.04 -8.48 -4.34
C ARG A 45 -10.26 -8.16 -5.81
N LYS A 46 -11.41 -8.55 -6.34
CA LYS A 46 -11.73 -8.31 -7.74
C LYS A 46 -11.29 -6.91 -8.17
N THR A 47 -11.78 -5.89 -7.44
CA THR A 47 -11.44 -4.52 -7.74
C THR A 47 -10.98 -3.77 -6.49
N ILE A 48 -10.49 -2.56 -6.67
CA ILE A 48 -10.02 -1.75 -5.55
C ILE A 48 -11.08 -1.68 -4.45
N GLU A 49 -12.28 -1.27 -4.82
CA GLU A 49 -13.38 -1.17 -3.86
C GLU A 49 -13.32 -2.30 -2.84
N GLY A 50 -13.20 -3.52 -3.33
CA GLY A 50 -13.14 -4.68 -2.45
C GLY A 50 -11.90 -4.68 -1.58
N LEU A 51 -10.76 -4.33 -2.19
CA LEU A 51 -9.50 -4.30 -1.46
C LEU A 51 -9.54 -3.28 -0.33
N LYS A 52 -9.95 -2.06 -0.65
CA LYS A 52 -10.05 -0.99 0.33
C LYS A 52 -10.67 -1.51 1.64
N LYS A 53 -11.75 -2.26 1.51
CA LYS A 53 -12.43 -2.83 2.66
C LYS A 53 -11.53 -3.82 3.40
N HIS A 54 -10.67 -4.50 2.65
CA HIS A 54 -9.76 -5.48 3.22
C HIS A 54 -8.60 -4.79 3.94
N MET A 55 -7.96 -3.86 3.25
CA MET A 55 -6.84 -3.12 3.83
C MET A 55 -7.30 -2.21 4.97
N GLU A 56 -8.56 -1.78 4.89
CA GLU A 56 -9.13 -0.90 5.91
C GLU A 56 -9.07 -1.57 7.28
N ASN A 57 -9.34 -2.87 7.31
CA ASN A 57 -9.33 -3.64 8.56
C ASN A 57 -8.06 -4.47 8.67
N CYS A 58 -7.24 -4.42 7.63
CA CYS A 58 -5.99 -5.19 7.61
C CYS A 58 -4.78 -4.25 7.65
N LYS A 59 -5.00 -3.03 8.10
CA LYS A 59 -3.94 -2.03 8.19
C LYS A 59 -2.86 -2.48 9.17
N GLN A 60 -1.77 -1.72 9.23
CA GLN A 60 -0.67 -2.04 10.13
C GLN A 60 -0.59 -1.03 11.27
N GLU A 61 -0.26 -1.53 12.46
CA GLU A 61 -0.15 -0.68 13.63
C GLU A 61 0.69 0.56 13.34
N MET A 62 0.26 1.71 13.85
CA MET A 62 0.97 2.96 13.64
C MET A 62 1.41 3.58 14.96
N PHE A 63 2.26 4.59 14.89
CA PHE A 63 2.75 5.26 16.09
C PHE A 63 2.50 6.76 16.02
N THR A 64 2.86 7.47 17.08
CA THR A 64 2.68 8.91 17.14
C THR A 64 3.56 9.54 18.21
N CYS A 65 4.47 10.41 17.78
CA CYS A 65 5.37 11.09 18.70
C CYS A 65 4.60 11.91 19.73
N HIS A 66 5.27 12.23 20.83
CA HIS A 66 4.64 13.02 21.90
C HIS A 66 5.06 14.48 21.81
N HIS A 67 6.34 14.71 21.50
CA HIS A 67 6.86 16.07 21.38
C HIS A 67 6.05 16.88 20.39
N CYS A 68 6.21 16.59 19.11
CA CYS A 68 5.49 17.29 18.05
C CYS A 68 4.14 16.63 17.77
N GLY A 69 4.16 15.30 17.63
CA GLY A 69 2.93 14.58 17.36
C GLY A 69 2.84 14.12 15.92
N LYS A 70 3.97 13.66 15.36
CA LYS A 70 4.00 13.19 13.99
C LYS A 70 3.45 11.77 13.88
N GLN A 71 3.11 11.36 12.66
CA GLN A 71 2.55 10.03 12.43
C GLN A 71 3.22 9.37 11.22
N LEU A 72 4.14 8.46 11.48
CA LEU A 72 4.85 7.75 10.41
C LEU A 72 4.51 6.27 10.42
N ARG A 73 4.38 5.69 9.23
CA ARG A 73 4.07 4.27 9.11
C ARG A 73 5.23 3.41 9.59
N SER A 74 6.44 3.97 9.52
CA SER A 74 7.63 3.25 9.94
C SER A 74 8.13 3.77 11.29
N LEU A 75 8.78 2.90 12.05
CA LEU A 75 9.30 3.26 13.36
C LEU A 75 10.68 3.91 13.23
N ALA A 76 11.55 3.28 12.46
CA ALA A 76 12.90 3.79 12.25
C ALA A 76 12.87 5.26 11.83
N GLY A 77 12.23 5.53 10.69
CA GLY A 77 12.13 6.89 10.20
C GLY A 77 11.72 7.87 11.27
N MET A 78 10.71 7.50 12.05
CA MET A 78 10.20 8.35 13.12
C MET A 78 11.27 8.55 14.20
N LYS A 79 11.64 7.46 14.86
CA LYS A 79 12.65 7.52 15.91
C LYS A 79 13.78 8.48 15.54
N TYR A 80 13.98 8.67 14.24
CA TYR A 80 15.02 9.56 13.75
C TYR A 80 14.55 11.01 13.76
N HIS A 81 13.29 11.21 13.37
CA HIS A 81 12.71 12.56 13.33
C HIS A 81 12.87 13.25 14.67
N VAL A 82 12.99 12.47 15.74
CA VAL A 82 13.15 13.01 17.09
C VAL A 82 14.55 13.59 17.28
N MET A 83 15.56 12.74 17.14
CA MET A 83 16.94 13.17 17.30
C MET A 83 17.32 14.22 16.25
N ALA A 84 16.60 14.20 15.13
CA ALA A 84 16.85 15.14 14.04
C ALA A 84 16.08 16.43 14.26
N ASN A 85 14.75 16.33 14.29
CA ASN A 85 13.90 17.51 14.48
C ASN A 85 14.13 18.12 15.86
N HIS A 86 13.86 17.34 16.90
CA HIS A 86 14.03 17.81 18.27
C HIS A 86 15.51 17.88 18.63
N ASN A 87 16.27 16.87 18.25
CA ASN A 87 17.70 16.82 18.53
C ASN A 87 17.98 17.36 19.93
N SER A 88 17.07 17.10 20.86
CA SER A 88 17.23 17.56 22.24
C SER A 88 18.71 17.55 22.65
N LEU A 89 19.28 18.74 22.78
CA LEU A 89 20.69 18.86 23.17
C LEU A 89 20.94 18.22 24.53
N PRO A 90 21.98 17.38 24.61
CA PRO A 90 22.35 16.69 25.84
C PRO A 90 22.91 17.63 26.90
N SER A 91 23.79 18.54 26.46
CA SER A 91 24.40 19.50 27.37
C SER A 91 23.42 20.60 27.73
N GLY A 92 22.75 20.44 28.87
CA GLY A 92 21.79 21.44 29.31
C GLY A 92 20.41 20.85 29.54
N PRO A 93 19.47 21.70 29.97
CA PRO A 93 18.09 21.28 30.24
C PRO A 93 17.33 20.93 28.97
N SER A 94 16.11 20.42 29.13
CA SER A 94 15.29 20.04 28.00
C SER A 94 14.64 21.26 27.35
N SER A 95 14.36 21.16 26.06
CA SER A 95 13.75 22.27 25.33
C SER A 95 12.28 21.96 25.02
N GLY A 96 11.44 23.00 25.04
CA GLY A 96 10.03 22.81 24.76
C GLY A 96 9.79 22.20 23.39
ZN ZN B . -4.43 -7.87 4.08
ZN ZN C . 8.32 14.48 17.27
N GLY A 1 -29.41 23.69 -44.97
CA GLY A 1 -30.15 23.43 -43.74
C GLY A 1 -29.49 22.38 -42.88
N SER A 2 -30.30 21.57 -42.21
CA SER A 2 -29.78 20.53 -41.34
C SER A 2 -28.97 21.12 -40.19
N SER A 3 -29.49 22.19 -39.61
CA SER A 3 -28.81 22.86 -38.50
C SER A 3 -28.85 22.01 -37.23
N GLY A 4 -27.82 22.14 -36.40
CA GLY A 4 -27.76 21.37 -35.18
C GLY A 4 -26.47 21.60 -34.41
N SER A 5 -26.50 21.33 -33.11
CA SER A 5 -25.33 21.51 -32.26
C SER A 5 -24.62 20.18 -32.03
N SER A 6 -23.34 20.26 -31.63
CA SER A 6 -22.55 19.06 -31.38
C SER A 6 -22.09 19.03 -29.92
N GLY A 7 -21.57 20.16 -29.44
CA GLY A 7 -21.11 20.23 -28.07
C GLY A 7 -19.59 20.15 -27.98
N ARG A 8 -19.09 19.61 -26.87
CA ARG A 8 -17.65 19.49 -26.66
C ARG A 8 -17.33 18.23 -25.87
N ILE A 9 -16.04 17.89 -25.81
CA ILE A 9 -15.60 16.70 -25.09
C ILE A 9 -14.48 17.05 -24.10
N ARG A 10 -14.76 16.83 -22.81
CA ARG A 10 -13.79 17.12 -21.77
C ARG A 10 -13.25 15.83 -21.16
N LYS A 11 -11.92 15.73 -21.08
CA LYS A 11 -11.28 14.54 -20.52
C LYS A 11 -11.00 14.73 -19.03
N GLU A 12 -11.43 13.75 -18.23
CA GLU A 12 -11.23 13.81 -16.79
C GLU A 12 -10.76 12.45 -16.25
N PRO A 13 -9.79 12.49 -15.32
CA PRO A 13 -9.24 11.29 -14.71
C PRO A 13 -10.23 10.59 -13.78
N PRO A 14 -10.04 9.28 -13.58
CA PRO A 14 -10.92 8.48 -12.72
C PRO A 14 -10.76 8.83 -11.25
N VAL A 15 -11.71 8.38 -10.43
CA VAL A 15 -11.67 8.65 -9.00
C VAL A 15 -10.25 8.67 -8.48
N TYR A 16 -9.43 7.76 -8.98
CA TYR A 16 -8.04 7.67 -8.55
C TYR A 16 -7.29 8.97 -8.86
N ALA A 17 -6.38 9.33 -7.98
CA ALA A 17 -5.60 10.56 -8.16
C ALA A 17 -4.58 10.40 -9.29
N ALA A 18 -3.92 11.50 -9.65
CA ALA A 18 -2.94 11.48 -10.71
C ALA A 18 -1.55 11.11 -10.18
N GLY A 19 -1.35 9.81 -9.95
CA GLY A 19 -0.07 9.34 -9.45
C GLY A 19 -0.16 8.89 -8.01
N SER A 20 -1.08 7.97 -7.73
CA SER A 20 -1.27 7.45 -6.38
C SER A 20 -1.38 5.93 -6.39
N LEU A 21 -1.40 5.34 -5.20
CA LEU A 21 -1.51 3.89 -5.08
C LEU A 21 -2.73 3.36 -5.83
N GLU A 22 -3.90 3.84 -5.44
CA GLU A 22 -5.15 3.42 -6.08
C GLU A 22 -4.93 3.15 -7.56
N GLU A 23 -4.25 4.07 -8.24
CA GLU A 23 -3.98 3.95 -9.66
C GLU A 23 -3.17 2.68 -9.95
N GLN A 24 -2.05 2.53 -9.23
CA GLN A 24 -1.19 1.36 -9.41
C GLN A 24 -1.99 0.07 -9.32
N TRP A 25 -2.74 -0.08 -8.23
CA TRP A 25 -3.56 -1.27 -8.03
C TRP A 25 -4.47 -1.52 -9.22
N TYR A 26 -5.28 -0.53 -9.55
CA TYR A 26 -6.21 -0.65 -10.68
C TYR A 26 -5.56 -1.39 -11.84
N LEU A 27 -4.42 -0.89 -12.30
CA LEU A 27 -3.71 -1.50 -13.41
C LEU A 27 -3.56 -3.01 -13.20
N GLU A 28 -2.91 -3.39 -12.10
CA GLU A 28 -2.71 -4.79 -11.78
C GLU A 28 -3.97 -5.60 -12.09
N ILE A 29 -5.11 -4.93 -12.08
CA ILE A 29 -6.39 -5.59 -12.36
C ILE A 29 -6.71 -5.55 -13.85
N VAL A 30 -6.61 -4.37 -14.44
CA VAL A 30 -6.89 -4.20 -15.86
C VAL A 30 -5.89 -4.96 -16.72
N ASP A 31 -4.77 -5.36 -16.09
CA ASP A 31 -3.73 -6.10 -16.80
C ASP A 31 -3.81 -7.59 -16.49
N LYS A 32 -4.23 -7.91 -15.26
CA LYS A 32 -4.35 -9.30 -14.83
C LYS A 32 -5.81 -9.66 -14.57
N GLY A 33 -6.45 -8.89 -13.71
CA GLY A 33 -7.85 -9.14 -13.39
C GLY A 33 -8.17 -8.89 -11.93
N SER A 34 -7.13 -8.88 -11.09
CA SER A 34 -7.30 -8.66 -9.66
C SER A 34 -6.08 -7.97 -9.07
N VAL A 35 -6.15 -7.67 -7.78
CA VAL A 35 -5.04 -7.00 -7.09
C VAL A 35 -4.80 -7.62 -5.72
N SER A 36 -3.57 -7.52 -5.24
CA SER A 36 -3.19 -8.07 -3.94
C SER A 36 -3.27 -7.00 -2.86
N CYS A 37 -3.32 -7.44 -1.61
CA CYS A 37 -3.39 -6.52 -0.48
C CYS A 37 -2.02 -5.94 -0.16
N PRO A 38 -1.89 -4.62 -0.36
CA PRO A 38 -0.62 -3.91 -0.11
C PRO A 38 -0.31 -3.81 1.38
N THR A 39 -1.19 -4.37 2.21
CA THR A 39 -1.00 -4.35 3.66
C THR A 39 -0.35 -5.64 4.14
N CYS A 40 -0.93 -6.77 3.74
CA CYS A 40 -0.41 -8.08 4.14
C CYS A 40 0.05 -8.87 2.92
N GLN A 41 -0.54 -8.57 1.77
CA GLN A 41 -0.19 -9.25 0.53
C GLN A 41 -0.46 -10.76 0.65
N ALA A 42 -1.61 -11.11 1.22
CA ALA A 42 -1.98 -12.51 1.39
C ALA A 42 -3.19 -12.86 0.52
N VAL A 43 -4.10 -11.91 0.36
CA VAL A 43 -5.30 -12.12 -0.44
C VAL A 43 -5.61 -10.91 -1.30
N GLY A 44 -6.19 -11.15 -2.47
CA GLY A 44 -6.52 -10.07 -3.37
C GLY A 44 -8.02 -9.94 -3.61
N ARG A 45 -8.42 -9.02 -4.47
CA ARG A 45 -9.82 -8.80 -4.78
C ARG A 45 -10.01 -8.50 -6.26
N LYS A 46 -11.19 -8.83 -6.79
CA LYS A 46 -11.50 -8.60 -8.19
C LYS A 46 -11.45 -7.11 -8.51
N THR A 47 -11.39 -6.28 -7.47
CA THR A 47 -11.34 -4.84 -7.64
C THR A 47 -10.79 -4.15 -6.39
N ILE A 48 -10.75 -2.82 -6.42
CA ILE A 48 -10.25 -2.06 -5.29
C ILE A 48 -11.33 -1.86 -4.23
N GLU A 49 -12.52 -1.48 -4.67
CA GLU A 49 -13.64 -1.26 -3.77
C GLU A 49 -13.68 -2.33 -2.68
N GLY A 50 -13.40 -3.56 -3.07
CA GLY A 50 -13.41 -4.66 -2.12
C GLY A 50 -12.13 -4.75 -1.32
N LEU A 51 -11.01 -4.37 -1.95
CA LEU A 51 -9.71 -4.41 -1.28
C LEU A 51 -9.64 -3.36 -0.19
N LYS A 52 -10.03 -2.14 -0.51
CA LYS A 52 -10.01 -1.04 0.46
C LYS A 52 -10.62 -1.48 1.79
N LYS A 53 -11.78 -2.13 1.72
CA LYS A 53 -12.46 -2.60 2.91
C LYS A 53 -11.60 -3.62 3.67
N HIS A 54 -10.86 -4.43 2.91
CA HIS A 54 -10.00 -5.45 3.50
C HIS A 54 -8.79 -4.80 4.17
N MET A 55 -8.06 -4.00 3.41
CA MET A 55 -6.87 -3.32 3.93
C MET A 55 -7.24 -2.36 5.05
N GLU A 56 -8.48 -1.88 5.03
CA GLU A 56 -8.96 -0.95 6.05
C GLU A 56 -8.86 -1.57 7.44
N ASN A 57 -8.97 -2.89 7.50
CA ASN A 57 -8.89 -3.60 8.77
C ASN A 57 -7.63 -4.46 8.84
N CYS A 58 -6.85 -4.45 7.76
CA CYS A 58 -5.62 -5.22 7.70
C CYS A 58 -4.43 -4.40 8.22
N LYS A 59 -4.74 -3.29 8.87
CA LYS A 59 -3.72 -2.41 9.42
C LYS A 59 -2.93 -1.72 8.30
N GLN A 60 -3.65 -1.06 7.41
CA GLN A 60 -3.03 -0.36 6.29
C GLN A 60 -2.21 0.83 6.79
N GLU A 61 -0.89 0.70 6.74
CA GLU A 61 0.01 1.77 7.18
C GLU A 61 1.41 1.56 6.61
N MET A 62 2.07 2.68 6.30
CA MET A 62 3.42 2.63 5.75
C MET A 62 4.44 3.17 6.75
N PHE A 63 5.72 3.05 6.41
CA PHE A 63 6.78 3.54 7.28
C PHE A 63 7.59 4.63 6.60
N THR A 64 7.76 5.75 7.30
CA THR A 64 8.50 6.88 6.76
C THR A 64 9.48 7.44 7.79
N CYS A 65 10.78 7.27 7.52
CA CYS A 65 11.81 7.76 8.43
C CYS A 65 11.70 9.27 8.62
N HIS A 66 12.34 9.77 9.68
CA HIS A 66 12.31 11.20 9.98
C HIS A 66 13.65 11.84 9.67
N HIS A 67 14.73 11.13 9.96
CA HIS A 67 16.08 11.63 9.71
C HIS A 67 16.22 12.10 8.27
N CYS A 68 16.06 11.16 7.33
CA CYS A 68 16.17 11.48 5.91
C CYS A 68 14.80 11.63 5.28
N GLY A 69 13.88 10.74 5.62
CA GLY A 69 12.54 10.80 5.08
C GLY A 69 12.32 9.80 3.96
N LYS A 70 12.80 8.58 4.16
CA LYS A 70 12.66 7.53 3.16
C LYS A 70 11.32 6.80 3.32
N GLN A 71 10.92 6.08 2.28
CA GLN A 71 9.67 5.33 2.30
C GLN A 71 9.86 3.92 1.77
N LEU A 72 9.86 2.95 2.67
CA LEU A 72 10.03 1.54 2.30
C LEU A 72 8.85 0.70 2.77
N ARG A 73 8.27 -0.06 1.85
CA ARG A 73 7.14 -0.91 2.17
C ARG A 73 7.47 -1.86 3.32
N SER A 74 8.68 -2.42 3.28
CA SER A 74 9.12 -3.35 4.31
C SER A 74 9.79 -2.60 5.46
N LEU A 75 9.44 -2.96 6.69
CA LEU A 75 10.02 -2.32 7.87
C LEU A 75 11.48 -2.72 8.05
N ALA A 76 11.71 -4.03 8.13
CA ALA A 76 13.07 -4.55 8.30
C ALA A 76 14.07 -3.76 7.47
N GLY A 77 13.91 -3.82 6.15
CA GLY A 77 14.80 -3.11 5.26
C GLY A 77 15.04 -1.68 5.69
N MET A 78 13.98 -0.99 6.09
CA MET A 78 14.08 0.38 6.55
C MET A 78 14.91 0.48 7.82
N LYS A 79 14.48 -0.22 8.86
CA LYS A 79 15.18 -0.21 10.14
C LYS A 79 16.68 -0.40 9.93
N TYR A 80 17.06 -0.92 8.77
CA TYR A 80 18.46 -1.16 8.45
C TYR A 80 19.07 0.07 7.79
N HIS A 81 18.25 0.80 7.03
CA HIS A 81 18.71 1.99 6.34
C HIS A 81 19.15 3.07 7.33
N VAL A 82 18.62 2.99 8.54
CA VAL A 82 18.97 3.96 9.58
C VAL A 82 20.35 3.68 10.15
N MET A 83 20.56 2.45 10.62
CA MET A 83 21.86 2.06 11.18
C MET A 83 22.94 2.08 10.12
N ALA A 84 22.53 2.24 8.86
CA ALA A 84 23.48 2.28 7.75
C ALA A 84 23.95 3.71 7.48
N ASN A 85 23.00 4.58 7.16
CA ASN A 85 23.31 5.97 6.88
C ASN A 85 23.45 6.78 8.17
N HIS A 86 22.44 6.69 9.02
CA HIS A 86 22.43 7.41 10.29
C HIS A 86 23.15 6.60 11.37
N ASN A 87 24.25 5.95 10.99
CA ASN A 87 25.02 5.14 11.92
C ASN A 87 25.66 6.01 13.00
N SER A 88 25.14 5.90 14.22
CA SER A 88 25.66 6.68 15.34
C SER A 88 26.66 5.86 16.16
N LEU A 89 26.37 4.58 16.31
CA LEU A 89 27.23 3.68 17.07
C LEU A 89 28.66 3.75 16.56
N PRO A 90 29.63 3.44 17.45
CA PRO A 90 31.05 3.45 17.11
C PRO A 90 31.43 2.32 16.16
N SER A 91 30.47 1.44 15.88
CA SER A 91 30.71 0.32 14.99
C SER A 91 31.28 0.79 13.65
N GLY A 92 32.17 -0.03 13.07
CA GLY A 92 32.77 0.32 11.81
C GLY A 92 34.26 0.06 11.78
N PRO A 93 34.73 -0.66 10.75
CA PRO A 93 36.14 -1.00 10.59
C PRO A 93 37.00 0.21 10.25
N SER A 94 38.29 0.13 10.55
CA SER A 94 39.21 1.22 10.28
C SER A 94 40.11 0.89 9.09
N SER A 95 40.63 1.94 8.45
CA SER A 95 41.50 1.76 7.29
C SER A 95 42.92 1.40 7.73
N GLY A 96 43.48 2.21 8.62
CA GLY A 96 44.83 1.96 9.10
C GLY A 96 44.86 1.64 10.58
ZN ZN B . -4.43 -7.83 3.92
ZN ZN C . 16.39 7.63 7.31
N GLY A 1 -27.10 1.53 -46.42
CA GLY A 1 -25.92 0.80 -46.84
C GLY A 1 -25.63 -0.40 -45.97
N SER A 2 -24.39 -0.86 -45.98
CA SER A 2 -23.98 -2.02 -45.19
C SER A 2 -23.41 -1.57 -43.85
N SER A 3 -23.57 -2.42 -42.84
CA SER A 3 -23.07 -2.12 -41.50
C SER A 3 -21.72 -2.80 -41.26
N GLY A 4 -20.65 -2.12 -41.64
CA GLY A 4 -19.31 -2.66 -41.45
C GLY A 4 -19.02 -2.97 -40.00
N SER A 5 -18.98 -1.93 -39.17
CA SER A 5 -18.70 -2.10 -37.75
C SER A 5 -18.85 -0.79 -37.00
N SER A 6 -18.69 -0.83 -35.68
CA SER A 6 -18.81 0.36 -34.86
C SER A 6 -18.02 0.22 -33.56
N GLY A 7 -17.35 1.28 -33.16
CA GLY A 7 -16.56 1.25 -31.94
C GLY A 7 -15.89 2.58 -31.65
N ARG A 8 -15.26 2.69 -30.48
CA ARG A 8 -14.59 3.91 -30.08
C ARG A 8 -13.39 3.60 -29.19
N ILE A 9 -12.33 4.39 -29.33
CA ILE A 9 -11.13 4.20 -28.54
C ILE A 9 -10.65 5.52 -27.94
N ARG A 10 -10.19 5.46 -26.70
CA ARG A 10 -9.70 6.66 -26.01
C ARG A 10 -8.57 6.30 -25.04
N LYS A 11 -7.47 7.02 -25.16
CA LYS A 11 -6.31 6.80 -24.30
C LYS A 11 -6.20 7.88 -23.24
N GLU A 12 -7.34 8.34 -22.74
CA GLU A 12 -7.36 9.38 -21.71
C GLU A 12 -7.22 8.77 -20.32
N PRO A 13 -6.82 9.61 -19.35
CA PRO A 13 -6.64 9.18 -17.96
C PRO A 13 -7.97 8.86 -17.28
N PRO A 14 -8.03 7.68 -16.63
CA PRO A 14 -9.23 7.23 -15.93
C PRO A 14 -9.51 8.04 -14.67
N VAL A 15 -10.54 7.66 -13.93
CA VAL A 15 -10.91 8.34 -12.70
C VAL A 15 -9.74 8.39 -11.73
N TYR A 16 -8.88 7.37 -11.79
CA TYR A 16 -7.73 7.28 -10.91
C TYR A 16 -6.73 8.39 -11.22
N ALA A 17 -6.23 9.04 -10.17
CA ALA A 17 -5.26 10.11 -10.33
C ALA A 17 -4.04 9.65 -11.12
N ALA A 18 -3.22 10.61 -11.56
CA ALA A 18 -2.02 10.29 -12.33
C ALA A 18 -0.82 10.12 -11.41
N GLY A 19 -0.74 8.96 -10.76
CA GLY A 19 0.36 8.68 -9.86
C GLY A 19 -0.09 8.07 -8.56
N SER A 20 -1.28 8.46 -8.10
CA SER A 20 -1.82 7.94 -6.85
C SER A 20 -1.82 6.41 -6.84
N LEU A 21 -1.68 5.83 -5.65
CA LEU A 21 -1.67 4.38 -5.51
C LEU A 21 -2.87 3.76 -6.20
N GLU A 22 -4.00 4.44 -6.17
CA GLU A 22 -5.22 3.95 -6.80
C GLU A 22 -4.96 3.54 -8.24
N GLU A 23 -4.32 4.42 -9.00
CA GLU A 23 -4.01 4.15 -10.41
C GLU A 23 -3.26 2.83 -10.54
N GLN A 24 -2.20 2.66 -9.76
CA GLN A 24 -1.40 1.45 -9.80
C GLN A 24 -2.25 0.23 -9.46
N TRP A 25 -2.82 0.22 -8.26
CA TRP A 25 -3.66 -0.89 -7.82
C TRP A 25 -4.61 -1.32 -8.92
N TYR A 26 -5.27 -0.34 -9.56
CA TYR A 26 -6.21 -0.62 -10.62
C TYR A 26 -5.55 -1.42 -11.74
N LEU A 27 -4.38 -0.98 -12.18
CA LEU A 27 -3.64 -1.66 -13.23
C LEU A 27 -3.55 -3.16 -12.95
N GLU A 28 -3.03 -3.50 -11.78
CA GLU A 28 -2.89 -4.90 -11.39
C GLU A 28 -4.15 -5.70 -11.74
N ILE A 29 -5.29 -5.01 -11.77
CA ILE A 29 -6.55 -5.64 -12.09
C ILE A 29 -6.75 -5.76 -13.60
N VAL A 30 -6.67 -4.63 -14.29
CA VAL A 30 -6.83 -4.60 -15.74
C VAL A 30 -5.80 -5.49 -16.43
N ASP A 31 -4.76 -5.84 -15.69
CA ASP A 31 -3.70 -6.69 -16.22
C ASP A 31 -3.92 -8.15 -15.83
N LYS A 32 -4.26 -8.37 -14.57
CA LYS A 32 -4.51 -9.71 -14.07
C LYS A 32 -5.99 -9.95 -13.81
N GLY A 33 -6.61 -9.04 -13.06
CA GLY A 33 -8.02 -9.16 -12.75
C GLY A 33 -8.31 -8.95 -11.29
N SER A 34 -7.26 -8.78 -10.49
CA SER A 34 -7.42 -8.57 -9.05
C SER A 34 -6.19 -7.90 -8.47
N VAL A 35 -6.41 -7.07 -7.44
CA VAL A 35 -5.31 -6.36 -6.79
C VAL A 35 -4.95 -7.00 -5.46
N SER A 36 -3.65 -7.14 -5.20
CA SER A 36 -3.18 -7.74 -3.96
C SER A 36 -3.31 -6.76 -2.80
N CYS A 37 -3.10 -7.26 -1.58
CA CYS A 37 -3.18 -6.43 -0.39
C CYS A 37 -1.81 -5.91 0.01
N PRO A 38 -1.67 -4.56 0.05
CA PRO A 38 -0.41 -3.91 0.42
C PRO A 38 -0.07 -4.10 1.89
N THR A 39 -0.98 -4.70 2.64
CA THR A 39 -0.78 -4.94 4.06
C THR A 39 -0.22 -6.33 4.32
N CYS A 40 -0.99 -7.36 3.95
CA CYS A 40 -0.56 -8.74 4.14
C CYS A 40 0.01 -9.31 2.85
N GLN A 41 -0.46 -8.80 1.72
CA GLN A 41 0.02 -9.26 0.41
C GLN A 41 -0.19 -10.76 0.26
N ALA A 42 -1.30 -11.26 0.78
CA ALA A 42 -1.62 -12.67 0.70
C ALA A 42 -2.80 -12.93 -0.24
N VAL A 43 -3.75 -12.00 -0.25
CA VAL A 43 -4.92 -12.12 -1.10
C VAL A 43 -5.24 -10.80 -1.79
N GLY A 44 -6.23 -10.82 -2.67
CA GLY A 44 -6.62 -9.62 -3.39
C GLY A 44 -8.09 -9.61 -3.77
N ARG A 45 -8.63 -8.43 -4.03
CA ARG A 45 -10.03 -8.29 -4.40
C ARG A 45 -10.17 -8.12 -5.92
N LYS A 46 -11.41 -8.11 -6.39
CA LYS A 46 -11.68 -7.95 -7.81
C LYS A 46 -11.37 -6.52 -8.27
N THR A 47 -11.82 -5.54 -7.48
CA THR A 47 -11.59 -4.14 -7.80
C THR A 47 -10.90 -3.42 -6.65
N ILE A 48 -10.69 -2.11 -6.82
CA ILE A 48 -10.05 -1.31 -5.79
C ILE A 48 -10.91 -1.24 -4.53
N GLU A 49 -12.16 -0.83 -4.70
CA GLU A 49 -13.09 -0.72 -3.58
C GLU A 49 -12.96 -1.92 -2.66
N GLY A 50 -13.21 -3.11 -3.20
CA GLY A 50 -13.13 -4.32 -2.41
C GLY A 50 -11.90 -4.36 -1.53
N LEU A 51 -10.76 -3.96 -2.09
CA LEU A 51 -9.50 -3.95 -1.35
C LEU A 51 -9.58 -3.00 -0.16
N LYS A 52 -10.08 -1.79 -0.40
CA LYS A 52 -10.21 -0.80 0.65
C LYS A 52 -10.82 -1.40 1.90
N LYS A 53 -12.02 -1.96 1.77
CA LYS A 53 -12.71 -2.58 2.89
C LYS A 53 -11.85 -3.68 3.51
N HIS A 54 -11.03 -4.33 2.70
CA HIS A 54 -10.16 -5.39 3.18
C HIS A 54 -9.02 -4.82 4.02
N MET A 55 -8.32 -3.84 3.46
CA MET A 55 -7.21 -3.21 4.17
C MET A 55 -7.71 -2.33 5.31
N GLU A 56 -9.02 -2.11 5.34
CA GLU A 56 -9.63 -1.28 6.38
C GLU A 56 -9.43 -1.91 7.76
N ASN A 57 -9.54 -3.23 7.82
CA ASN A 57 -9.38 -3.96 9.08
C ASN A 57 -8.05 -4.72 9.10
N CYS A 58 -7.69 -5.28 7.95
CA CYS A 58 -6.45 -6.04 7.83
C CYS A 58 -5.31 -5.33 8.57
N LYS A 59 -5.31 -4.01 8.54
CA LYS A 59 -4.29 -3.22 9.20
C LYS A 59 -3.81 -3.91 10.48
N GLN A 60 -2.74 -4.69 10.36
CA GLN A 60 -2.19 -5.41 11.51
C GLN A 60 -1.84 -4.45 12.64
N GLU A 61 -2.64 -4.48 13.70
CA GLU A 61 -2.41 -3.61 14.85
C GLU A 61 -3.19 -4.11 16.07
N MET A 62 -2.49 -4.24 17.19
CA MET A 62 -3.11 -4.71 18.43
C MET A 62 -2.47 -4.03 19.64
N PHE A 63 -3.04 -4.28 20.81
CA PHE A 63 -2.53 -3.71 22.05
C PHE A 63 -2.39 -4.76 23.13
N THR A 64 -1.69 -4.41 24.21
CA THR A 64 -1.48 -5.33 25.32
C THR A 64 -1.41 -4.59 26.65
N CYS A 65 -2.19 -5.05 27.62
CA CYS A 65 -2.21 -4.43 28.94
C CYS A 65 -0.85 -4.56 29.62
N HIS A 66 -0.63 -3.72 30.64
CA HIS A 66 0.62 -3.73 31.37
C HIS A 66 0.47 -4.45 32.72
N HIS A 67 -0.68 -4.26 33.35
CA HIS A 67 -0.96 -4.89 34.64
C HIS A 67 -0.94 -6.41 34.52
N CYS A 68 -1.84 -6.95 33.70
CA CYS A 68 -1.92 -8.39 33.50
C CYS A 68 -1.26 -8.79 32.18
N GLY A 69 -1.61 -8.08 31.11
CA GLY A 69 -1.03 -8.37 29.81
C GLY A 69 -2.07 -8.89 28.83
N LYS A 70 -3.33 -8.56 29.07
CA LYS A 70 -4.42 -8.99 28.20
C LYS A 70 -4.24 -8.44 26.79
N GLN A 71 -4.82 -9.13 25.81
CA GLN A 71 -4.73 -8.72 24.43
C GLN A 71 -6.10 -8.71 23.76
N LEU A 72 -6.67 -7.52 23.61
CA LEU A 72 -7.98 -7.37 22.99
C LEU A 72 -7.88 -6.66 21.64
N ARG A 73 -8.76 -7.02 20.72
CA ARG A 73 -8.76 -6.41 19.39
C ARG A 73 -9.28 -4.98 19.45
N SER A 74 -10.12 -4.70 20.44
CA SER A 74 -10.68 -3.36 20.61
C SER A 74 -10.14 -2.69 21.87
N LEU A 75 -10.10 -1.37 21.86
CA LEU A 75 -9.59 -0.61 23.00
C LEU A 75 -10.67 -0.48 24.08
N ALA A 76 -11.90 -0.21 23.65
CA ALA A 76 -13.02 -0.07 24.58
C ALA A 76 -13.11 -1.27 25.52
N GLY A 77 -13.51 -2.41 24.97
CA GLY A 77 -13.63 -3.60 25.78
C GLY A 77 -12.45 -3.80 26.72
N MET A 78 -11.26 -3.44 26.25
CA MET A 78 -10.06 -3.58 27.06
C MET A 78 -10.08 -2.61 28.24
N LYS A 79 -10.19 -1.33 27.94
CA LYS A 79 -10.23 -0.29 28.97
C LYS A 79 -11.13 -0.71 30.12
N TYR A 80 -12.05 -1.62 29.84
CA TYR A 80 -12.98 -2.11 30.86
C TYR A 80 -12.37 -3.27 31.64
N HIS A 81 -11.67 -4.14 30.94
CA HIS A 81 -11.03 -5.29 31.57
C HIS A 81 -10.22 -4.87 32.79
N VAL A 82 -9.63 -3.68 32.71
CA VAL A 82 -8.83 -3.15 33.81
C VAL A 82 -9.67 -2.91 35.05
N MET A 83 -10.86 -2.35 34.84
CA MET A 83 -11.77 -2.06 35.95
C MET A 83 -12.56 -3.30 36.33
N ALA A 84 -12.08 -4.47 35.93
CA ALA A 84 -12.74 -5.73 36.23
C ALA A 84 -11.87 -6.60 37.14
N ASN A 85 -10.57 -6.57 36.90
CA ASN A 85 -9.63 -7.36 37.70
C ASN A 85 -8.66 -6.46 38.44
N HIS A 86 -8.46 -5.25 37.92
CA HIS A 86 -7.55 -4.29 38.55
C HIS A 86 -8.32 -3.20 39.27
N ASN A 87 -8.34 -3.27 40.59
CA ASN A 87 -9.05 -2.28 41.40
C ASN A 87 -10.56 -2.52 41.34
N SER A 88 -10.96 -3.79 41.36
CA SER A 88 -12.37 -4.14 41.31
C SER A 88 -12.58 -5.59 41.71
N LEU A 89 -13.72 -5.87 42.34
CA LEU A 89 -14.04 -7.23 42.78
C LEU A 89 -14.97 -7.92 41.78
N PRO A 90 -14.90 -9.25 41.73
CA PRO A 90 -15.72 -10.06 40.83
C PRO A 90 -17.19 -10.06 41.23
N SER A 91 -18.06 -10.51 40.33
CA SER A 91 -19.49 -10.56 40.60
C SER A 91 -19.98 -12.00 40.69
N GLY A 92 -20.38 -12.41 41.89
CA GLY A 92 -20.86 -13.77 42.09
C GLY A 92 -21.11 -14.09 43.55
N PRO A 93 -21.05 -15.38 43.90
CA PRO A 93 -21.27 -15.84 45.28
C PRO A 93 -20.12 -15.45 46.20
N SER A 94 -20.31 -15.68 47.49
CA SER A 94 -19.30 -15.36 48.48
C SER A 94 -18.21 -16.43 48.53
N SER A 95 -18.61 -17.66 48.84
CA SER A 95 -17.67 -18.77 48.92
C SER A 95 -18.40 -20.11 48.78
N GLY A 96 -17.63 -21.19 48.69
CA GLY A 96 -18.22 -22.50 48.54
C GLY A 96 -17.58 -23.53 49.46
ZN ZN B . -4.55 -7.93 3.84
ZN ZN C . -4.96 -5.87 32.48
N GLY A 1 -1.13 38.57 -46.25
CA GLY A 1 -1.10 37.14 -45.99
C GLY A 1 -2.36 36.65 -45.30
N SER A 2 -2.37 35.38 -44.91
CA SER A 2 -3.53 34.79 -44.25
C SER A 2 -3.09 33.68 -43.29
N SER A 3 -3.89 33.46 -42.25
CA SER A 3 -3.59 32.43 -41.26
C SER A 3 -4.83 32.06 -40.47
N GLY A 4 -4.69 31.09 -39.56
CA GLY A 4 -5.81 30.66 -38.75
C GLY A 4 -5.37 29.92 -37.51
N SER A 5 -6.34 29.34 -36.79
CA SER A 5 -6.05 28.60 -35.57
C SER A 5 -7.06 27.48 -35.36
N SER A 6 -6.62 26.42 -34.69
CA SER A 6 -7.49 25.28 -34.42
C SER A 6 -6.87 24.37 -33.35
N GLY A 7 -7.64 23.38 -32.92
CA GLY A 7 -7.17 22.46 -31.90
C GLY A 7 -8.21 21.44 -31.51
N ARG A 8 -7.79 20.45 -30.72
CA ARG A 8 -8.71 19.39 -30.28
C ARG A 8 -8.04 18.50 -29.23
N ILE A 9 -8.85 17.84 -28.41
CA ILE A 9 -8.34 16.95 -27.38
C ILE A 9 -8.35 15.50 -27.85
N ARG A 10 -7.86 14.61 -27.00
CA ARG A 10 -7.81 13.19 -27.32
C ARG A 10 -8.70 12.38 -26.38
N LYS A 11 -8.34 12.39 -25.10
CA LYS A 11 -9.12 11.66 -24.09
C LYS A 11 -8.80 12.16 -22.69
N GLU A 12 -9.83 12.41 -21.90
CA GLU A 12 -9.66 12.90 -20.54
C GLU A 12 -9.25 11.76 -19.60
N PRO A 13 -8.48 12.10 -18.56
CA PRO A 13 -8.02 11.13 -17.57
C PRO A 13 -9.15 10.60 -16.70
N PRO A 14 -8.99 9.37 -16.19
CA PRO A 14 -9.98 8.72 -15.33
C PRO A 14 -10.08 9.38 -13.96
N VAL A 15 -11.00 8.89 -13.14
CA VAL A 15 -11.19 9.43 -11.79
C VAL A 15 -9.87 9.51 -11.04
N TYR A 16 -9.12 8.41 -11.06
CA TYR A 16 -7.83 8.35 -10.38
C TYR A 16 -6.98 9.57 -10.72
N ALA A 17 -6.12 9.97 -9.78
CA ALA A 17 -5.24 11.11 -9.98
C ALA A 17 -3.97 10.71 -10.71
N ALA A 18 -3.22 11.71 -11.18
CA ALA A 18 -1.98 11.46 -11.90
C ALA A 18 -0.82 11.23 -10.93
N GLY A 19 -1.09 10.50 -9.86
CA GLY A 19 -0.06 10.23 -8.87
C GLY A 19 -0.63 9.71 -7.56
N SER A 20 -1.53 8.74 -7.66
CA SER A 20 -2.16 8.16 -6.48
C SER A 20 -2.00 6.64 -6.47
N LEU A 21 -2.36 6.02 -5.35
CA LEU A 21 -2.25 4.57 -5.21
C LEU A 21 -3.33 3.87 -6.02
N GLU A 22 -4.55 4.37 -5.94
CA GLU A 22 -5.68 3.79 -6.68
C GLU A 22 -5.24 3.40 -8.09
N GLU A 23 -4.45 4.26 -8.73
CA GLU A 23 -3.98 4.01 -10.08
C GLU A 23 -3.20 2.69 -10.15
N GLN A 24 -2.23 2.53 -9.25
CA GLN A 24 -1.43 1.33 -9.20
C GLN A 24 -2.30 0.09 -9.04
N TRP A 25 -3.13 0.08 -8.00
CA TRP A 25 -4.02 -1.05 -7.74
C TRP A 25 -4.91 -1.33 -8.95
N TYR A 26 -5.30 -0.27 -9.65
CA TYR A 26 -6.17 -0.40 -10.82
C TYR A 26 -5.49 -1.26 -11.89
N LEU A 27 -4.27 -0.88 -12.26
CA LEU A 27 -3.52 -1.62 -13.28
C LEU A 27 -3.48 -3.11 -12.95
N GLU A 28 -2.95 -3.44 -11.79
CA GLU A 28 -2.85 -4.83 -11.36
C GLU A 28 -4.12 -5.60 -11.71
N ILE A 29 -5.23 -4.87 -11.84
CA ILE A 29 -6.51 -5.48 -12.18
C ILE A 29 -6.71 -5.53 -13.69
N VAL A 30 -6.42 -4.43 -14.35
CA VAL A 30 -6.56 -4.35 -15.81
C VAL A 30 -5.51 -5.19 -16.51
N ASP A 31 -4.50 -5.61 -15.76
CA ASP A 31 -3.43 -6.43 -16.32
C ASP A 31 -3.58 -7.89 -15.89
N LYS A 32 -4.09 -8.10 -14.68
CA LYS A 32 -4.29 -9.45 -14.16
C LYS A 32 -5.78 -9.75 -13.98
N GLY A 33 -6.50 -8.79 -13.40
CA GLY A 33 -7.92 -8.97 -13.18
C GLY A 33 -8.33 -8.65 -11.75
N SER A 34 -7.35 -8.61 -10.85
CA SER A 34 -7.62 -8.32 -9.44
C SER A 34 -6.38 -7.72 -8.77
N VAL A 35 -6.56 -7.21 -7.56
CA VAL A 35 -5.47 -6.61 -6.80
C VAL A 35 -5.25 -7.35 -5.49
N SER A 36 -4.00 -7.33 -5.02
CA SER A 36 -3.65 -8.01 -3.77
C SER A 36 -3.54 -7.00 -2.63
N CYS A 37 -3.51 -7.50 -1.40
CA CYS A 37 -3.39 -6.65 -0.23
C CYS A 37 -1.97 -6.13 -0.06
N PRO A 38 -1.80 -4.82 -0.24
CA PRO A 38 -0.50 -4.15 -0.11
C PRO A 38 0.00 -4.12 1.33
N THR A 39 -0.80 -4.67 2.24
CA THR A 39 -0.44 -4.70 3.65
C THR A 39 0.10 -6.07 4.05
N CYS A 40 -0.66 -7.12 3.74
CA CYS A 40 -0.26 -8.48 4.07
C CYS A 40 0.17 -9.24 2.81
N GLN A 41 -0.34 -8.80 1.67
CA GLN A 41 -0.02 -9.44 0.40
C GLN A 41 -0.33 -10.93 0.44
N ALA A 42 -1.46 -11.28 1.05
CA ALA A 42 -1.87 -12.67 1.17
C ALA A 42 -3.10 -12.95 0.31
N VAL A 43 -3.98 -11.97 0.21
CA VAL A 43 -5.20 -12.10 -0.57
C VAL A 43 -5.44 -10.87 -1.45
N GLY A 44 -6.47 -10.94 -2.28
CA GLY A 44 -6.78 -9.83 -3.16
C GLY A 44 -8.27 -9.67 -3.41
N ARG A 45 -8.65 -8.62 -4.13
CA ARG A 45 -10.05 -8.37 -4.43
C ARG A 45 -10.25 -8.06 -5.91
N LYS A 46 -11.44 -8.38 -6.41
CA LYS A 46 -11.75 -8.14 -7.82
C LYS A 46 -11.31 -6.75 -8.25
N THR A 47 -11.76 -5.73 -7.51
CA THR A 47 -11.40 -4.36 -7.81
C THR A 47 -10.87 -3.63 -6.57
N ILE A 48 -10.48 -2.38 -6.75
CA ILE A 48 -9.96 -1.59 -5.64
C ILE A 48 -10.97 -1.50 -4.51
N GLU A 49 -12.18 -1.06 -4.83
CA GLU A 49 -13.24 -0.93 -3.84
C GLU A 49 -13.18 -2.07 -2.84
N GLY A 50 -13.12 -3.30 -3.34
CA GLY A 50 -13.06 -4.46 -2.47
C GLY A 50 -11.86 -4.44 -1.55
N LEU A 51 -10.66 -4.38 -2.13
CA LEU A 51 -9.43 -4.36 -1.35
C LEU A 51 -9.51 -3.32 -0.24
N LYS A 52 -9.84 -2.09 -0.60
CA LYS A 52 -9.96 -1.01 0.36
C LYS A 52 -10.56 -1.51 1.67
N LYS A 53 -11.75 -2.12 1.58
CA LYS A 53 -12.43 -2.65 2.75
C LYS A 53 -11.55 -3.67 3.48
N HIS A 54 -10.78 -4.42 2.70
CA HIS A 54 -9.89 -5.44 3.27
C HIS A 54 -8.72 -4.79 4.01
N MET A 55 -8.10 -3.80 3.40
CA MET A 55 -6.99 -3.09 4.00
C MET A 55 -7.46 -2.12 5.08
N GLU A 56 -8.77 -1.94 5.16
CA GLU A 56 -9.36 -1.04 6.15
C GLU A 56 -9.22 -1.61 7.56
N ASN A 57 -9.33 -2.93 7.66
CA ASN A 57 -9.21 -3.60 8.96
C ASN A 57 -7.97 -4.48 9.01
N CYS A 58 -7.23 -4.50 7.90
CA CYS A 58 -6.01 -5.31 7.81
C CYS A 58 -4.77 -4.42 7.96
N LYS A 59 -4.95 -3.25 8.55
CA LYS A 59 -3.84 -2.32 8.75
C LYS A 59 -2.90 -2.82 9.85
N GLN A 60 -1.61 -2.59 9.64
CA GLN A 60 -0.60 -3.01 10.62
C GLN A 60 -0.69 -2.16 11.89
N GLU A 61 0.12 -2.52 12.89
CA GLU A 61 0.13 -1.79 14.15
C GLU A 61 1.06 -0.59 14.06
N MET A 62 0.59 0.55 14.57
CA MET A 62 1.38 1.77 14.56
C MET A 62 1.79 2.18 15.96
N PHE A 63 2.99 2.74 16.09
CA PHE A 63 3.50 3.17 17.40
C PHE A 63 2.94 4.54 17.77
N THR A 64 2.53 4.69 19.02
CA THR A 64 1.98 5.95 19.50
C THR A 64 2.46 6.26 20.92
N CYS A 65 3.24 7.32 21.07
CA CYS A 65 3.75 7.71 22.38
C CYS A 65 2.62 7.85 23.39
N HIS A 66 2.98 7.83 24.67
CA HIS A 66 1.99 7.94 25.74
C HIS A 66 2.02 9.34 26.34
N HIS A 67 3.22 9.89 26.51
CA HIS A 67 3.38 11.22 27.09
C HIS A 67 2.61 12.26 26.27
N CYS A 68 3.09 12.52 25.06
CA CYS A 68 2.45 13.50 24.18
C CYS A 68 1.40 12.83 23.30
N GLY A 69 1.76 11.67 22.74
CA GLY A 69 0.83 10.95 21.89
C GLY A 69 1.19 11.08 20.42
N LYS A 70 2.47 11.22 20.13
CA LYS A 70 2.94 11.36 18.74
C LYS A 70 2.67 10.08 17.95
N GLN A 71 2.67 10.20 16.64
CA GLN A 71 2.42 9.06 15.76
C GLN A 71 3.41 9.05 14.60
N LEU A 72 4.37 8.13 14.65
CA LEU A 72 5.37 8.02 13.59
C LEU A 72 5.47 6.58 13.09
N ARG A 73 5.85 6.42 11.83
CA ARG A 73 5.98 5.11 11.22
C ARG A 73 7.30 4.46 11.63
N SER A 74 8.38 5.24 11.57
CA SER A 74 9.70 4.75 11.92
C SER A 74 9.95 4.85 13.42
N LEU A 75 10.03 3.71 14.09
CA LEU A 75 10.25 3.68 15.54
C LEU A 75 11.40 4.59 15.92
N ALA A 76 12.51 4.48 15.19
CA ALA A 76 13.69 5.30 15.46
C ALA A 76 13.31 6.77 15.63
N GLY A 77 12.95 7.42 14.53
CA GLY A 77 12.58 8.82 14.58
C GLY A 77 11.77 9.15 15.83
N MET A 78 10.79 8.30 16.14
CA MET A 78 9.94 8.51 17.31
C MET A 78 10.77 8.46 18.59
N LYS A 79 11.51 7.38 18.77
CA LYS A 79 12.34 7.20 19.96
C LYS A 79 13.15 8.46 20.24
N TYR A 80 13.38 9.25 19.20
CA TYR A 80 14.15 10.49 19.35
C TYR A 80 13.25 11.63 19.81
N HIS A 81 12.03 11.68 19.27
CA HIS A 81 11.08 12.72 19.63
C HIS A 81 10.99 12.88 21.15
N VAL A 82 11.10 11.77 21.86
CA VAL A 82 11.03 11.79 23.32
C VAL A 82 12.27 12.44 23.91
N MET A 83 13.44 12.13 23.36
CA MET A 83 14.69 12.70 23.83
C MET A 83 14.93 14.08 23.23
N ALA A 84 13.86 14.70 22.73
CA ALA A 84 13.95 16.01 22.13
C ALA A 84 12.99 16.99 22.79
N ASN A 85 11.88 16.47 23.31
CA ASN A 85 10.88 17.29 23.97
C ASN A 85 10.73 16.90 25.44
N HIS A 86 10.52 15.61 25.69
CA HIS A 86 10.37 15.11 27.04
C HIS A 86 11.72 15.11 27.77
N ASN A 87 12.61 14.22 27.34
CA ASN A 87 13.93 14.11 27.96
C ASN A 87 14.97 14.85 27.12
N SER A 88 14.96 16.17 27.22
CA SER A 88 15.91 17.01 26.48
C SER A 88 15.96 18.41 27.05
N LEU A 89 17.07 19.10 26.81
CA LEU A 89 17.25 20.47 27.30
C LEU A 89 16.22 21.40 26.69
N PRO A 90 15.53 22.17 27.56
CA PRO A 90 14.51 23.12 27.14
C PRO A 90 15.10 24.33 26.40
N SER A 91 16.27 24.78 26.85
CA SER A 91 16.93 25.92 26.23
C SER A 91 16.86 25.83 24.71
N GLY A 92 17.27 24.69 24.17
CA GLY A 92 17.25 24.50 22.73
C GLY A 92 15.83 24.51 22.17
N PRO A 93 15.31 23.31 21.88
CA PRO A 93 13.96 23.15 21.34
C PRO A 93 12.88 23.49 22.36
N SER A 94 11.66 23.72 21.87
CA SER A 94 10.54 24.05 22.73
C SER A 94 9.68 22.83 23.01
N SER A 95 9.84 22.25 24.20
CA SER A 95 9.08 21.07 24.59
C SER A 95 7.58 21.33 24.50
N GLY A 96 7.15 22.47 25.02
CA GLY A 96 5.75 22.83 24.99
C GLY A 96 5.09 22.49 23.66
ZN ZN B . -4.46 -8.04 4.16
ZN ZN C . 6.03 11.77 23.15
N GLY A 1 1.48 42.43 -40.54
CA GLY A 1 0.57 41.51 -39.85
C GLY A 1 1.09 41.10 -38.49
N SER A 2 0.50 40.04 -37.95
CA SER A 2 0.90 39.54 -36.64
C SER A 2 0.80 38.02 -36.58
N SER A 3 1.65 37.40 -35.77
CA SER A 3 1.66 35.96 -35.62
C SER A 3 2.06 35.55 -34.20
N GLY A 4 1.76 34.30 -33.85
CA GLY A 4 2.10 33.80 -32.52
C GLY A 4 2.49 32.34 -32.53
N SER A 5 2.25 31.66 -31.41
CA SER A 5 2.60 30.24 -31.29
C SER A 5 1.86 29.61 -30.12
N SER A 6 1.97 28.29 -30.00
CA SER A 6 1.31 27.56 -28.93
C SER A 6 2.31 26.66 -28.19
N GLY A 7 1.84 26.04 -27.12
CA GLY A 7 2.69 25.16 -26.34
C GLY A 7 2.17 23.74 -26.27
N ARG A 8 2.04 23.21 -25.07
CA ARG A 8 1.56 21.85 -24.88
C ARG A 8 0.60 21.78 -23.70
N ILE A 9 -0.57 21.19 -23.92
CA ILE A 9 -1.58 21.06 -22.87
C ILE A 9 -1.16 20.03 -21.84
N ARG A 10 -1.55 20.25 -20.59
CA ARG A 10 -1.22 19.34 -19.50
C ARG A 10 -2.12 18.11 -19.52
N LYS A 11 -1.50 16.93 -19.41
CA LYS A 11 -2.25 15.68 -19.41
C LYS A 11 -3.48 15.77 -18.50
N GLU A 12 -4.54 15.09 -18.90
CA GLU A 12 -5.78 15.09 -18.11
C GLU A 12 -5.76 13.97 -17.07
N PRO A 13 -5.99 14.35 -15.80
CA PRO A 13 -6.00 13.39 -14.68
C PRO A 13 -7.22 12.48 -14.73
N PRO A 14 -6.96 11.15 -14.78
CA PRO A 14 -8.02 10.14 -14.82
C PRO A 14 -8.79 10.05 -13.51
N VAL A 15 -9.60 9.01 -13.39
CA VAL A 15 -10.39 8.80 -12.18
C VAL A 15 -9.58 9.13 -10.93
N TYR A 16 -8.35 8.63 -10.87
CA TYR A 16 -7.48 8.87 -9.73
C TYR A 16 -6.44 9.95 -10.05
N ALA A 17 -5.75 10.42 -9.03
CA ALA A 17 -4.73 11.45 -9.19
C ALA A 17 -3.66 11.00 -10.18
N ALA A 18 -2.74 11.91 -10.49
CA ALA A 18 -1.65 11.60 -11.41
C ALA A 18 -0.42 11.09 -10.66
N GLY A 19 -0.64 10.28 -9.65
CA GLY A 19 0.44 9.74 -8.86
C GLY A 19 0.00 9.23 -7.51
N SER A 20 -1.05 8.41 -7.50
CA SER A 20 -1.59 7.87 -6.26
C SER A 20 -1.48 6.35 -6.26
N LEU A 21 -1.88 5.73 -5.14
CA LEU A 21 -1.83 4.28 -5.01
C LEU A 21 -3.02 3.64 -5.73
N GLU A 22 -4.20 4.22 -5.55
CA GLU A 22 -5.41 3.70 -6.19
C GLU A 22 -5.15 3.36 -7.65
N GLU A 23 -4.36 4.19 -8.32
CA GLU A 23 -4.04 3.98 -9.72
C GLU A 23 -3.26 2.68 -9.91
N GLN A 24 -2.14 2.56 -9.20
CA GLN A 24 -1.31 1.36 -9.30
C GLN A 24 -2.15 0.10 -9.18
N TRP A 25 -2.82 -0.06 -8.03
CA TRP A 25 -3.66 -1.23 -7.80
C TRP A 25 -4.58 -1.49 -8.99
N TYR A 26 -5.25 -0.45 -9.45
CA TYR A 26 -6.16 -0.57 -10.59
C TYR A 26 -5.49 -1.30 -11.75
N LEU A 27 -4.26 -0.89 -12.07
CA LEU A 27 -3.51 -1.50 -13.15
C LEU A 27 -3.34 -2.99 -12.92
N GLU A 28 -2.92 -3.37 -11.72
CA GLU A 28 -2.72 -4.77 -11.37
C GLU A 28 -3.97 -5.59 -11.67
N ILE A 29 -5.09 -4.89 -11.86
CA ILE A 29 -6.36 -5.55 -12.15
C ILE A 29 -6.64 -5.56 -13.65
N VAL A 30 -6.49 -4.40 -14.28
CA VAL A 30 -6.73 -4.28 -15.71
C VAL A 30 -5.71 -5.09 -16.51
N ASP A 31 -4.61 -5.46 -15.86
CA ASP A 31 -3.56 -6.23 -16.51
C ASP A 31 -3.71 -7.72 -16.19
N LYS A 32 -4.09 -8.01 -14.95
CA LYS A 32 -4.28 -9.38 -14.51
C LYS A 32 -5.75 -9.70 -14.30
N GLY A 33 -6.41 -8.93 -13.44
CA GLY A 33 -7.81 -9.15 -13.17
C GLY A 33 -8.19 -8.82 -11.74
N SER A 34 -7.19 -8.74 -10.87
CA SER A 34 -7.42 -8.45 -9.47
C SER A 34 -6.16 -7.86 -8.82
N VAL A 35 -6.32 -7.34 -7.61
CA VAL A 35 -5.21 -6.75 -6.88
C VAL A 35 -5.02 -7.41 -5.52
N SER A 36 -3.77 -7.55 -5.10
CA SER A 36 -3.46 -8.17 -3.82
C SER A 36 -3.18 -7.11 -2.75
N CYS A 37 -3.47 -7.44 -1.50
CA CYS A 37 -3.25 -6.51 -0.40
C CYS A 37 -1.79 -6.07 -0.33
N PRO A 38 -1.55 -4.77 -0.54
CA PRO A 38 -0.21 -4.19 -0.52
C PRO A 38 0.39 -4.18 0.88
N THR A 39 -0.41 -4.59 1.86
CA THR A 39 0.04 -4.63 3.25
C THR A 39 0.56 -6.01 3.63
N CYS A 40 -0.32 -7.00 3.56
CA CYS A 40 0.04 -8.37 3.90
C CYS A 40 0.35 -9.17 2.64
N GLN A 41 -0.35 -8.85 1.55
CA GLN A 41 -0.16 -9.56 0.28
C GLN A 41 -0.56 -11.02 0.40
N ALA A 42 -1.63 -11.28 1.15
CA ALA A 42 -2.11 -12.64 1.35
C ALA A 42 -3.40 -12.87 0.55
N VAL A 43 -4.23 -11.84 0.45
CA VAL A 43 -5.49 -11.94 -0.28
C VAL A 43 -5.73 -10.69 -1.11
N GLY A 44 -6.55 -10.83 -2.15
CA GLY A 44 -6.86 -9.71 -3.02
C GLY A 44 -8.34 -9.59 -3.30
N ARG A 45 -8.68 -8.70 -4.23
CA ARG A 45 -10.08 -8.49 -4.60
C ARG A 45 -10.21 -8.15 -6.09
N LYS A 46 -11.36 -8.46 -6.66
CA LYS A 46 -11.61 -8.19 -8.08
C LYS A 46 -11.33 -6.73 -8.41
N THR A 47 -11.83 -5.83 -7.58
CA THR A 47 -11.62 -4.40 -7.79
C THR A 47 -11.22 -3.71 -6.49
N ILE A 48 -10.54 -2.57 -6.62
CA ILE A 48 -10.09 -1.81 -5.46
C ILE A 48 -11.16 -1.77 -4.38
N GLU A 49 -12.37 -1.39 -4.78
CA GLU A 49 -13.49 -1.31 -3.84
C GLU A 49 -13.42 -2.44 -2.82
N GLY A 50 -13.26 -3.66 -3.31
CA GLY A 50 -13.18 -4.80 -2.42
C GLY A 50 -11.99 -4.73 -1.48
N LEU A 51 -10.80 -4.57 -2.04
CA LEU A 51 -9.59 -4.49 -1.23
C LEU A 51 -9.72 -3.41 -0.15
N LYS A 52 -10.19 -2.23 -0.55
CA LYS A 52 -10.37 -1.13 0.37
C LYS A 52 -10.94 -1.61 1.70
N LYS A 53 -12.05 -2.33 1.64
CA LYS A 53 -12.70 -2.85 2.84
C LYS A 53 -11.74 -3.76 3.60
N HIS A 54 -10.90 -4.49 2.87
CA HIS A 54 -9.94 -5.39 3.49
C HIS A 54 -8.84 -4.62 4.20
N MET A 55 -8.24 -3.67 3.49
CA MET A 55 -7.17 -2.85 4.07
C MET A 55 -7.73 -1.85 5.07
N GLU A 56 -9.01 -1.56 4.95
CA GLU A 56 -9.67 -0.61 5.85
C GLU A 56 -9.44 -0.99 7.31
N ASN A 57 -9.01 -2.24 7.53
CA ASN A 57 -8.76 -2.74 8.87
C ASN A 57 -7.41 -3.45 8.94
N CYS A 58 -7.05 -4.14 7.86
CA CYS A 58 -5.79 -4.86 7.80
C CYS A 58 -4.60 -3.88 7.76
N LYS A 59 -4.71 -2.87 6.91
CA LYS A 59 -3.65 -1.87 6.77
C LYS A 59 -3.12 -1.46 8.14
N GLN A 60 -1.83 -1.67 8.36
CA GLN A 60 -1.20 -1.32 9.63
C GLN A 60 -0.71 0.12 9.60
N GLU A 61 -0.71 0.76 10.77
CA GLU A 61 -0.28 2.15 10.89
C GLU A 61 1.23 2.26 10.64
N MET A 62 1.63 3.30 9.91
CA MET A 62 3.03 3.53 9.61
C MET A 62 3.38 5.01 9.71
N PHE A 63 4.66 5.32 9.51
CA PHE A 63 5.13 6.70 9.59
C PHE A 63 5.96 7.06 8.35
N THR A 64 6.15 8.36 8.14
CA THR A 64 6.92 8.83 7.00
C THR A 64 7.33 10.29 7.18
N CYS A 65 8.63 10.52 7.25
CA CYS A 65 9.15 11.88 7.42
C CYS A 65 8.72 12.78 6.27
N HIS A 66 8.78 14.09 6.50
CA HIS A 66 8.39 15.06 5.48
C HIS A 66 9.63 15.72 4.86
N HIS A 67 10.63 15.98 5.70
CA HIS A 67 11.86 16.61 5.24
C HIS A 67 12.47 15.82 4.08
N CYS A 68 12.86 14.58 4.35
CA CYS A 68 13.45 13.72 3.34
C CYS A 68 12.42 12.76 2.75
N GLY A 69 11.66 12.12 3.64
CA GLY A 69 10.64 11.17 3.19
C GLY A 69 11.03 9.73 3.47
N LYS A 70 11.70 9.50 4.60
CA LYS A 70 12.12 8.16 4.97
C LYS A 70 10.96 7.36 5.54
N GLN A 71 11.03 6.04 5.37
CA GLN A 71 9.98 5.15 5.87
C GLN A 71 10.56 4.07 6.76
N LEU A 72 10.39 4.23 8.07
CA LEU A 72 10.91 3.25 9.03
C LEU A 72 9.77 2.61 9.83
N ARG A 73 9.95 1.36 10.20
CA ARG A 73 8.94 0.63 10.97
C ARG A 73 8.78 1.24 12.36
N SER A 74 9.88 1.32 13.09
CA SER A 74 9.86 1.87 14.44
C SER A 74 9.89 3.39 14.41
N LEU A 75 9.47 4.01 15.51
CA LEU A 75 9.44 5.46 15.60
C LEU A 75 10.77 5.99 16.12
N ALA A 76 11.23 5.46 17.25
CA ALA A 76 12.48 5.87 17.84
C ALA A 76 13.57 6.03 16.78
N GLY A 77 13.84 4.94 16.06
CA GLY A 77 14.85 4.97 15.02
C GLY A 77 14.65 6.12 14.05
N MET A 78 13.41 6.33 13.62
CA MET A 78 13.10 7.41 12.69
C MET A 78 13.29 8.77 13.35
N LYS A 79 12.47 9.06 14.36
CA LYS A 79 12.56 10.33 15.07
C LYS A 79 14.01 10.77 15.24
N TYR A 80 14.91 9.80 15.26
CA TYR A 80 16.34 10.09 15.42
C TYR A 80 16.96 10.49 14.09
N HIS A 81 16.60 9.76 13.02
CA HIS A 81 17.12 10.05 11.69
C HIS A 81 16.99 11.53 11.36
N VAL A 82 16.03 12.18 12.00
CA VAL A 82 15.80 13.61 11.77
C VAL A 82 16.86 14.46 12.47
N MET A 83 17.19 14.08 13.70
CA MET A 83 18.19 14.81 14.47
C MET A 83 19.61 14.39 14.06
N ALA A 84 19.70 13.71 12.92
CA ALA A 84 21.00 13.26 12.42
C ALA A 84 21.31 13.91 11.07
N ASN A 85 20.41 13.74 10.11
CA ASN A 85 20.59 14.31 8.78
C ASN A 85 20.12 15.76 8.73
N HIS A 86 18.98 16.02 9.36
CA HIS A 86 18.41 17.37 9.40
C HIS A 86 19.00 18.18 10.55
N ASN A 87 19.04 17.58 11.74
CA ASN A 87 19.58 18.24 12.92
C ASN A 87 19.29 19.74 12.87
N SER A 88 18.13 20.10 12.34
CA SER A 88 17.73 21.50 12.25
C SER A 88 16.62 21.82 13.24
N LEU A 89 16.94 22.68 14.21
CA LEU A 89 15.98 23.07 15.23
C LEU A 89 15.47 24.48 14.98
N PRO A 90 14.14 24.65 15.04
CA PRO A 90 13.49 25.95 14.82
C PRO A 90 13.76 26.92 15.97
N SER A 91 13.86 28.21 15.64
CA SER A 91 14.12 29.23 16.65
C SER A 91 13.06 29.19 17.74
N GLY A 92 13.41 28.56 18.86
CA GLY A 92 12.48 28.46 19.98
C GLY A 92 12.88 27.38 20.96
N PRO A 93 13.00 27.75 22.25
CA PRO A 93 13.38 26.82 23.31
C PRO A 93 12.28 25.81 23.61
N SER A 94 11.04 26.18 23.32
CA SER A 94 9.90 25.30 23.56
C SER A 94 9.42 24.66 22.26
N SER A 95 9.36 23.33 22.25
CA SER A 95 8.93 22.60 21.08
C SER A 95 7.72 21.71 21.41
N GLY A 96 6.53 22.23 21.13
CA GLY A 96 5.32 21.48 21.40
C GLY A 96 4.86 21.62 22.83
ZN ZN B . -4.09 -7.48 4.14
ZN ZN C . 13.76 12.84 7.33
N GLY A 1 -23.74 24.34 -54.81
CA GLY A 1 -22.85 24.47 -53.67
C GLY A 1 -23.38 23.75 -52.44
N SER A 2 -22.47 23.29 -51.59
CA SER A 2 -22.85 22.57 -50.38
C SER A 2 -21.63 22.29 -49.51
N SER A 3 -21.83 22.31 -48.19
CA SER A 3 -20.75 22.07 -47.25
C SER A 3 -21.30 21.69 -45.87
N GLY A 4 -20.41 21.24 -45.00
CA GLY A 4 -20.82 20.84 -43.66
C GLY A 4 -19.64 20.60 -42.73
N SER A 5 -19.93 20.43 -41.45
CA SER A 5 -18.89 20.19 -40.46
C SER A 5 -19.49 19.79 -39.11
N SER A 6 -18.69 19.16 -38.27
CA SER A 6 -19.14 18.73 -36.96
C SER A 6 -17.98 18.16 -36.14
N GLY A 7 -18.22 17.95 -34.85
CA GLY A 7 -17.19 17.42 -33.98
C GLY A 7 -17.35 17.88 -32.54
N ARG A 8 -17.36 16.93 -31.61
CA ARG A 8 -17.51 17.24 -30.20
C ARG A 8 -16.35 16.68 -29.39
N ILE A 9 -15.53 17.58 -28.84
CA ILE A 9 -14.38 17.17 -28.05
C ILE A 9 -14.80 16.80 -26.63
N ARG A 10 -14.37 15.63 -26.17
CA ARG A 10 -14.70 15.16 -24.83
C ARG A 10 -13.58 14.30 -24.27
N LYS A 11 -12.94 14.76 -23.21
CA LYS A 11 -11.85 14.03 -22.58
C LYS A 11 -11.59 14.54 -21.17
N GLU A 12 -11.96 13.73 -20.18
CA GLU A 12 -11.77 14.11 -18.79
C GLU A 12 -11.15 12.96 -17.99
N PRO A 13 -10.42 13.29 -16.91
CA PRO A 13 -9.76 12.31 -16.05
C PRO A 13 -10.77 11.50 -15.24
N PRO A 14 -10.47 10.20 -15.06
CA PRO A 14 -11.33 9.29 -14.30
C PRO A 14 -11.33 9.60 -12.81
N VAL A 15 -12.00 8.76 -12.02
CA VAL A 15 -12.07 8.95 -10.58
C VAL A 15 -10.69 8.86 -9.95
N TYR A 16 -9.83 8.05 -10.53
CA TYR A 16 -8.46 7.87 -10.01
C TYR A 16 -7.69 9.17 -10.11
N ALA A 17 -6.89 9.46 -9.07
CA ALA A 17 -6.09 10.67 -9.04
C ALA A 17 -4.84 10.53 -9.90
N ALA A 18 -4.11 11.63 -10.07
CA ALA A 18 -2.89 11.61 -10.87
C ALA A 18 -1.66 11.39 -10.00
N GLY A 19 -1.45 10.14 -9.62
CA GLY A 19 -0.30 9.81 -8.79
C GLY A 19 -0.71 9.31 -7.41
N SER A 20 -1.68 8.41 -7.37
CA SER A 20 -2.16 7.87 -6.11
C SER A 20 -2.17 6.34 -6.14
N LEU A 21 -2.56 5.72 -5.03
CA LEU A 21 -2.61 4.27 -4.93
C LEU A 21 -3.71 3.71 -5.82
N GLU A 22 -4.87 4.36 -5.80
CA GLU A 22 -6.01 3.92 -6.60
C GLU A 22 -5.56 3.50 -8.00
N GLU A 23 -4.88 4.41 -8.70
CA GLU A 23 -4.41 4.14 -10.05
C GLU A 23 -3.56 2.87 -10.07
N GLN A 24 -2.56 2.81 -9.20
CA GLN A 24 -1.68 1.65 -9.12
C GLN A 24 -2.48 0.36 -9.10
N TRP A 25 -3.22 0.15 -8.01
CA TRP A 25 -4.04 -1.05 -7.85
C TRP A 25 -4.82 -1.33 -9.13
N TYR A 26 -5.56 -0.34 -9.60
CA TYR A 26 -6.37 -0.48 -10.80
C TYR A 26 -5.61 -1.25 -11.88
N LEU A 27 -4.36 -0.87 -12.11
CA LEU A 27 -3.52 -1.52 -13.10
C LEU A 27 -3.39 -3.02 -12.81
N GLU A 28 -2.97 -3.34 -11.59
CA GLU A 28 -2.80 -4.73 -11.18
C GLU A 28 -4.01 -5.56 -11.60
N ILE A 29 -5.16 -4.90 -11.77
CA ILE A 29 -6.38 -5.58 -12.15
C ILE A 29 -6.53 -5.61 -13.68
N VAL A 30 -6.43 -4.44 -14.29
CA VAL A 30 -6.55 -4.33 -15.74
C VAL A 30 -5.44 -5.10 -16.45
N ASP A 31 -4.42 -5.48 -15.69
CA ASP A 31 -3.29 -6.22 -16.24
C ASP A 31 -3.41 -7.71 -15.90
N LYS A 32 -3.79 -8.00 -14.66
CA LYS A 32 -3.93 -9.38 -14.20
C LYS A 32 -5.41 -9.74 -14.04
N GLY A 33 -6.16 -8.87 -13.38
CA GLY A 33 -7.57 -9.12 -13.16
C GLY A 33 -8.01 -8.79 -11.76
N SER A 34 -7.06 -8.71 -10.83
CA SER A 34 -7.35 -8.40 -9.45
C SER A 34 -6.15 -7.78 -8.75
N VAL A 35 -6.36 -7.29 -7.53
CA VAL A 35 -5.28 -6.67 -6.76
C VAL A 35 -5.07 -7.39 -5.43
N SER A 36 -3.81 -7.50 -5.04
CA SER A 36 -3.47 -8.18 -3.78
C SER A 36 -3.31 -7.17 -2.65
N CYS A 37 -3.31 -7.67 -1.41
CA CYS A 37 -3.17 -6.81 -0.24
C CYS A 37 -1.74 -6.30 -0.11
N PRO A 38 -1.56 -4.98 -0.30
CA PRO A 38 -0.25 -4.35 -0.20
C PRO A 38 0.28 -4.31 1.22
N THR A 39 -0.51 -4.83 2.15
CA THR A 39 -0.12 -4.85 3.56
C THR A 39 0.32 -6.26 3.98
N CYS A 40 -0.58 -7.22 3.83
CA CYS A 40 -0.28 -8.61 4.18
C CYS A 40 0.16 -9.40 2.97
N GLN A 41 -0.35 -9.03 1.80
CA GLN A 41 0.00 -9.70 0.56
C GLN A 41 -0.37 -11.18 0.63
N ALA A 42 -1.56 -11.46 1.12
CA ALA A 42 -2.05 -12.84 1.24
C ALA A 42 -3.30 -13.05 0.39
N VAL A 43 -4.20 -12.09 0.42
CA VAL A 43 -5.44 -12.17 -0.34
C VAL A 43 -5.71 -10.88 -1.11
N GLY A 44 -6.41 -11.01 -2.23
CA GLY A 44 -6.73 -9.84 -3.03
C GLY A 44 -8.21 -9.68 -3.28
N ARG A 45 -8.58 -8.72 -4.12
CA ARG A 45 -9.98 -8.47 -4.44
C ARG A 45 -10.16 -8.20 -5.93
N LYS A 46 -11.32 -8.55 -6.45
CA LYS A 46 -11.62 -8.35 -7.86
C LYS A 46 -11.35 -6.91 -8.27
N THR A 47 -11.88 -5.97 -7.51
CA THR A 47 -11.68 -4.55 -7.80
C THR A 47 -11.13 -3.81 -6.58
N ILE A 48 -10.78 -2.55 -6.78
CA ILE A 48 -10.25 -1.73 -5.69
C ILE A 48 -11.24 -1.63 -4.53
N GLU A 49 -12.48 -1.25 -4.86
CA GLU A 49 -13.52 -1.11 -3.86
C GLU A 49 -13.40 -2.20 -2.80
N GLY A 50 -13.35 -3.45 -3.25
CA GLY A 50 -13.24 -4.57 -2.33
C GLY A 50 -11.99 -4.50 -1.48
N LEU A 51 -10.84 -4.40 -2.12
CA LEU A 51 -9.56 -4.32 -1.41
C LEU A 51 -9.61 -3.25 -0.33
N LYS A 52 -10.01 -2.04 -0.73
CA LYS A 52 -10.10 -0.93 0.21
C LYS A 52 -10.68 -1.38 1.55
N LYS A 53 -11.79 -2.11 1.48
CA LYS A 53 -12.45 -2.61 2.68
C LYS A 53 -11.57 -3.63 3.39
N HIS A 54 -10.79 -4.37 2.63
CA HIS A 54 -9.90 -5.39 3.19
C HIS A 54 -8.74 -4.74 3.93
N MET A 55 -8.01 -3.88 3.22
CA MET A 55 -6.86 -3.19 3.81
C MET A 55 -7.31 -2.19 4.88
N GLU A 56 -8.40 -1.48 4.59
CA GLU A 56 -8.93 -0.49 5.52
C GLU A 56 -8.72 -0.93 6.95
N ASN A 57 -8.90 -2.22 7.21
CA ASN A 57 -8.74 -2.78 8.55
C ASN A 57 -7.53 -3.71 8.61
N CYS A 58 -7.01 -4.08 7.44
CA CYS A 58 -5.86 -4.96 7.35
C CYS A 58 -4.61 -4.19 6.94
N LYS A 59 -4.62 -2.88 7.19
CA LYS A 59 -3.49 -2.03 6.84
C LYS A 59 -2.50 -1.94 8.00
N GLN A 60 -2.32 -3.06 8.69
CA GLN A 60 -1.40 -3.11 9.83
C GLN A 60 -0.69 -4.46 9.88
N GLU A 61 0.14 -4.64 10.91
CA GLU A 61 0.89 -5.88 11.09
C GLU A 61 0.52 -6.55 12.40
N MET A 62 0.34 -7.87 12.37
CA MET A 62 0.00 -8.63 13.56
C MET A 62 0.52 -10.05 13.47
N PHE A 63 0.29 -10.84 14.51
CA PHE A 63 0.74 -12.22 14.55
C PHE A 63 -0.37 -13.15 15.04
N THR A 64 -0.11 -14.45 15.01
CA THR A 64 -1.09 -15.44 15.46
C THR A 64 -0.40 -16.72 15.90
N CYS A 65 -0.65 -17.11 17.15
CA CYS A 65 -0.05 -18.32 17.71
C CYS A 65 -0.46 -19.55 16.90
N HIS A 66 0.29 -20.63 17.07
CA HIS A 66 0.01 -21.87 16.34
C HIS A 66 -0.64 -22.89 17.27
N HIS A 67 -0.19 -22.94 18.52
CA HIS A 67 -0.73 -23.87 19.49
C HIS A 67 -2.23 -23.65 19.69
N CYS A 68 -2.58 -22.49 20.24
CA CYS A 68 -3.97 -22.14 20.49
C CYS A 68 -4.56 -21.36 19.32
N GLY A 69 -3.82 -20.35 18.87
CA GLY A 69 -4.27 -19.53 17.75
C GLY A 69 -4.64 -18.12 18.19
N LYS A 70 -4.03 -17.65 19.27
CA LYS A 70 -4.30 -16.32 19.78
C LYS A 70 -3.87 -15.25 18.77
N GLN A 71 -4.51 -14.09 18.85
CA GLN A 71 -4.20 -12.99 17.94
C GLN A 71 -4.08 -11.67 18.70
N LEU A 72 -2.84 -11.24 18.95
CA LEU A 72 -2.60 -10.00 19.66
C LEU A 72 -1.77 -9.04 18.81
N ARG A 73 -1.93 -7.75 19.07
CA ARG A 73 -1.20 -6.72 18.33
C ARG A 73 0.24 -6.62 18.81
N SER A 74 0.41 -6.56 20.14
CA SER A 74 1.74 -6.44 20.73
C SER A 74 2.36 -7.83 20.90
N LEU A 75 3.51 -8.03 20.28
CA LEU A 75 4.22 -9.31 20.37
C LEU A 75 4.50 -9.67 21.82
N ALA A 76 4.98 -8.70 22.58
CA ALA A 76 5.30 -8.93 23.99
C ALA A 76 4.16 -9.67 24.69
N GLY A 77 3.01 -9.02 24.81
CA GLY A 77 1.87 -9.63 25.46
C GLY A 77 1.64 -11.06 25.01
N MET A 78 1.71 -11.28 23.70
CA MET A 78 1.51 -12.62 23.14
C MET A 78 2.55 -13.59 23.69
N LYS A 79 3.81 -13.30 23.44
CA LYS A 79 4.90 -14.15 23.91
C LYS A 79 4.65 -14.62 25.34
N TYR A 80 3.89 -13.82 26.09
CA TYR A 80 3.58 -14.15 27.48
C TYR A 80 2.43 -15.15 27.55
N HIS A 81 1.44 -14.97 26.67
CA HIS A 81 0.29 -15.85 26.65
C HIS A 81 0.72 -17.31 26.59
N VAL A 82 1.82 -17.58 25.91
CA VAL A 82 2.35 -18.93 25.78
C VAL A 82 2.89 -19.44 27.12
N MET A 83 3.64 -18.60 27.80
CA MET A 83 4.22 -18.96 29.09
C MET A 83 3.13 -19.41 30.07
N ALA A 84 1.89 -19.03 29.78
CA ALA A 84 0.76 -19.40 30.63
C ALA A 84 -0.10 -20.47 29.96
N ASN A 85 -0.76 -20.10 28.86
CA ASN A 85 -1.62 -21.03 28.14
C ASN A 85 -0.85 -22.31 27.78
N HIS A 86 0.46 -22.18 27.64
CA HIS A 86 1.30 -23.33 27.30
C HIS A 86 2.55 -23.37 28.18
N ASN A 87 3.45 -24.29 27.88
CA ASN A 87 4.69 -24.43 28.64
C ASN A 87 4.45 -24.12 30.11
N SER A 88 3.40 -24.71 30.68
CA SER A 88 3.08 -24.49 32.08
C SER A 88 1.99 -25.47 32.53
N LEU A 89 2.11 -25.95 33.77
CA LEU A 89 1.15 -26.89 34.33
C LEU A 89 0.16 -26.17 35.23
N PRO A 90 -1.15 -26.39 34.97
CA PRO A 90 -2.23 -25.78 35.75
C PRO A 90 -2.32 -26.34 37.16
N SER A 91 -2.78 -25.51 38.10
CA SER A 91 -2.90 -25.92 39.49
C SER A 91 -4.01 -26.97 39.65
N GLY A 92 -4.13 -27.51 40.86
CA GLY A 92 -5.15 -28.51 41.11
C GLY A 92 -6.10 -28.10 42.21
N PRO A 93 -7.38 -27.88 41.85
CA PRO A 93 -8.41 -27.48 42.81
C PRO A 93 -8.77 -28.59 43.78
N SER A 94 -8.08 -29.73 43.66
CA SER A 94 -8.33 -30.87 44.53
C SER A 94 -8.07 -30.51 45.99
N SER A 95 -9.00 -29.77 46.59
CA SER A 95 -8.87 -29.35 47.99
C SER A 95 -10.03 -29.86 48.81
N GLY A 96 -9.80 -30.04 50.11
CA GLY A 96 -10.85 -30.53 50.99
C GLY A 96 -11.79 -29.42 51.43
ZN ZN B . -4.61 -8.09 4.05
ZN ZN C . -0.92 -19.87 22.07
N GLY A 1 -19.06 8.81 -49.27
CA GLY A 1 -18.85 8.59 -47.85
C GLY A 1 -18.49 9.86 -47.12
N SER A 2 -19.37 10.32 -46.24
CA SER A 2 -19.14 11.53 -45.48
C SER A 2 -19.03 11.22 -43.98
N SER A 3 -18.55 12.19 -43.22
CA SER A 3 -18.40 12.02 -41.78
C SER A 3 -18.20 13.37 -41.09
N GLY A 4 -18.25 13.36 -39.76
CA GLY A 4 -18.07 14.60 -39.01
C GLY A 4 -17.17 14.41 -37.81
N SER A 5 -17.35 15.24 -36.79
CA SER A 5 -16.55 15.17 -35.59
C SER A 5 -17.40 15.30 -34.33
N SER A 6 -17.04 14.57 -33.29
CA SER A 6 -17.79 14.60 -32.04
C SER A 6 -16.90 14.16 -30.87
N GLY A 7 -17.21 14.67 -29.68
CA GLY A 7 -16.45 14.31 -28.51
C GLY A 7 -16.14 15.51 -27.62
N ARG A 8 -17.07 15.83 -26.71
CA ARG A 8 -16.89 16.96 -25.81
C ARG A 8 -16.43 16.49 -24.44
N ILE A 9 -15.19 16.81 -24.10
CA ILE A 9 -14.63 16.43 -22.81
C ILE A 9 -14.12 17.64 -22.05
N ARG A 10 -14.19 17.58 -20.72
CA ARG A 10 -13.74 18.68 -19.88
C ARG A 10 -12.56 18.24 -19.02
N LYS A 11 -11.55 17.66 -19.66
CA LYS A 11 -10.36 17.20 -18.96
C LYS A 11 -10.71 16.69 -17.57
N GLU A 12 -11.86 16.02 -17.46
CA GLU A 12 -12.31 15.48 -16.18
C GLU A 12 -11.50 14.24 -15.80
N PRO A 13 -10.85 14.30 -14.62
CA PRO A 13 -10.04 13.20 -14.11
C PRO A 13 -10.88 11.98 -13.71
N PRO A 14 -10.28 10.79 -13.78
CA PRO A 14 -10.97 9.54 -13.42
C PRO A 14 -11.23 9.44 -11.92
N VAL A 15 -11.77 8.29 -11.50
CA VAL A 15 -12.07 8.06 -10.09
C VAL A 15 -10.84 8.29 -9.23
N TYR A 16 -9.70 7.76 -9.67
CA TYR A 16 -8.46 7.90 -8.93
C TYR A 16 -7.70 9.15 -9.37
N ALA A 17 -6.74 9.57 -8.56
CA ALA A 17 -5.94 10.75 -8.86
C ALA A 17 -4.85 10.43 -9.89
N ALA A 18 -4.19 11.47 -10.37
CA ALA A 18 -3.13 11.30 -11.36
C ALA A 18 -1.81 10.94 -10.69
N GLY A 19 -1.86 9.98 -9.78
CA GLY A 19 -0.66 9.55 -9.07
C GLY A 19 -0.96 9.04 -7.68
N SER A 20 -2.05 8.29 -7.54
CA SER A 20 -2.45 7.75 -6.25
C SER A 20 -2.41 6.23 -6.27
N LEU A 21 -2.14 5.63 -5.11
CA LEU A 21 -2.09 4.18 -5.00
C LEU A 21 -3.22 3.53 -5.80
N GLU A 22 -4.37 4.18 -5.82
CA GLU A 22 -5.53 3.67 -6.55
C GLU A 22 -5.15 3.32 -7.98
N GLU A 23 -4.71 4.32 -8.73
CA GLU A 23 -4.32 4.12 -10.13
C GLU A 23 -3.48 2.85 -10.27
N GLN A 24 -2.46 2.72 -9.44
CA GLN A 24 -1.58 1.56 -9.48
C GLN A 24 -2.38 0.26 -9.34
N TRP A 25 -3.04 0.10 -8.19
CA TRP A 25 -3.85 -1.09 -7.94
C TRP A 25 -4.72 -1.42 -9.15
N TYR A 26 -5.34 -0.40 -9.72
CA TYR A 26 -6.21 -0.60 -10.89
C TYR A 26 -5.49 -1.39 -11.97
N LEU A 27 -4.32 -0.93 -12.36
CA LEU A 27 -3.54 -1.61 -13.40
C LEU A 27 -3.44 -3.10 -13.11
N GLU A 28 -2.93 -3.43 -11.94
CA GLU A 28 -2.78 -4.83 -11.54
C GLU A 28 -4.00 -5.65 -11.95
N ILE A 29 -5.16 -5.00 -11.97
CA ILE A 29 -6.40 -5.66 -12.34
C ILE A 29 -6.57 -5.70 -13.86
N VAL A 30 -6.54 -4.52 -14.48
CA VAL A 30 -6.68 -4.42 -15.92
C VAL A 30 -5.62 -5.24 -16.64
N ASP A 31 -4.57 -5.60 -15.93
CA ASP A 31 -3.49 -6.39 -16.49
C ASP A 31 -3.66 -7.87 -16.16
N LYS A 32 -3.71 -8.18 -14.87
CA LYS A 32 -3.87 -9.57 -14.43
C LYS A 32 -5.35 -9.91 -14.25
N GLY A 33 -6.07 -9.05 -13.52
CA GLY A 33 -7.48 -9.28 -13.29
C GLY A 33 -7.89 -8.99 -11.87
N SER A 34 -6.91 -8.91 -10.98
CA SER A 34 -7.17 -8.63 -9.57
C SER A 34 -5.99 -7.93 -8.92
N VAL A 35 -6.20 -7.42 -7.71
CA VAL A 35 -5.15 -6.71 -6.98
C VAL A 35 -4.88 -7.38 -5.63
N SER A 36 -3.61 -7.36 -5.22
CA SER A 36 -3.22 -7.96 -3.96
C SER A 36 -3.22 -6.93 -2.83
N CYS A 37 -3.15 -7.41 -1.59
CA CYS A 37 -3.15 -6.53 -0.43
C CYS A 37 -1.73 -6.05 -0.13
N PRO A 38 -1.54 -4.72 -0.19
CA PRO A 38 -0.25 -4.09 0.08
C PRO A 38 0.15 -4.19 1.55
N THR A 39 -0.77 -4.67 2.38
CA THR A 39 -0.52 -4.82 3.81
C THR A 39 -0.06 -6.22 4.16
N CYS A 40 -0.96 -7.19 3.95
CA CYS A 40 -0.65 -8.59 4.24
C CYS A 40 -0.01 -9.26 3.03
N GLN A 41 -0.41 -8.84 1.84
CA GLN A 41 0.12 -9.42 0.61
C GLN A 41 -0.09 -10.92 0.56
N ALA A 42 -1.27 -11.36 1.01
CA ALA A 42 -1.60 -12.77 1.02
C ALA A 42 -2.78 -13.06 0.08
N VAL A 43 -3.78 -12.19 0.11
CA VAL A 43 -4.95 -12.35 -0.75
C VAL A 43 -5.28 -11.06 -1.48
N GLY A 44 -6.26 -11.13 -2.38
CA GLY A 44 -6.66 -9.95 -3.12
C GLY A 44 -8.12 -9.98 -3.52
N ARG A 45 -8.57 -8.93 -4.21
CA ARG A 45 -9.96 -8.83 -4.64
C ARG A 45 -10.05 -8.49 -6.12
N LYS A 46 -11.25 -8.58 -6.68
CA LYS A 46 -11.48 -8.27 -8.08
C LYS A 46 -11.11 -6.82 -8.40
N THR A 47 -11.66 -5.90 -7.61
CA THR A 47 -11.38 -4.48 -7.80
C THR A 47 -10.77 -3.87 -6.55
N ILE A 48 -10.56 -2.56 -6.58
CA ILE A 48 -9.98 -1.85 -5.45
C ILE A 48 -11.02 -1.60 -4.36
N GLU A 49 -12.15 -1.04 -4.76
CA GLU A 49 -13.23 -0.75 -3.81
C GLU A 49 -13.33 -1.83 -2.75
N GLY A 50 -13.43 -3.08 -3.19
CA GLY A 50 -13.54 -4.20 -2.26
C GLY A 50 -12.31 -4.33 -1.39
N LEU A 51 -11.14 -4.10 -1.96
CA LEU A 51 -9.88 -4.20 -1.23
C LEU A 51 -9.84 -3.17 -0.10
N LYS A 52 -10.09 -1.92 -0.44
CA LYS A 52 -10.09 -0.83 0.54
C LYS A 52 -10.75 -1.29 1.84
N LYS A 53 -11.92 -1.92 1.73
CA LYS A 53 -12.65 -2.39 2.89
C LYS A 53 -11.85 -3.44 3.65
N HIS A 54 -11.06 -4.23 2.91
CA HIS A 54 -10.23 -5.27 3.51
C HIS A 54 -9.06 -4.66 4.27
N MET A 55 -8.28 -3.85 3.59
CA MET A 55 -7.12 -3.20 4.20
C MET A 55 -7.55 -2.27 5.33
N GLU A 56 -8.79 -1.78 5.25
CA GLU A 56 -9.32 -0.89 6.27
C GLU A 56 -9.11 -1.46 7.67
N ASN A 57 -9.46 -2.74 7.83
CA ASN A 57 -9.31 -3.40 9.12
C ASN A 57 -8.05 -4.27 9.13
N CYS A 58 -7.75 -4.89 8.01
CA CYS A 58 -6.57 -5.75 7.89
C CYS A 58 -5.31 -4.98 8.22
N LYS A 59 -5.20 -3.76 7.70
CA LYS A 59 -4.04 -2.92 7.94
C LYS A 59 -3.60 -3.00 9.41
N GLN A 60 -2.45 -3.60 9.63
CA GLN A 60 -1.91 -3.75 10.99
C GLN A 60 -1.05 -2.55 11.36
N GLU A 61 -0.46 -2.61 12.55
CA GLU A 61 0.38 -1.51 13.03
C GLU A 61 1.84 -1.97 13.15
N MET A 62 2.68 -1.09 13.68
CA MET A 62 4.10 -1.40 13.85
C MET A 62 4.29 -2.61 14.77
N PHE A 63 5.50 -3.14 14.80
CA PHE A 63 5.81 -4.30 15.63
C PHE A 63 7.23 -4.21 16.18
N THR A 64 7.63 -5.21 16.95
CA THR A 64 8.96 -5.24 17.55
C THR A 64 9.29 -6.64 18.07
N CYS A 65 10.32 -7.25 17.49
CA CYS A 65 10.75 -8.58 17.90
C CYS A 65 11.06 -8.62 19.39
N HIS A 66 11.09 -9.83 19.95
CA HIS A 66 11.37 -10.00 21.37
C HIS A 66 12.75 -10.63 21.57
N HIS A 67 13.13 -11.52 20.66
CA HIS A 67 14.41 -12.20 20.73
C HIS A 67 15.56 -11.20 20.68
N CYS A 68 15.50 -10.29 19.71
CA CYS A 68 16.53 -9.28 19.55
C CYS A 68 15.99 -7.88 19.83
N GLY A 69 14.80 -7.60 19.30
CA GLY A 69 14.18 -6.30 19.51
C GLY A 69 14.20 -5.45 18.26
N LYS A 70 14.20 -6.10 17.10
CA LYS A 70 14.21 -5.39 15.82
C LYS A 70 12.94 -4.58 15.64
N GLN A 71 13.02 -3.51 14.86
CA GLN A 71 11.87 -2.65 14.61
C GLN A 71 11.75 -2.33 13.12
N LEU A 72 10.83 -3.00 12.44
CA LEU A 72 10.62 -2.78 11.02
C LEU A 72 9.19 -2.32 10.74
N ARG A 73 8.95 -1.84 9.52
CA ARG A 73 7.62 -1.37 9.13
C ARG A 73 6.78 -2.51 8.57
N SER A 74 7.33 -3.21 7.57
CA SER A 74 6.63 -4.31 6.93
C SER A 74 6.86 -5.61 7.71
N LEU A 75 5.77 -6.30 8.04
CA LEU A 75 5.84 -7.55 8.77
C LEU A 75 6.76 -8.54 8.07
N ALA A 76 6.44 -8.85 6.82
CA ALA A 76 7.25 -9.77 6.03
C ALA A 76 8.74 -9.59 6.30
N GLY A 77 9.24 -8.40 6.01
CA GLY A 77 10.64 -8.11 6.22
C GLY A 77 11.13 -8.58 7.59
N MET A 78 10.32 -8.36 8.61
CA MET A 78 10.66 -8.77 9.97
C MET A 78 10.61 -10.28 10.11
N LYS A 79 9.42 -10.84 9.90
CA LYS A 79 9.23 -12.29 10.01
C LYS A 79 10.40 -13.04 9.39
N TYR A 80 11.06 -12.41 8.42
CA TYR A 80 12.19 -13.02 7.74
C TYR A 80 13.46 -12.87 8.57
N HIS A 81 13.61 -11.73 9.23
CA HIS A 81 14.77 -11.46 10.06
C HIS A 81 14.99 -12.58 11.08
N VAL A 82 13.89 -13.10 11.61
CA VAL A 82 13.96 -14.18 12.59
C VAL A 82 14.55 -15.44 11.98
N MET A 83 14.06 -15.81 10.80
CA MET A 83 14.54 -17.00 10.10
C MET A 83 15.95 -16.78 9.57
N ALA A 84 16.42 -15.54 9.63
CA ALA A 84 17.76 -15.19 9.16
C ALA A 84 18.77 -15.22 10.31
N ASN A 85 18.52 -14.40 11.33
CA ASN A 85 19.41 -14.33 12.48
C ASN A 85 19.08 -15.43 13.49
N HIS A 86 17.82 -15.48 13.91
CA HIS A 86 17.37 -16.48 14.88
C HIS A 86 17.06 -17.80 14.18
N ASN A 87 18.03 -18.31 13.43
CA ASN A 87 17.85 -19.58 12.71
C ASN A 87 18.12 -20.77 13.62
N SER A 88 17.08 -21.53 13.94
CA SER A 88 17.21 -22.69 14.81
C SER A 88 17.76 -23.88 14.04
N LEU A 89 19.00 -24.25 14.34
CA LEU A 89 19.65 -25.38 13.68
C LEU A 89 20.31 -26.31 14.69
N PRO A 90 20.00 -27.61 14.60
CA PRO A 90 20.55 -28.63 15.50
C PRO A 90 22.04 -28.87 15.25
N SER A 91 22.39 -29.10 13.99
CA SER A 91 23.78 -29.34 13.63
C SER A 91 24.12 -28.72 12.28
N GLY A 92 25.36 -28.30 12.12
CA GLY A 92 25.78 -27.69 10.87
C GLY A 92 27.15 -27.02 10.98
N PRO A 93 28.19 -27.72 10.54
CA PRO A 93 29.57 -27.21 10.58
C PRO A 93 29.79 -26.06 9.59
N SER A 94 28.72 -25.66 8.91
CA SER A 94 28.80 -24.58 7.93
C SER A 94 29.42 -23.34 8.56
N SER A 95 30.53 -22.88 7.97
CA SER A 95 31.22 -21.70 8.47
C SER A 95 30.84 -20.47 7.66
N GLY A 96 31.13 -19.29 8.21
CA GLY A 96 30.80 -18.05 7.53
C GLY A 96 31.41 -16.84 8.22
ZN ZN B . -4.77 -7.71 3.84
ZN ZN C . 14.59 -10.72 16.23
N GLY A 1 -15.04 33.05 -31.79
CA GLY A 1 -15.97 33.55 -30.79
C GLY A 1 -16.35 32.50 -29.77
N SER A 2 -15.36 31.99 -29.05
CA SER A 2 -15.60 30.95 -28.04
C SER A 2 -15.06 31.39 -26.68
N SER A 3 -15.97 31.63 -25.75
CA SER A 3 -15.59 32.07 -24.40
C SER A 3 -15.20 30.87 -23.55
N GLY A 4 -13.89 30.69 -23.34
CA GLY A 4 -13.41 29.59 -22.54
C GLY A 4 -12.34 28.78 -23.25
N SER A 5 -11.63 27.95 -22.50
CA SER A 5 -10.58 27.11 -23.06
C SER A 5 -11.07 26.38 -24.31
N SER A 6 -10.28 26.46 -25.38
CA SER A 6 -10.64 25.83 -26.64
C SER A 6 -9.91 24.49 -26.80
N GLY A 7 -10.44 23.46 -26.15
CA GLY A 7 -9.83 22.15 -26.23
C GLY A 7 -10.78 21.03 -25.84
N ARG A 8 -10.83 19.98 -26.66
CA ARG A 8 -11.71 18.85 -26.38
C ARG A 8 -10.99 17.80 -25.54
N ILE A 9 -11.78 16.92 -24.92
CA ILE A 9 -11.22 15.86 -24.09
C ILE A 9 -11.25 14.52 -24.81
N ARG A 10 -10.09 13.89 -24.94
CA ARG A 10 -9.98 12.60 -25.60
C ARG A 10 -9.97 11.46 -24.58
N LYS A 11 -9.13 11.59 -23.57
CA LYS A 11 -9.02 10.58 -22.52
C LYS A 11 -9.12 11.21 -21.14
N GLU A 12 -10.23 10.95 -20.46
CA GLU A 12 -10.45 11.49 -19.12
C GLU A 12 -10.01 10.49 -18.05
N PRO A 13 -9.45 11.02 -16.95
CA PRO A 13 -8.98 10.19 -15.83
C PRO A 13 -10.12 9.55 -15.06
N PRO A 14 -9.91 8.31 -14.59
CA PRO A 14 -10.91 7.57 -13.84
C PRO A 14 -11.14 8.14 -12.44
N VAL A 15 -12.15 7.62 -11.75
CA VAL A 15 -12.47 8.10 -10.41
C VAL A 15 -11.20 8.27 -9.57
N TYR A 16 -10.29 7.31 -9.68
CA TYR A 16 -9.04 7.35 -8.93
C TYR A 16 -8.27 8.63 -9.23
N ALA A 17 -7.44 9.05 -8.28
CA ALA A 17 -6.64 10.25 -8.45
C ALA A 17 -5.67 10.11 -9.61
N ALA A 18 -5.07 11.23 -10.01
CA ALA A 18 -4.12 11.24 -11.12
C ALA A 18 -2.70 11.05 -10.62
N GLY A 19 -2.35 9.82 -10.29
CA GLY A 19 -1.01 9.53 -9.80
C GLY A 19 -1.01 9.15 -8.33
N SER A 20 -1.80 8.15 -7.97
CA SER A 20 -1.88 7.69 -6.58
C SER A 20 -1.94 6.17 -6.51
N LEU A 21 -1.78 5.63 -5.31
CA LEU A 21 -1.81 4.19 -5.11
C LEU A 21 -3.02 3.57 -5.81
N GLU A 22 -4.15 4.27 -5.76
CA GLU A 22 -5.37 3.79 -6.40
C GLU A 22 -5.11 3.37 -7.84
N GLU A 23 -4.64 4.31 -8.65
CA GLU A 23 -4.35 4.03 -10.06
C GLU A 23 -3.45 2.81 -10.19
N GLN A 24 -2.43 2.74 -9.35
CA GLN A 24 -1.49 1.63 -9.37
C GLN A 24 -2.21 0.30 -9.17
N TRP A 25 -2.89 0.17 -8.03
CA TRP A 25 -3.62 -1.05 -7.71
C TRP A 25 -4.57 -1.43 -8.85
N TYR A 26 -5.17 -0.42 -9.47
CA TYR A 26 -6.09 -0.65 -10.58
C TYR A 26 -5.42 -1.42 -11.70
N LEU A 27 -4.22 -1.00 -12.06
CA LEU A 27 -3.47 -1.66 -13.13
C LEU A 27 -3.40 -3.16 -12.91
N GLU A 28 -2.85 -3.56 -11.77
CA GLU A 28 -2.73 -4.97 -11.43
C GLU A 28 -3.98 -5.73 -11.85
N ILE A 29 -5.12 -5.06 -11.81
CA ILE A 29 -6.38 -5.67 -12.19
C ILE A 29 -6.54 -5.72 -13.70
N VAL A 30 -6.47 -4.56 -14.34
CA VAL A 30 -6.60 -4.48 -15.79
C VAL A 30 -5.61 -5.39 -16.49
N ASP A 31 -4.58 -5.80 -15.77
CA ASP A 31 -3.55 -6.68 -16.31
C ASP A 31 -3.86 -8.14 -16.00
N LYS A 32 -4.03 -8.44 -14.72
CA LYS A 32 -4.34 -9.80 -14.29
C LYS A 32 -5.84 -9.99 -14.10
N GLY A 33 -6.46 -9.07 -13.37
CA GLY A 33 -7.89 -9.16 -13.13
C GLY A 33 -8.25 -8.80 -11.71
N SER A 34 -7.28 -8.86 -10.81
CA SER A 34 -7.50 -8.54 -9.41
C SER A 34 -6.21 -8.10 -8.73
N VAL A 35 -6.31 -7.08 -7.89
CA VAL A 35 -5.15 -6.55 -7.17
C VAL A 35 -4.94 -7.29 -5.85
N SER A 36 -3.71 -7.26 -5.36
CA SER A 36 -3.38 -7.93 -4.10
C SER A 36 -3.26 -6.92 -2.97
N CYS A 37 -3.33 -7.41 -1.73
CA CYS A 37 -3.24 -6.56 -0.56
C CYS A 37 -1.83 -6.00 -0.41
N PRO A 38 -1.69 -4.67 -0.60
CA PRO A 38 -0.41 -3.98 -0.48
C PRO A 38 0.10 -3.93 0.95
N THR A 39 -0.69 -4.47 1.87
CA THR A 39 -0.32 -4.48 3.28
C THR A 39 0.10 -5.87 3.73
N CYS A 40 -0.78 -6.85 3.53
CA CYS A 40 -0.50 -8.22 3.91
C CYS A 40 -0.02 -9.03 2.71
N GLN A 41 -0.40 -8.60 1.52
CA GLN A 41 -0.02 -9.28 0.30
C GLN A 41 -0.33 -10.78 0.38
N ALA A 42 -1.47 -11.10 0.99
CA ALA A 42 -1.88 -12.48 1.14
C ALA A 42 -3.15 -12.76 0.33
N VAL A 43 -4.06 -11.80 0.31
CA VAL A 43 -5.32 -11.94 -0.42
C VAL A 43 -5.64 -10.67 -1.20
N GLY A 44 -6.09 -10.86 -2.45
CA GLY A 44 -6.43 -9.72 -3.29
C GLY A 44 -7.91 -9.61 -3.54
N ARG A 45 -8.32 -8.53 -4.19
CA ARG A 45 -9.73 -8.30 -4.49
C ARG A 45 -9.93 -8.03 -5.98
N LYS A 46 -11.15 -8.27 -6.46
CA LYS A 46 -11.47 -8.05 -7.86
C LYS A 46 -11.22 -6.59 -8.26
N THR A 47 -11.71 -5.67 -7.44
CA THR A 47 -11.54 -4.25 -7.69
C THR A 47 -10.96 -3.53 -6.49
N ILE A 48 -10.77 -2.22 -6.62
CA ILE A 48 -10.22 -1.42 -5.53
C ILE A 48 -11.15 -1.40 -4.33
N GLU A 49 -12.39 -1.00 -4.56
CA GLU A 49 -13.39 -0.94 -3.49
C GLU A 49 -13.21 -2.10 -2.52
N GLY A 50 -13.14 -3.31 -3.06
CA GLY A 50 -12.97 -4.49 -2.22
C GLY A 50 -11.71 -4.42 -1.37
N LEU A 51 -10.58 -4.15 -2.01
CA LEU A 51 -9.32 -4.06 -1.30
C LEU A 51 -9.39 -3.04 -0.17
N LYS A 52 -9.75 -1.80 -0.51
CA LYS A 52 -9.86 -0.74 0.47
C LYS A 52 -10.56 -1.24 1.73
N LYS A 53 -11.76 -1.77 1.57
CA LYS A 53 -12.53 -2.29 2.69
C LYS A 53 -11.79 -3.44 3.37
N HIS A 54 -11.06 -4.21 2.58
CA HIS A 54 -10.31 -5.34 3.11
C HIS A 54 -9.19 -4.87 4.03
N MET A 55 -8.35 -3.97 3.52
CA MET A 55 -7.24 -3.44 4.30
C MET A 55 -7.74 -2.61 5.48
N GLU A 56 -8.94 -2.07 5.33
CA GLU A 56 -9.54 -1.26 6.39
C GLU A 56 -9.54 -2.00 7.73
N ASN A 57 -9.75 -3.31 7.66
CA ASN A 57 -9.77 -4.14 8.86
C ASN A 57 -8.57 -5.08 8.90
N CYS A 58 -8.25 -5.68 7.76
CA CYS A 58 -7.12 -6.60 7.65
C CYS A 58 -5.90 -6.04 8.38
N LYS A 59 -5.29 -5.02 7.80
CA LYS A 59 -4.12 -4.39 8.38
C LYS A 59 -3.77 -3.09 7.65
N GLN A 60 -3.24 -2.13 8.41
CA GLN A 60 -2.88 -0.83 7.83
C GLN A 60 -1.45 -0.45 8.24
N GLU A 61 -0.80 -1.34 8.97
CA GLU A 61 0.57 -1.09 9.42
C GLU A 61 1.37 -2.39 9.46
N MET A 62 2.50 -2.40 8.76
CA MET A 62 3.37 -3.57 8.72
C MET A 62 4.83 -3.17 8.61
N PHE A 63 5.72 -4.15 8.75
CA PHE A 63 7.15 -3.90 8.66
C PHE A 63 7.84 -4.89 7.73
N THR A 64 8.88 -4.43 7.04
CA THR A 64 9.61 -5.28 6.11
C THR A 64 11.09 -4.94 6.12
N CYS A 65 11.91 -5.92 6.55
CA CYS A 65 13.36 -5.72 6.61
C CYS A 65 13.87 -5.08 5.33
N HIS A 66 15.07 -4.51 5.42
CA HIS A 66 15.68 -3.85 4.27
C HIS A 66 16.73 -4.75 3.63
N HIS A 67 17.52 -5.43 4.47
CA HIS A 67 18.55 -6.34 3.98
C HIS A 67 18.00 -7.32 2.96
N CYS A 68 17.16 -8.24 3.43
CA CYS A 68 16.56 -9.24 2.56
C CYS A 68 15.17 -8.81 2.12
N GLY A 69 14.36 -8.37 3.08
CA GLY A 69 13.01 -7.92 2.77
C GLY A 69 11.96 -8.89 3.28
N LYS A 70 12.19 -9.43 4.47
CA LYS A 70 11.26 -10.38 5.08
C LYS A 70 10.06 -9.65 5.69
N GLN A 71 8.93 -10.33 5.76
CA GLN A 71 7.71 -9.74 6.33
C GLN A 71 7.19 -10.60 7.47
N LEU A 72 7.27 -10.07 8.69
CA LEU A 72 6.79 -10.78 9.87
C LEU A 72 5.67 -10.01 10.56
N ARG A 73 5.09 -10.62 11.59
CA ARG A 73 4.01 -9.99 12.34
C ARG A 73 4.55 -9.17 13.50
N SER A 74 5.24 -9.83 14.43
CA SER A 74 5.81 -9.16 15.59
C SER A 74 7.15 -8.54 15.24
N LEU A 75 7.19 -7.21 15.20
CA LEU A 75 8.42 -6.48 14.88
C LEU A 75 9.61 -7.12 15.58
N ALA A 76 9.45 -7.48 16.84
CA ALA A 76 10.51 -8.10 17.61
C ALA A 76 11.12 -9.28 16.86
N GLY A 77 10.33 -10.35 16.71
CA GLY A 77 10.81 -11.52 16.00
C GLY A 77 11.62 -11.17 14.77
N MET A 78 11.17 -10.16 14.03
CA MET A 78 11.86 -9.73 12.83
C MET A 78 13.20 -9.10 13.16
N LYS A 79 13.17 -7.98 13.89
CA LYS A 79 14.39 -7.29 14.27
C LYS A 79 15.48 -8.28 14.69
N TYR A 80 15.06 -9.46 15.11
CA TYR A 80 15.99 -10.50 15.53
C TYR A 80 16.51 -11.30 14.34
N HIS A 81 15.62 -11.55 13.38
CA HIS A 81 15.98 -12.30 12.19
C HIS A 81 17.15 -11.65 11.47
N VAL A 82 17.27 -10.33 11.60
CA VAL A 82 18.34 -9.58 10.96
C VAL A 82 19.68 -9.90 11.61
N MET A 83 19.82 -9.53 12.88
CA MET A 83 21.06 -9.78 13.62
C MET A 83 21.39 -11.27 13.62
N ALA A 84 20.36 -12.11 13.51
CA ALA A 84 20.56 -13.56 13.51
C ALA A 84 21.09 -14.03 12.16
N ASN A 85 20.24 -14.01 11.14
CA ASN A 85 20.62 -14.44 9.80
C ASN A 85 21.74 -13.56 9.26
N HIS A 86 21.45 -12.28 9.10
CA HIS A 86 22.43 -11.33 8.59
C HIS A 86 23.57 -11.13 9.58
N ASN A 87 23.25 -10.56 10.73
CA ASN A 87 24.26 -10.31 11.77
C ASN A 87 25.28 -9.29 11.29
N SER A 88 24.82 -8.23 10.66
CA SER A 88 25.69 -7.18 10.16
C SER A 88 25.12 -5.80 10.45
N LEU A 89 25.78 -5.05 11.32
CA LEU A 89 25.33 -3.72 11.70
C LEU A 89 24.96 -2.91 10.45
N PRO A 90 23.86 -2.15 10.54
CA PRO A 90 23.38 -1.31 9.44
C PRO A 90 24.30 -0.13 9.18
N SER A 91 24.24 0.40 7.96
CA SER A 91 25.06 1.54 7.57
C SER A 91 24.33 2.86 7.85
N GLY A 92 24.64 3.47 8.99
CA GLY A 92 24.01 4.72 9.35
C GLY A 92 24.04 5.74 8.23
N PRO A 93 22.89 6.32 7.91
CA PRO A 93 22.76 7.33 6.85
C PRO A 93 23.45 8.64 7.20
N SER A 94 23.27 9.65 6.35
CA SER A 94 23.88 10.96 6.58
C SER A 94 22.81 11.98 6.97
N SER A 95 23.08 12.73 8.03
CA SER A 95 22.16 13.74 8.51
C SER A 95 22.34 15.06 7.75
N GLY A 96 21.36 15.94 7.86
CA GLY A 96 21.43 17.22 7.17
C GLY A 96 20.99 18.37 8.06
ZN ZN B . -4.91 -7.82 3.65
ZN ZN C . 16.29 -9.41 6.58
N GLY A 1 -13.17 23.62 -52.53
CA GLY A 1 -13.78 22.53 -51.78
C GLY A 1 -15.03 22.95 -51.05
N SER A 2 -14.85 23.63 -49.93
CA SER A 2 -15.98 24.08 -49.12
C SER A 2 -16.81 22.90 -48.64
N SER A 3 -16.13 21.87 -48.15
CA SER A 3 -16.81 20.67 -47.66
C SER A 3 -15.86 19.82 -46.82
N GLY A 4 -16.39 19.23 -45.74
CA GLY A 4 -15.59 18.41 -44.88
C GLY A 4 -15.75 18.77 -43.42
N SER A 5 -16.15 17.80 -42.60
CA SER A 5 -16.35 18.04 -41.17
C SER A 5 -16.18 16.74 -40.38
N SER A 6 -15.41 16.81 -39.29
CA SER A 6 -15.17 15.64 -38.45
C SER A 6 -14.66 16.06 -37.08
N GLY A 7 -14.59 15.10 -36.17
CA GLY A 7 -14.12 15.39 -34.82
C GLY A 7 -14.71 14.45 -33.79
N ARG A 8 -14.73 13.16 -34.11
CA ARG A 8 -15.28 12.15 -33.20
C ARG A 8 -14.23 11.73 -32.17
N ILE A 9 -13.23 12.58 -31.96
CA ILE A 9 -12.17 12.30 -31.00
C ILE A 9 -12.68 12.44 -29.57
N ARG A 10 -12.39 11.44 -28.74
CA ARG A 10 -12.81 11.46 -27.35
C ARG A 10 -11.77 10.78 -26.46
N LYS A 11 -11.51 11.39 -25.30
CA LYS A 11 -10.54 10.84 -24.36
C LYS A 11 -10.53 11.64 -23.06
N GLU A 12 -10.30 10.95 -21.95
CA GLU A 12 -10.27 11.60 -20.64
C GLU A 12 -9.78 10.63 -19.56
N PRO A 13 -9.16 11.18 -18.51
CA PRO A 13 -8.64 10.38 -17.40
C PRO A 13 -9.76 9.78 -16.56
N PRO A 14 -9.53 8.57 -16.02
CA PRO A 14 -10.50 7.86 -15.19
C PRO A 14 -10.67 8.51 -13.83
N VAL A 15 -11.59 7.98 -13.04
CA VAL A 15 -11.86 8.52 -11.71
C VAL A 15 -10.57 8.67 -10.91
N TYR A 16 -9.67 7.71 -11.07
CA TYR A 16 -8.39 7.73 -10.37
C TYR A 16 -7.60 8.99 -10.70
N ALA A 17 -6.67 9.36 -9.82
CA ALA A 17 -5.85 10.54 -10.02
C ALA A 17 -4.64 10.22 -10.90
N ALA A 18 -3.88 11.25 -11.24
CA ALA A 18 -2.69 11.08 -12.08
C ALA A 18 -1.44 10.91 -11.22
N GLY A 19 -1.58 10.14 -10.14
CA GLY A 19 -0.45 9.90 -9.25
C GLY A 19 -0.88 9.45 -7.87
N SER A 20 -1.86 8.56 -7.82
CA SER A 20 -2.37 8.05 -6.56
C SER A 20 -2.29 6.52 -6.51
N LEU A 21 -2.42 5.97 -5.32
CA LEU A 21 -2.36 4.52 -5.14
C LEU A 21 -3.48 3.83 -5.91
N GLU A 22 -4.69 4.37 -5.80
CA GLU A 22 -5.85 3.81 -6.49
C GLU A 22 -5.50 3.44 -7.93
N GLU A 23 -4.87 4.37 -8.63
CA GLU A 23 -4.47 4.15 -10.02
C GLU A 23 -3.56 2.92 -10.14
N GLN A 24 -2.60 2.82 -9.23
CA GLN A 24 -1.66 1.71 -9.24
C GLN A 24 -2.40 0.38 -9.12
N TRP A 25 -3.05 0.16 -7.98
CA TRP A 25 -3.80 -1.07 -7.75
C TRP A 25 -4.61 -1.45 -8.99
N TYR A 26 -5.35 -0.49 -9.52
CA TYR A 26 -6.18 -0.73 -10.70
C TYR A 26 -5.40 -1.50 -11.76
N LEU A 27 -4.25 -0.96 -12.15
CA LEU A 27 -3.41 -1.60 -13.16
C LEU A 27 -3.29 -3.09 -12.90
N GLU A 28 -2.79 -3.45 -11.72
CA GLU A 28 -2.62 -4.85 -11.36
C GLU A 28 -3.80 -5.68 -11.83
N ILE A 29 -4.98 -5.05 -11.90
CA ILE A 29 -6.19 -5.73 -12.35
C ILE A 29 -6.25 -5.80 -13.87
N VAL A 30 -6.27 -4.64 -14.51
CA VAL A 30 -6.33 -4.57 -15.96
C VAL A 30 -5.19 -5.35 -16.60
N ASP A 31 -4.18 -5.68 -15.80
CA ASP A 31 -3.03 -6.44 -16.28
C ASP A 31 -3.17 -7.91 -15.94
N LYS A 32 -3.35 -8.21 -14.66
CA LYS A 32 -3.51 -9.59 -14.21
C LYS A 32 -4.99 -9.97 -14.13
N GLY A 33 -5.76 -9.17 -13.41
CA GLY A 33 -7.18 -9.45 -13.26
C GLY A 33 -7.71 -9.06 -11.90
N SER A 34 -6.82 -8.98 -10.92
CA SER A 34 -7.21 -8.63 -9.56
C SER A 34 -6.00 -8.11 -8.77
N VAL A 35 -6.26 -7.18 -7.85
CA VAL A 35 -5.21 -6.60 -7.04
C VAL A 35 -5.08 -7.33 -5.70
N SER A 36 -3.85 -7.47 -5.22
CA SER A 36 -3.60 -8.15 -3.96
C SER A 36 -3.45 -7.14 -2.82
N CYS A 37 -3.64 -7.62 -1.60
CA CYS A 37 -3.53 -6.76 -0.42
C CYS A 37 -2.13 -6.17 -0.31
N PRO A 38 -2.03 -4.85 -0.46
CA PRO A 38 -0.76 -4.13 -0.38
C PRO A 38 -0.20 -4.10 1.04
N THR A 39 -0.96 -4.67 1.98
CA THR A 39 -0.53 -4.71 3.38
C THR A 39 0.01 -6.08 3.74
N CYS A 40 -0.83 -7.10 3.60
CA CYS A 40 -0.43 -8.46 3.92
C CYS A 40 0.03 -9.21 2.68
N GLN A 41 -0.51 -8.82 1.53
CA GLN A 41 -0.15 -9.45 0.26
C GLN A 41 -0.44 -10.94 0.29
N ALA A 42 -1.59 -11.31 0.84
CA ALA A 42 -1.99 -12.71 0.94
C ALA A 42 -3.26 -12.97 0.14
N VAL A 43 -4.22 -12.06 0.25
CA VAL A 43 -5.49 -12.19 -0.46
C VAL A 43 -5.82 -10.92 -1.25
N GLY A 44 -6.24 -11.11 -2.50
CA GLY A 44 -6.58 -9.96 -3.34
C GLY A 44 -8.04 -9.96 -3.74
N ARG A 45 -8.46 -8.89 -4.39
CA ARG A 45 -9.84 -8.75 -4.84
C ARG A 45 -9.91 -8.32 -6.30
N LYS A 46 -11.03 -8.59 -6.94
CA LYS A 46 -11.22 -8.23 -8.34
C LYS A 46 -11.09 -6.72 -8.53
N THR A 47 -11.77 -5.96 -7.68
CA THR A 47 -11.71 -4.51 -7.76
C THR A 47 -11.10 -3.91 -6.50
N ILE A 48 -10.86 -2.61 -6.52
CA ILE A 48 -10.26 -1.91 -5.38
C ILE A 48 -11.29 -1.76 -4.26
N GLU A 49 -12.46 -1.24 -4.61
CA GLU A 49 -13.52 -1.04 -3.63
C GLU A 49 -13.48 -2.10 -2.54
N GLY A 50 -13.55 -3.36 -2.95
CA GLY A 50 -13.52 -4.46 -2.00
C GLY A 50 -12.24 -4.48 -1.19
N LEU A 51 -11.10 -4.30 -1.86
CA LEU A 51 -9.81 -4.29 -1.18
C LEU A 51 -9.77 -3.24 -0.08
N LYS A 52 -10.13 -2.01 -0.44
CA LYS A 52 -10.13 -0.91 0.51
C LYS A 52 -10.65 -1.37 1.88
N LYS A 53 -11.82 -1.98 1.88
CA LYS A 53 -12.42 -2.47 3.11
C LYS A 53 -11.52 -3.51 3.78
N HIS A 54 -10.82 -4.30 2.97
CA HIS A 54 -9.93 -5.32 3.48
C HIS A 54 -8.72 -4.69 4.18
N MET A 55 -8.08 -3.75 3.50
CA MET A 55 -6.92 -3.07 4.06
C MET A 55 -7.32 -2.18 5.22
N GLU A 56 -8.53 -1.63 5.16
CA GLU A 56 -9.02 -0.76 6.22
C GLU A 56 -8.73 -1.35 7.59
N ASN A 57 -9.03 -2.64 7.76
CA ASN A 57 -8.79 -3.32 9.02
C ASN A 57 -7.51 -4.16 8.96
N CYS A 58 -7.10 -4.52 7.75
CA CYS A 58 -5.91 -5.33 7.56
C CYS A 58 -4.70 -4.44 7.29
N LYS A 59 -4.73 -3.21 7.81
CA LYS A 59 -3.64 -2.27 7.63
C LYS A 59 -2.37 -2.75 8.34
N GLN A 60 -2.49 -3.87 9.04
CA GLN A 60 -1.36 -4.45 9.76
C GLN A 60 -1.00 -5.83 9.21
N GLU A 61 0.29 -6.13 9.20
CA GLU A 61 0.76 -7.42 8.70
C GLU A 61 0.07 -8.57 9.43
N MET A 62 -0.10 -9.69 8.72
CA MET A 62 -0.75 -10.87 9.30
C MET A 62 0.02 -12.13 8.95
N PHE A 63 -0.47 -13.26 9.45
CA PHE A 63 0.18 -14.55 9.19
C PHE A 63 -0.78 -15.51 8.50
N THR A 64 -0.24 -16.61 7.99
CA THR A 64 -1.05 -17.61 7.30
C THR A 64 -0.29 -18.92 7.15
N CYS A 65 -0.80 -19.96 7.80
CA CYS A 65 -0.16 -21.28 7.74
C CYS A 65 -0.05 -21.76 6.29
N HIS A 66 0.82 -22.75 6.07
CA HIS A 66 1.02 -23.30 4.73
C HIS A 66 0.45 -24.71 4.64
N HIS A 67 0.56 -25.47 5.73
CA HIS A 67 0.06 -26.84 5.77
C HIS A 67 -1.40 -26.89 5.30
N CYS A 68 -2.21 -26.00 5.85
CA CYS A 68 -3.63 -25.95 5.50
C CYS A 68 -3.99 -24.59 4.90
N GLY A 69 -3.48 -23.52 5.52
CA GLY A 69 -3.76 -22.19 5.03
C GLY A 69 -4.68 -21.41 5.95
N LYS A 70 -4.47 -21.57 7.25
CA LYS A 70 -5.28 -20.88 8.25
C LYS A 70 -4.83 -19.43 8.40
N GLN A 71 -5.74 -18.57 8.85
CA GLN A 71 -5.44 -17.16 9.04
C GLN A 71 -5.91 -16.69 10.41
N LEU A 72 -4.98 -16.51 11.33
CA LEU A 72 -5.30 -16.06 12.69
C LEU A 72 -4.54 -14.78 13.03
N ARG A 73 -5.25 -13.81 13.59
CA ARG A 73 -4.65 -12.54 13.98
C ARG A 73 -3.43 -12.76 14.86
N SER A 74 -3.59 -13.58 15.88
CA SER A 74 -2.51 -13.88 16.81
C SER A 74 -1.68 -15.07 16.33
N LEU A 75 -0.36 -14.92 16.36
CA LEU A 75 0.54 -15.98 15.93
C LEU A 75 0.51 -17.16 16.90
N ALA A 76 0.52 -16.85 18.19
CA ALA A 76 0.48 -17.88 19.22
C ALA A 76 -0.58 -18.94 18.90
N GLY A 77 -1.85 -18.54 18.99
CA GLY A 77 -2.93 -19.47 18.72
C GLY A 77 -2.69 -20.27 17.45
N MET A 78 -2.22 -19.60 16.40
CA MET A 78 -1.95 -20.26 15.14
C MET A 78 -0.87 -21.33 15.29
N LYS A 79 0.36 -20.89 15.59
CA LYS A 79 1.48 -21.79 15.77
C LYS A 79 1.05 -23.05 16.51
N TYR A 80 -0.02 -22.94 17.31
CA TYR A 80 -0.52 -24.06 18.08
C TYR A 80 -1.44 -24.93 17.22
N HIS A 81 -2.24 -24.30 16.37
CA HIS A 81 -3.16 -25.02 15.50
C HIS A 81 -2.40 -26.02 14.62
N VAL A 82 -1.13 -25.73 14.37
CA VAL A 82 -0.30 -26.61 13.56
C VAL A 82 0.07 -27.89 14.31
N MET A 83 0.31 -27.76 15.60
CA MET A 83 0.66 -28.90 16.43
C MET A 83 -0.59 -29.63 16.93
N ALA A 84 -1.72 -29.34 16.29
CA ALA A 84 -2.99 -29.95 16.66
C ALA A 84 -3.57 -30.74 15.49
N ASN A 85 -3.23 -30.33 14.27
CA ASN A 85 -3.73 -30.98 13.07
C ASN A 85 -2.58 -31.52 12.23
N HIS A 86 -1.48 -30.78 12.19
CA HIS A 86 -0.30 -31.19 11.43
C HIS A 86 0.77 -31.76 12.36
N ASN A 87 0.88 -33.09 12.38
CA ASN A 87 1.87 -33.75 13.22
C ASN A 87 1.45 -33.72 14.69
N SER A 88 0.19 -34.07 14.95
CA SER A 88 -0.34 -34.08 16.30
C SER A 88 -1.00 -35.43 16.61
N LEU A 89 -1.89 -35.87 15.73
CA LEU A 89 -2.58 -37.14 15.91
C LEU A 89 -1.70 -38.31 15.50
N PRO A 90 -1.90 -39.47 16.14
CA PRO A 90 -1.13 -40.68 15.86
C PRO A 90 -1.46 -41.27 14.49
N SER A 91 -0.63 -40.96 13.50
CA SER A 91 -0.84 -41.45 12.15
C SER A 91 0.48 -41.53 11.39
N GLY A 92 0.44 -42.12 10.20
CA GLY A 92 1.64 -42.25 9.39
C GLY A 92 2.12 -40.92 8.86
N PRO A 93 3.37 -40.56 9.20
CA PRO A 93 3.98 -39.29 8.75
C PRO A 93 4.27 -39.29 7.26
N SER A 94 3.41 -38.61 6.49
CA SER A 94 3.57 -38.54 5.05
C SER A 94 3.75 -37.08 4.60
N SER A 95 4.83 -36.82 3.88
CA SER A 95 5.11 -35.48 3.39
C SER A 95 6.26 -35.49 2.37
N GLY A 96 6.31 -34.48 1.52
CA GLY A 96 7.34 -34.39 0.51
C GLY A 96 7.91 -33.00 0.39
ZN ZN B . -4.61 -8.17 3.95
ZN ZN C . -2.37 -25.14 9.29
N GLY A 1 -24.83 50.97 -6.74
CA GLY A 1 -24.92 49.69 -7.44
C GLY A 1 -23.73 48.80 -7.15
N SER A 2 -23.80 47.55 -7.63
CA SER A 2 -22.72 46.59 -7.42
C SER A 2 -23.00 45.31 -8.21
N SER A 3 -21.92 44.68 -8.68
CA SER A 3 -22.03 43.45 -9.44
C SER A 3 -21.87 42.23 -8.54
N GLY A 4 -22.25 41.06 -9.05
CA GLY A 4 -22.14 39.84 -8.28
C GLY A 4 -22.06 38.61 -9.15
N SER A 5 -20.85 38.15 -9.44
CA SER A 5 -20.64 36.97 -10.26
C SER A 5 -19.21 36.47 -10.16
N SER A 6 -19.06 35.17 -9.99
CA SER A 6 -17.74 34.55 -9.86
C SER A 6 -17.55 33.45 -10.89
N GLY A 7 -18.47 32.48 -10.89
CA GLY A 7 -18.39 31.37 -11.83
C GLY A 7 -18.20 30.03 -11.14
N ARG A 8 -18.46 28.96 -11.86
CA ARG A 8 -18.32 27.62 -11.31
C ARG A 8 -18.05 26.60 -12.42
N ILE A 9 -17.43 25.48 -12.05
CA ILE A 9 -17.12 24.42 -13.01
C ILE A 9 -17.60 23.07 -12.51
N ARG A 10 -18.20 22.30 -13.41
CA ARG A 10 -18.71 20.97 -13.05
C ARG A 10 -17.85 19.88 -13.69
N LYS A 11 -16.86 19.41 -12.94
CA LYS A 11 -15.96 18.35 -13.42
C LYS A 11 -15.35 17.58 -12.26
N GLU A 12 -15.13 16.29 -12.45
CA GLU A 12 -14.53 15.45 -11.43
C GLU A 12 -13.94 14.18 -12.03
N PRO A 13 -12.78 13.76 -11.51
CA PRO A 13 -12.08 12.56 -11.98
C PRO A 13 -12.83 11.28 -11.62
N PRO A 14 -12.40 10.16 -12.23
CA PRO A 14 -13.01 8.85 -11.98
C PRO A 14 -12.71 8.32 -10.59
N VAL A 15 -13.06 7.06 -10.34
CA VAL A 15 -12.83 6.44 -9.05
C VAL A 15 -11.42 6.74 -8.54
N TYR A 16 -10.49 6.96 -9.46
CA TYR A 16 -9.11 7.27 -9.10
C TYR A 16 -8.66 8.58 -9.72
N ALA A 17 -7.53 9.09 -9.26
CA ALA A 17 -6.98 10.34 -9.77
C ALA A 17 -5.84 10.08 -10.74
N ALA A 18 -5.45 11.11 -11.48
CA ALA A 18 -4.36 11.00 -12.45
C ALA A 18 -3.00 11.08 -11.77
N GLY A 19 -2.89 10.40 -10.63
CA GLY A 19 -1.64 10.40 -9.89
C GLY A 19 -1.81 10.00 -8.44
N SER A 20 -2.50 8.89 -8.22
CA SER A 20 -2.75 8.40 -6.86
C SER A 20 -2.61 6.88 -6.79
N LEU A 21 -2.54 6.37 -5.58
CA LEU A 21 -2.41 4.93 -5.37
C LEU A 21 -3.49 4.15 -6.13
N GLU A 22 -4.73 4.60 -5.98
CA GLU A 22 -5.85 3.96 -6.66
C GLU A 22 -5.49 3.60 -8.09
N GLU A 23 -4.83 4.53 -8.78
CA GLU A 23 -4.44 4.31 -10.16
C GLU A 23 -3.55 3.07 -10.29
N GLN A 24 -2.53 3.00 -9.44
CA GLN A 24 -1.61 1.86 -9.45
C GLN A 24 -2.36 0.55 -9.27
N TRP A 25 -3.05 0.41 -8.14
CA TRP A 25 -3.80 -0.79 -7.85
C TRP A 25 -4.66 -1.21 -9.04
N TYR A 26 -5.35 -0.24 -9.62
CA TYR A 26 -6.20 -0.51 -10.78
C TYR A 26 -5.46 -1.32 -11.84
N LEU A 27 -4.23 -0.93 -12.11
CA LEU A 27 -3.41 -1.62 -13.10
C LEU A 27 -3.34 -3.12 -12.80
N GLU A 28 -2.84 -3.45 -11.61
CA GLU A 28 -2.72 -4.84 -11.20
C GLU A 28 -3.94 -5.65 -11.63
N ILE A 29 -5.09 -4.97 -11.72
CA ILE A 29 -6.33 -5.61 -12.12
C ILE A 29 -6.42 -5.74 -13.64
N VAL A 30 -6.26 -4.61 -14.33
CA VAL A 30 -6.33 -4.59 -15.79
C VAL A 30 -5.21 -5.44 -16.40
N ASP A 31 -4.25 -5.82 -15.57
CA ASP A 31 -3.13 -6.63 -16.03
C ASP A 31 -3.32 -8.10 -15.63
N LYS A 32 -3.75 -8.32 -14.39
CA LYS A 32 -3.97 -9.67 -13.90
C LYS A 32 -5.46 -9.96 -13.75
N GLY A 33 -6.16 -9.08 -13.05
CA GLY A 33 -7.59 -9.26 -12.85
C GLY A 33 -8.03 -8.89 -11.45
N SER A 34 -7.09 -8.88 -10.51
CA SER A 34 -7.40 -8.55 -9.13
C SER A 34 -6.17 -7.98 -8.42
N VAL A 35 -6.39 -6.98 -7.57
CA VAL A 35 -5.31 -6.36 -6.83
C VAL A 35 -5.07 -7.06 -5.50
N SER A 36 -3.81 -7.39 -5.24
CA SER A 36 -3.44 -8.07 -3.99
C SER A 36 -3.28 -7.08 -2.85
N CYS A 37 -3.54 -7.53 -1.64
CA CYS A 37 -3.41 -6.67 -0.46
C CYS A 37 -1.97 -6.22 -0.26
N PRO A 38 -1.73 -4.92 -0.47
CA PRO A 38 -0.40 -4.33 -0.33
C PRO A 38 0.05 -4.28 1.13
N THR A 39 -0.77 -4.82 2.02
CA THR A 39 -0.45 -4.84 3.45
C THR A 39 0.08 -6.21 3.87
N CYS A 40 -0.72 -7.25 3.63
CA CYS A 40 -0.33 -8.60 3.98
C CYS A 40 0.10 -9.40 2.76
N GLN A 41 -0.48 -9.05 1.61
CA GLN A 41 -0.15 -9.73 0.36
C GLN A 41 -0.55 -11.20 0.42
N ALA A 42 -1.72 -11.48 0.99
CA ALA A 42 -2.21 -12.84 1.11
C ALA A 42 -3.38 -13.09 0.17
N VAL A 43 -4.30 -12.14 0.12
CA VAL A 43 -5.48 -12.25 -0.74
C VAL A 43 -5.74 -10.95 -1.49
N GLY A 44 -6.18 -11.08 -2.74
CA GLY A 44 -6.46 -9.90 -3.54
C GLY A 44 -7.94 -9.73 -3.84
N ARG A 45 -8.27 -8.70 -4.61
CA ARG A 45 -9.66 -8.44 -4.97
C ARG A 45 -9.79 -8.03 -6.43
N LYS A 46 -10.69 -8.67 -7.15
CA LYS A 46 -10.90 -8.37 -8.56
C LYS A 46 -11.00 -6.86 -8.78
N THR A 47 -11.28 -6.12 -7.72
CA THR A 47 -11.40 -4.67 -7.80
C THR A 47 -10.82 -4.00 -6.56
N ILE A 48 -10.76 -2.68 -6.59
CA ILE A 48 -10.22 -1.92 -5.46
C ILE A 48 -11.24 -1.81 -4.33
N GLU A 49 -12.47 -1.44 -4.67
CA GLU A 49 -13.54 -1.31 -3.69
C GLU A 49 -13.38 -2.34 -2.58
N GLY A 50 -13.55 -3.61 -2.92
CA GLY A 50 -13.43 -4.67 -1.93
C GLY A 50 -12.13 -4.59 -1.17
N LEU A 51 -11.02 -4.49 -1.89
CA LEU A 51 -9.71 -4.39 -1.27
C LEU A 51 -9.69 -3.34 -0.17
N LYS A 52 -10.07 -2.12 -0.52
CA LYS A 52 -10.11 -1.01 0.43
C LYS A 52 -10.71 -1.46 1.76
N LYS A 53 -11.87 -2.11 1.70
CA LYS A 53 -12.54 -2.59 2.90
C LYS A 53 -11.69 -3.62 3.62
N HIS A 54 -10.83 -4.31 2.87
CA HIS A 54 -9.95 -5.32 3.44
C HIS A 54 -8.75 -4.68 4.12
N MET A 55 -8.05 -3.81 3.40
CA MET A 55 -6.88 -3.13 3.93
C MET A 55 -7.28 -2.17 5.05
N GLU A 56 -8.49 -1.64 4.96
CA GLU A 56 -8.98 -0.70 5.97
C GLU A 56 -8.81 -1.27 7.37
N ASN A 57 -9.11 -2.55 7.52
CA ASN A 57 -8.99 -3.22 8.82
C ASN A 57 -7.74 -4.09 8.86
N CYS A 58 -7.25 -4.48 7.69
CA CYS A 58 -6.06 -5.31 7.58
C CYS A 58 -4.79 -4.47 7.61
N LYS A 59 -4.89 -3.29 8.23
CA LYS A 59 -3.74 -2.38 8.32
C LYS A 59 -2.79 -2.83 9.43
N GLN A 60 -1.62 -3.31 9.02
CA GLN A 60 -0.62 -3.78 9.98
C GLN A 60 0.71 -3.04 9.76
N GLU A 61 1.52 -2.98 10.82
CA GLU A 61 2.81 -2.31 10.74
C GLU A 61 3.94 -3.27 11.11
N MET A 62 5.03 -3.22 10.36
CA MET A 62 6.18 -4.08 10.61
C MET A 62 7.44 -3.25 10.85
N PHE A 63 8.54 -3.93 11.12
CA PHE A 63 9.81 -3.26 11.39
C PHE A 63 10.95 -3.94 10.63
N THR A 64 12.17 -3.42 10.81
CA THR A 64 13.34 -3.97 10.15
C THR A 64 14.62 -3.58 10.88
N CYS A 65 15.27 -4.57 11.48
CA CYS A 65 16.50 -4.33 12.22
C CYS A 65 17.52 -3.59 11.35
N HIS A 66 18.51 -2.97 11.99
CA HIS A 66 19.55 -2.23 11.27
C HIS A 66 20.85 -3.02 11.24
N HIS A 67 21.16 -3.68 12.36
CA HIS A 67 22.39 -4.46 12.45
C HIS A 67 22.53 -5.42 11.26
N CYS A 68 21.61 -6.38 11.17
CA CYS A 68 21.63 -7.34 10.08
C CYS A 68 20.61 -6.97 9.00
N GLY A 69 19.41 -6.59 9.43
CA GLY A 69 18.37 -6.22 8.49
C GLY A 69 17.25 -7.23 8.43
N LYS A 70 16.92 -7.83 9.57
CA LYS A 70 15.86 -8.83 9.64
C LYS A 70 14.49 -8.16 9.58
N GLN A 71 13.50 -8.90 9.09
CA GLN A 71 12.14 -8.39 8.98
C GLN A 71 11.14 -9.39 9.54
N LEU A 72 10.47 -8.99 10.62
CA LEU A 72 9.48 -9.85 11.26
C LEU A 72 8.15 -9.11 11.43
N ARG A 73 7.09 -9.87 11.74
CA ARG A 73 5.77 -9.29 11.93
C ARG A 73 5.60 -8.79 13.36
N SER A 74 5.79 -9.67 14.32
CA SER A 74 5.66 -9.33 15.72
C SER A 74 6.93 -8.64 16.25
N LEU A 75 6.82 -7.34 16.52
CA LEU A 75 7.94 -6.57 17.02
C LEU A 75 8.74 -7.36 18.04
N ALA A 76 8.06 -7.81 19.09
CA ALA A 76 8.69 -8.59 20.15
C ALA A 76 9.71 -9.57 19.57
N GLY A 77 9.21 -10.60 18.89
CA GLY A 77 10.08 -11.59 18.29
C GLY A 77 11.40 -11.01 17.82
N MET A 78 11.32 -10.03 16.93
CA MET A 78 12.52 -9.38 16.40
C MET A 78 13.40 -8.86 17.53
N LYS A 79 12.81 -8.10 18.44
CA LYS A 79 13.54 -7.55 19.57
C LYS A 79 14.39 -8.62 20.24
N TYR A 80 14.04 -9.88 20.00
CA TYR A 80 14.77 -10.99 20.59
C TYR A 80 15.91 -11.45 19.68
N HIS A 81 15.64 -11.47 18.37
CA HIS A 81 16.63 -11.87 17.40
C HIS A 81 17.92 -11.08 17.57
N VAL A 82 17.80 -9.87 18.13
CA VAL A 82 18.96 -9.02 18.35
C VAL A 82 19.80 -9.52 19.51
N MET A 83 19.13 -9.95 20.58
CA MET A 83 19.82 -10.46 21.76
C MET A 83 20.21 -11.92 21.59
N ALA A 84 20.24 -12.37 20.34
CA ALA A 84 20.59 -13.76 20.03
C ALA A 84 21.78 -13.82 19.08
N ASN A 85 22.01 -12.73 18.35
CA ASN A 85 23.11 -12.68 17.40
C ASN A 85 23.99 -11.45 17.65
N HIS A 86 23.34 -10.31 17.88
CA HIS A 86 24.06 -9.07 18.14
C HIS A 86 24.39 -8.93 19.61
N ASN A 87 23.37 -8.69 20.43
CA ASN A 87 23.56 -8.54 21.87
C ASN A 87 23.54 -9.90 22.57
N SER A 88 24.28 -10.85 22.00
CA SER A 88 24.35 -12.19 22.56
C SER A 88 25.75 -12.78 22.39
N LEU A 89 26.21 -13.52 23.40
CA LEU A 89 27.53 -14.13 23.36
C LEU A 89 27.43 -15.62 23.02
N PRO A 90 28.35 -16.08 22.16
CA PRO A 90 28.38 -17.48 21.73
C PRO A 90 28.81 -18.42 22.86
N SER A 91 29.10 -17.85 24.03
CA SER A 91 29.52 -18.63 25.19
C SER A 91 28.38 -19.53 25.68
N GLY A 92 28.63 -20.84 25.69
CA GLY A 92 27.62 -21.77 26.15
C GLY A 92 28.16 -23.18 26.27
N PRO A 93 27.57 -24.11 25.48
CA PRO A 93 27.99 -25.52 25.48
C PRO A 93 29.37 -25.72 24.88
N SER A 94 30.41 -25.55 25.70
CA SER A 94 31.78 -25.71 25.24
C SER A 94 31.99 -27.10 24.63
N SER A 95 32.55 -27.13 23.43
CA SER A 95 32.80 -28.39 22.74
C SER A 95 34.27 -28.79 22.86
N GLY A 96 34.52 -29.89 23.56
CA GLY A 96 35.88 -30.36 23.74
C GLY A 96 36.26 -31.44 22.74
ZN ZN B . -4.52 -8.01 3.92
ZN ZN C . 19.34 -7.90 13.40
N GLY A 1 -24.42 30.77 -41.14
CA GLY A 1 -24.31 32.07 -40.53
C GLY A 1 -25.10 32.19 -39.25
N SER A 2 -24.56 31.64 -38.16
CA SER A 2 -25.22 31.69 -36.87
C SER A 2 -24.28 31.21 -35.76
N SER A 3 -24.36 31.87 -34.61
CA SER A 3 -23.51 31.52 -33.48
C SER A 3 -24.35 31.16 -32.26
N GLY A 4 -23.96 30.10 -31.57
CA GLY A 4 -24.70 29.66 -30.39
C GLY A 4 -24.29 28.28 -29.93
N SER A 5 -23.45 28.23 -28.91
CA SER A 5 -22.98 26.95 -28.37
C SER A 5 -23.79 26.54 -27.14
N SER A 6 -24.05 25.24 -27.01
CA SER A 6 -24.81 24.72 -25.88
C SER A 6 -23.97 23.75 -25.06
N GLY A 7 -24.18 23.77 -23.74
CA GLY A 7 -23.43 22.89 -22.87
C GLY A 7 -22.42 23.63 -22.02
N ARG A 8 -21.94 22.98 -20.96
CA ARG A 8 -20.97 23.59 -20.07
C ARG A 8 -19.63 22.87 -20.14
N ILE A 9 -18.60 23.57 -20.63
CA ILE A 9 -17.28 23.00 -20.76
C ILE A 9 -16.69 22.66 -19.39
N ARG A 10 -16.84 21.41 -18.98
CA ARG A 10 -16.32 20.96 -17.69
C ARG A 10 -15.96 19.48 -17.73
N LYS A 11 -15.14 19.04 -16.78
CA LYS A 11 -14.72 17.65 -16.71
C LYS A 11 -14.74 17.15 -15.27
N GLU A 12 -14.55 15.85 -15.10
CA GLU A 12 -14.54 15.24 -13.77
C GLU A 12 -13.46 14.17 -13.66
N PRO A 13 -12.75 14.15 -12.53
CA PRO A 13 -11.68 13.19 -12.28
C PRO A 13 -12.22 11.77 -12.07
N PRO A 14 -11.41 10.77 -12.46
CA PRO A 14 -11.77 9.36 -12.33
C PRO A 14 -11.81 8.90 -10.87
N VAL A 15 -12.35 7.71 -10.65
CA VAL A 15 -12.44 7.16 -9.30
C VAL A 15 -11.20 7.50 -8.49
N TYR A 16 -10.03 7.32 -9.07
CA TYR A 16 -8.78 7.61 -8.39
C TYR A 16 -8.32 9.04 -8.67
N ALA A 17 -7.24 9.44 -8.03
CA ALA A 17 -6.70 10.79 -8.21
C ALA A 17 -5.85 10.89 -9.48
N ALA A 18 -5.86 9.81 -10.27
CA ALA A 18 -5.09 9.77 -11.51
C ALA A 18 -3.59 9.78 -11.21
N GLY A 19 -3.18 8.99 -10.23
CA GLY A 19 -1.78 8.90 -9.87
C GLY A 19 -1.56 8.23 -8.54
N SER A 20 -2.46 8.46 -7.59
CA SER A 20 -2.36 7.88 -6.27
C SER A 20 -2.28 6.35 -6.35
N LEU A 21 -2.03 5.72 -5.22
CA LEU A 21 -1.94 4.26 -5.16
C LEU A 21 -3.07 3.60 -5.96
N GLU A 22 -4.28 4.12 -5.77
CA GLU A 22 -5.45 3.58 -6.47
C GLU A 22 -5.12 3.33 -7.95
N GLU A 23 -4.59 4.36 -8.61
CA GLU A 23 -4.24 4.24 -10.02
C GLU A 23 -3.41 2.99 -10.28
N GLN A 24 -2.39 2.79 -9.45
CA GLN A 24 -1.52 1.62 -9.59
C GLN A 24 -2.31 0.33 -9.47
N TRP A 25 -2.89 0.10 -8.31
CA TRP A 25 -3.68 -1.10 -8.06
C TRP A 25 -4.61 -1.39 -9.24
N TYR A 26 -5.25 -0.35 -9.76
CA TYR A 26 -6.15 -0.49 -10.89
C TYR A 26 -5.51 -1.28 -12.02
N LEU A 27 -4.26 -0.96 -12.32
CA LEU A 27 -3.51 -1.64 -13.37
C LEU A 27 -3.48 -3.14 -13.13
N GLU A 28 -2.98 -3.54 -11.96
CA GLU A 28 -2.89 -4.95 -11.60
C GLU A 28 -4.15 -5.70 -12.03
N ILE A 29 -5.26 -4.98 -12.11
CA ILE A 29 -6.53 -5.57 -12.50
C ILE A 29 -6.68 -5.61 -14.03
N VAL A 30 -6.55 -4.44 -14.65
CA VAL A 30 -6.66 -4.34 -16.10
C VAL A 30 -5.55 -5.11 -16.80
N ASP A 31 -4.57 -5.55 -16.02
CA ASP A 31 -3.44 -6.31 -16.55
C ASP A 31 -3.49 -7.76 -16.09
N LYS A 32 -3.48 -7.96 -14.77
CA LYS A 32 -3.53 -9.30 -14.20
C LYS A 32 -4.98 -9.78 -14.04
N GLY A 33 -5.84 -8.87 -13.59
CA GLY A 33 -7.24 -9.21 -13.40
C GLY A 33 -7.75 -8.84 -12.02
N SER A 34 -6.83 -8.65 -11.08
CA SER A 34 -7.18 -8.28 -9.72
C SER A 34 -6.00 -7.65 -9.00
N VAL A 35 -6.22 -7.25 -7.75
CA VAL A 35 -5.18 -6.63 -6.94
C VAL A 35 -5.00 -7.37 -5.61
N SER A 36 -3.77 -7.36 -5.10
CA SER A 36 -3.46 -8.02 -3.85
C SER A 36 -3.25 -7.00 -2.72
N CYS A 37 -3.42 -7.46 -1.49
CA CYS A 37 -3.26 -6.58 -0.33
C CYS A 37 -1.80 -6.14 -0.18
N PRO A 38 -1.54 -4.84 -0.39
CA PRO A 38 -0.20 -4.28 -0.28
C PRO A 38 0.30 -4.24 1.16
N THR A 39 -0.54 -4.68 2.08
CA THR A 39 -0.19 -4.70 3.50
C THR A 39 0.30 -6.08 3.93
N CYS A 40 -0.56 -7.08 3.78
CA CYS A 40 -0.21 -8.44 4.15
C CYS A 40 0.24 -9.24 2.93
N GLN A 41 -0.30 -8.87 1.76
CA GLN A 41 0.05 -9.56 0.52
C GLN A 41 -0.32 -11.04 0.59
N ALA A 42 -1.50 -11.32 1.13
CA ALA A 42 -1.96 -12.69 1.25
C ALA A 42 -3.25 -12.91 0.46
N VAL A 43 -4.20 -12.00 0.63
CA VAL A 43 -5.47 -12.10 -0.09
C VAL A 43 -5.74 -10.84 -0.91
N GLY A 44 -6.26 -11.03 -2.12
CA GLY A 44 -6.55 -9.91 -2.99
C GLY A 44 -8.04 -9.69 -3.16
N ARG A 45 -8.40 -8.83 -4.12
CA ARG A 45 -9.80 -8.52 -4.39
C ARG A 45 -10.01 -8.18 -5.86
N LYS A 46 -11.14 -8.62 -6.40
CA LYS A 46 -11.46 -8.36 -7.80
C LYS A 46 -11.07 -6.94 -8.19
N THR A 47 -11.56 -5.96 -7.46
CA THR A 47 -11.26 -4.56 -7.73
C THR A 47 -10.73 -3.86 -6.48
N ILE A 48 -10.43 -2.57 -6.61
CA ILE A 48 -9.93 -1.79 -5.50
C ILE A 48 -10.96 -1.70 -4.38
N GLU A 49 -12.19 -1.35 -4.73
CA GLU A 49 -13.26 -1.23 -3.75
C GLU A 49 -13.14 -2.32 -2.68
N GLY A 50 -13.04 -3.57 -3.12
CA GLY A 50 -12.91 -4.67 -2.19
C GLY A 50 -11.71 -4.55 -1.28
N LEU A 51 -10.55 -4.33 -1.88
CA LEU A 51 -9.32 -4.19 -1.13
C LEU A 51 -9.46 -3.14 -0.03
N LYS A 52 -9.91 -1.94 -0.42
CA LYS A 52 -10.10 -0.85 0.52
C LYS A 52 -10.78 -1.35 1.80
N LYS A 53 -11.85 -2.11 1.63
CA LYS A 53 -12.58 -2.65 2.77
C LYS A 53 -11.73 -3.62 3.56
N HIS A 54 -10.89 -4.39 2.86
CA HIS A 54 -10.01 -5.35 3.51
C HIS A 54 -8.96 -4.65 4.36
N MET A 55 -8.19 -3.76 3.74
CA MET A 55 -7.15 -3.01 4.45
C MET A 55 -7.76 -2.17 5.57
N GLU A 56 -9.02 -1.79 5.40
CA GLU A 56 -9.71 -0.98 6.40
C GLU A 56 -9.75 -1.70 7.75
N ASN A 57 -9.63 -3.02 7.71
CA ASN A 57 -9.65 -3.83 8.92
C ASN A 57 -8.50 -4.81 8.95
N CYS A 58 -7.53 -4.60 8.05
CA CYS A 58 -6.36 -5.48 7.98
C CYS A 58 -5.07 -4.69 8.20
N LYS A 59 -5.10 -3.41 7.81
CA LYS A 59 -3.94 -2.54 7.96
C LYS A 59 -3.31 -2.71 9.34
N GLN A 60 -2.35 -3.62 9.44
CA GLN A 60 -1.68 -3.88 10.71
C GLN A 60 -1.25 -2.57 11.38
N GLU A 61 -0.82 -2.66 12.62
CA GLU A 61 -0.39 -1.48 13.38
C GLU A 61 1.00 -1.04 12.93
N MET A 62 1.46 0.09 13.48
CA MET A 62 2.77 0.61 13.15
C MET A 62 3.61 0.83 14.41
N PHE A 63 4.88 1.12 14.22
CA PHE A 63 5.79 1.35 15.35
C PHE A 63 6.51 2.68 15.20
N THR A 64 6.99 3.21 16.31
CA THR A 64 7.71 4.48 16.32
C THR A 64 8.70 4.56 17.47
N CYS A 65 9.96 4.81 17.15
CA CYS A 65 11.01 4.91 18.16
C CYS A 65 10.75 6.09 19.09
N HIS A 66 11.40 6.06 20.26
CA HIS A 66 11.24 7.14 21.24
C HIS A 66 12.49 8.02 21.28
N HIS A 67 13.65 7.40 21.08
CA HIS A 67 14.91 8.13 21.11
C HIS A 67 14.95 9.18 20.00
N CYS A 68 14.89 8.71 18.75
CA CYS A 68 14.93 9.60 17.60
C CYS A 68 13.52 9.91 17.11
N GLY A 69 12.69 8.87 17.01
CA GLY A 69 11.32 9.05 16.57
C GLY A 69 11.10 8.52 15.17
N LYS A 70 11.88 7.50 14.79
CA LYS A 70 11.76 6.90 13.47
C LYS A 70 10.40 6.23 13.29
N GLN A 71 9.93 6.16 12.05
CA GLN A 71 8.64 5.55 11.75
C GLN A 71 8.76 4.64 10.54
N LEU A 72 8.96 3.35 10.77
CA LEU A 72 9.08 2.37 9.70
C LEU A 72 7.90 1.41 9.71
N ARG A 73 7.74 0.67 8.61
CA ARG A 73 6.65 -0.29 8.48
C ARG A 73 7.11 -1.69 8.86
N SER A 74 8.39 -1.97 8.61
CA SER A 74 8.95 -3.28 8.92
C SER A 74 9.64 -3.26 10.28
N LEU A 75 9.06 -3.98 11.23
CA LEU A 75 9.61 -4.06 12.58
C LEU A 75 11.13 -4.21 12.54
N ALA A 76 11.59 -5.34 12.01
CA ALA A 76 13.01 -5.61 11.90
C ALA A 76 13.79 -4.35 11.54
N GLY A 77 13.59 -3.87 10.32
CA GLY A 77 14.28 -2.68 9.87
C GLY A 77 14.50 -1.68 10.99
N MET A 78 13.43 -1.34 11.70
CA MET A 78 13.52 -0.39 12.80
C MET A 78 14.51 -0.87 13.85
N LYS A 79 14.34 -2.11 14.30
CA LYS A 79 15.22 -2.69 15.30
C LYS A 79 16.68 -2.42 14.96
N TYR A 80 17.00 -2.37 13.68
CA TYR A 80 18.36 -2.12 13.23
C TYR A 80 18.73 -0.65 13.40
N HIS A 81 17.81 0.24 13.00
CA HIS A 81 18.04 1.67 13.11
C HIS A 81 18.63 2.02 14.47
N VAL A 82 18.16 1.33 15.51
CA VAL A 82 18.65 1.58 16.87
C VAL A 82 20.10 1.11 17.03
N MET A 83 20.32 -0.18 16.81
CA MET A 83 21.66 -0.74 16.92
C MET A 83 22.62 -0.07 15.94
N ALA A 84 22.07 0.64 14.97
CA ALA A 84 22.87 1.33 13.97
C ALA A 84 23.21 2.75 14.42
N ASN A 85 22.19 3.60 14.47
CA ASN A 85 22.38 4.99 14.88
C ASN A 85 22.63 5.08 16.39
N HIS A 86 21.79 4.41 17.17
CA HIS A 86 21.92 4.41 18.62
C HIS A 86 22.90 3.33 19.07
N ASN A 87 23.94 3.11 18.29
CA ASN A 87 24.96 2.11 18.61
C ASN A 87 25.78 2.53 19.82
N SER A 88 25.57 1.85 20.94
CA SER A 88 26.30 2.16 22.18
C SER A 88 27.14 0.97 22.62
N LEU A 89 27.99 1.20 23.62
CA LEU A 89 28.85 0.15 24.15
C LEU A 89 28.44 -0.22 25.57
N PRO A 90 28.62 -1.51 25.92
CA PRO A 90 28.28 -2.03 27.25
C PRO A 90 29.22 -1.51 28.32
N SER A 91 28.70 -0.65 29.19
CA SER A 91 29.50 -0.08 30.27
C SER A 91 29.83 -1.14 31.32
N GLY A 92 28.79 -1.80 31.81
CA GLY A 92 28.98 -2.84 32.82
C GLY A 92 27.69 -3.54 33.17
N PRO A 93 27.13 -3.21 34.35
CA PRO A 93 25.88 -3.81 34.83
C PRO A 93 24.68 -3.37 34.01
N SER A 94 24.31 -4.18 33.03
CA SER A 94 23.16 -3.87 32.17
C SER A 94 21.98 -4.78 32.49
N SER A 95 22.22 -6.09 32.40
CA SER A 95 21.17 -7.07 32.67
C SER A 95 21.54 -7.94 33.87
N GLY A 96 20.54 -8.23 34.70
CA GLY A 96 20.78 -9.05 35.87
C GLY A 96 21.03 -10.51 35.53
ZN ZN B . -4.50 -7.76 4.06
ZN ZN C . 15.57 5.55 17.15
N GLY A 1 12.30 -0.48 -46.97
CA GLY A 1 11.29 0.43 -46.47
C GLY A 1 10.68 -0.03 -45.16
N SER A 2 9.81 0.80 -44.59
CA SER A 2 9.16 0.47 -43.33
C SER A 2 7.81 1.17 -43.22
N SER A 3 6.95 0.64 -42.36
CA SER A 3 5.62 1.22 -42.16
C SER A 3 4.89 0.51 -41.01
N GLY A 4 3.72 1.04 -40.65
CA GLY A 4 2.94 0.45 -39.57
C GLY A 4 2.47 1.49 -38.56
N SER A 5 1.21 1.86 -38.65
CA SER A 5 0.64 2.85 -37.74
C SER A 5 -0.82 2.53 -37.43
N SER A 6 -1.11 2.30 -36.15
CA SER A 6 -2.46 1.97 -35.72
C SER A 6 -2.55 1.92 -34.20
N GLY A 7 -3.74 2.19 -33.67
CA GLY A 7 -3.94 2.18 -32.23
C GLY A 7 -5.12 3.02 -31.80
N ARG A 8 -5.13 3.43 -30.54
CA ARG A 8 -6.21 4.23 -29.99
C ARG A 8 -5.81 5.70 -29.93
N ILE A 9 -6.61 6.57 -30.53
CA ILE A 9 -6.34 8.00 -30.54
C ILE A 9 -6.91 8.67 -29.29
N ARG A 10 -6.08 8.79 -28.26
CA ARG A 10 -6.51 9.41 -27.01
C ARG A 10 -5.33 9.56 -26.05
N LYS A 11 -5.17 10.77 -25.51
CA LYS A 11 -4.09 11.04 -24.57
C LYS A 11 -4.61 11.71 -23.31
N GLU A 12 -4.88 10.90 -22.29
CA GLU A 12 -5.39 11.41 -21.02
C GLU A 12 -5.49 10.30 -19.98
N PRO A 13 -5.16 10.63 -18.73
CA PRO A 13 -5.21 9.67 -17.62
C PRO A 13 -6.63 9.28 -17.25
N PRO A 14 -6.78 8.11 -16.60
CA PRO A 14 -8.09 7.60 -16.18
C PRO A 14 -8.67 8.42 -15.03
N VAL A 15 -9.87 8.01 -14.58
CA VAL A 15 -10.53 8.71 -13.49
C VAL A 15 -9.58 8.94 -12.32
N TYR A 16 -8.77 7.93 -12.01
CA TYR A 16 -7.82 8.03 -10.92
C TYR A 16 -6.87 9.19 -11.13
N ALA A 17 -6.09 9.51 -10.09
CA ALA A 17 -5.13 10.60 -10.17
C ALA A 17 -3.89 10.20 -10.97
N ALA A 18 -3.15 11.20 -11.44
CA ALA A 18 -1.94 10.95 -12.22
C ALA A 18 -0.72 10.85 -11.33
N GLY A 19 -0.87 10.17 -10.19
CA GLY A 19 0.23 10.03 -9.26
C GLY A 19 -0.21 9.52 -7.90
N SER A 20 -1.05 8.48 -7.90
CA SER A 20 -1.56 7.92 -6.66
C SER A 20 -1.57 6.39 -6.72
N LEU A 21 -1.81 5.76 -5.59
CA LEU A 21 -1.86 4.31 -5.51
C LEU A 21 -3.00 3.75 -6.36
N GLU A 22 -4.17 4.38 -6.25
CA GLU A 22 -5.35 3.95 -7.01
C GLU A 22 -4.96 3.56 -8.43
N GLU A 23 -4.06 4.35 -9.03
CA GLU A 23 -3.62 4.08 -10.39
C GLU A 23 -2.91 2.73 -10.48
N GLN A 24 -1.98 2.50 -9.57
CA GLN A 24 -1.23 1.23 -9.55
C GLN A 24 -2.16 0.06 -9.25
N TRP A 25 -2.80 0.11 -8.09
CA TRP A 25 -3.71 -0.95 -7.68
C TRP A 25 -4.67 -1.30 -8.80
N TYR A 26 -4.97 -0.33 -9.65
CA TYR A 26 -5.88 -0.53 -10.77
C TYR A 26 -5.26 -1.44 -11.82
N LEU A 27 -4.05 -1.09 -12.25
CA LEU A 27 -3.34 -1.87 -13.25
C LEU A 27 -3.39 -3.36 -12.93
N GLU A 28 -3.05 -3.71 -11.69
CA GLU A 28 -3.07 -5.09 -11.25
C GLU A 28 -4.37 -5.78 -11.65
N ILE A 29 -5.43 -4.99 -11.78
CA ILE A 29 -6.74 -5.52 -12.16
C ILE A 29 -6.84 -5.67 -13.68
N VAL A 30 -6.64 -4.57 -14.39
CA VAL A 30 -6.71 -4.58 -15.85
C VAL A 30 -5.66 -5.52 -16.45
N ASP A 31 -4.70 -5.91 -15.62
CA ASP A 31 -3.63 -6.81 -16.06
C ASP A 31 -3.91 -8.24 -15.62
N LYS A 32 -4.38 -8.39 -14.38
CA LYS A 32 -4.68 -9.71 -13.85
C LYS A 32 -6.17 -9.87 -13.60
N GLY A 33 -6.78 -8.86 -12.97
CA GLY A 33 -8.20 -8.90 -12.69
C GLY A 33 -8.52 -8.55 -11.25
N SER A 34 -7.49 -8.48 -10.41
CA SER A 34 -7.66 -8.14 -9.01
C SER A 34 -6.42 -7.48 -8.45
N VAL A 35 -6.58 -6.74 -7.35
CA VAL A 35 -5.47 -6.05 -6.72
C VAL A 35 -5.08 -6.74 -5.41
N SER A 36 -3.76 -6.88 -5.20
CA SER A 36 -3.26 -7.52 -4.00
C SER A 36 -3.26 -6.55 -2.81
N CYS A 37 -3.37 -7.08 -1.61
CA CYS A 37 -3.39 -6.27 -0.40
C CYS A 37 -1.99 -5.79 -0.05
N PRO A 38 -1.81 -4.47 0.01
CA PRO A 38 -0.51 -3.86 0.34
C PRO A 38 -0.13 -4.08 1.80
N THR A 39 -1.04 -4.64 2.58
CA THR A 39 -0.79 -4.91 3.99
C THR A 39 -0.16 -6.28 4.19
N CYS A 40 -0.92 -7.33 3.88
CA CYS A 40 -0.43 -8.69 4.02
C CYS A 40 0.15 -9.21 2.71
N GLN A 41 -0.42 -8.74 1.59
CA GLN A 41 0.06 -9.15 0.27
C GLN A 41 -0.16 -10.65 0.06
N ALA A 42 -1.26 -11.17 0.60
CA ALA A 42 -1.57 -12.59 0.48
C ALA A 42 -2.79 -12.80 -0.43
N VAL A 43 -3.83 -12.02 -0.19
CA VAL A 43 -5.05 -12.11 -0.98
C VAL A 43 -5.42 -10.76 -1.60
N GLY A 44 -5.92 -10.80 -2.84
CA GLY A 44 -6.30 -9.58 -3.51
C GLY A 44 -7.80 -9.46 -3.68
N ARG A 45 -8.28 -8.24 -3.94
CA ARG A 45 -9.70 -8.00 -4.12
C ARG A 45 -10.01 -7.71 -5.59
N LYS A 46 -11.22 -8.08 -6.01
CA LYS A 46 -11.64 -7.87 -7.39
C LYS A 46 -11.23 -6.48 -7.88
N THR A 47 -11.61 -5.45 -7.12
CA THR A 47 -11.27 -4.08 -7.48
C THR A 47 -10.81 -3.29 -6.26
N ILE A 48 -10.37 -2.07 -6.49
CA ILE A 48 -9.89 -1.21 -5.41
C ILE A 48 -10.95 -1.06 -4.33
N GLU A 49 -12.21 -1.12 -4.73
CA GLU A 49 -13.33 -0.99 -3.80
C GLU A 49 -13.24 -2.05 -2.70
N GLY A 50 -13.15 -3.31 -3.10
CA GLY A 50 -13.07 -4.40 -2.14
C GLY A 50 -11.78 -4.36 -1.34
N LEU A 51 -10.74 -3.78 -1.93
CA LEU A 51 -9.44 -3.68 -1.27
C LEU A 51 -9.53 -2.81 -0.02
N LYS A 52 -9.94 -1.55 -0.21
CA LYS A 52 -10.06 -0.62 0.90
C LYS A 52 -10.87 -1.23 2.04
N LYS A 53 -11.85 -2.06 1.68
CA LYS A 53 -12.69 -2.72 2.68
C LYS A 53 -11.94 -3.85 3.37
N HIS A 54 -10.96 -4.41 2.67
CA HIS A 54 -10.16 -5.50 3.22
C HIS A 54 -9.01 -4.97 4.06
N MET A 55 -8.25 -4.04 3.49
CA MET A 55 -7.11 -3.44 4.19
C MET A 55 -7.58 -2.63 5.39
N GLU A 56 -8.81 -2.11 5.31
CA GLU A 56 -9.37 -1.31 6.39
C GLU A 56 -9.34 -2.08 7.71
N ASN A 57 -9.72 -3.35 7.65
CA ASN A 57 -9.73 -4.20 8.84
C ASN A 57 -8.45 -5.01 8.95
N CYS A 58 -7.99 -5.53 7.81
CA CYS A 58 -6.77 -6.33 7.78
C CYS A 58 -5.60 -5.57 8.41
N LYS A 59 -5.62 -4.25 8.28
CA LYS A 59 -4.56 -3.41 8.83
C LYS A 59 -4.04 -3.99 10.15
N GLN A 60 -2.86 -4.60 10.10
CA GLN A 60 -2.26 -5.19 11.29
C GLN A 60 -1.61 -4.12 12.16
N GLU A 61 -2.38 -3.10 12.52
CA GLU A 61 -1.88 -2.01 13.35
C GLU A 61 -1.95 -2.38 14.83
N MET A 62 -0.82 -2.27 15.52
CA MET A 62 -0.76 -2.58 16.93
C MET A 62 0.40 -1.85 17.60
N PHE A 63 0.55 -2.04 18.91
CA PHE A 63 1.61 -1.39 19.67
C PHE A 63 2.13 -2.32 20.76
N THR A 64 3.36 -2.07 21.21
CA THR A 64 3.98 -2.87 22.25
C THR A 64 4.98 -2.06 23.05
N CYS A 65 4.82 -2.06 24.37
CA CYS A 65 5.72 -1.32 25.25
C CYS A 65 7.08 -2.00 25.33
N HIS A 66 8.08 -1.26 25.78
CA HIS A 66 9.43 -1.78 25.92
C HIS A 66 9.78 -2.05 27.38
N HIS A 67 9.31 -1.16 28.26
CA HIS A 67 9.57 -1.30 29.69
C HIS A 67 9.17 -2.70 30.18
N CYS A 68 7.87 -2.97 30.16
CA CYS A 68 7.36 -4.26 30.61
C CYS A 68 7.11 -5.19 29.42
N GLY A 69 6.60 -4.62 28.33
CA GLY A 69 6.32 -5.40 27.15
C GLY A 69 4.85 -5.77 27.02
N LYS A 70 3.98 -4.80 27.31
CA LYS A 70 2.54 -5.02 27.22
C LYS A 70 2.04 -4.80 25.80
N GLN A 71 0.95 -5.48 25.45
CA GLN A 71 0.37 -5.36 24.11
C GLN A 71 -1.11 -5.01 24.19
N LEU A 72 -1.44 -3.78 23.81
CA LEU A 72 -2.83 -3.32 23.84
C LEU A 72 -3.28 -2.86 22.46
N ARG A 73 -4.58 -2.81 22.24
CA ARG A 73 -5.14 -2.39 20.96
C ARG A 73 -5.17 -0.87 20.87
N SER A 74 -5.76 -0.22 21.87
CA SER A 74 -5.87 1.22 21.90
C SER A 74 -4.60 1.85 22.46
N LEU A 75 -3.96 2.70 21.66
CA LEU A 75 -2.73 3.36 22.06
C LEU A 75 -2.92 4.10 23.39
N ALA A 76 -4.06 4.78 23.52
CA ALA A 76 -4.37 5.52 24.74
C ALA A 76 -4.18 4.66 25.97
N GLY A 77 -5.07 3.68 26.14
CA GLY A 77 -4.99 2.78 27.28
C GLY A 77 -3.57 2.38 27.59
N MET A 78 -2.79 2.07 26.55
CA MET A 78 -1.40 1.66 26.72
C MET A 78 -0.55 2.81 27.25
N LYS A 79 -0.42 3.86 26.45
CA LYS A 79 0.36 5.02 26.83
C LYS A 79 0.15 5.37 28.31
N TYR A 80 -1.02 5.03 28.82
CA TYR A 80 -1.35 5.30 30.21
C TYR A 80 -0.72 4.27 31.13
N HIS A 81 -0.72 3.01 30.69
CA HIS A 81 -0.14 1.93 31.47
C HIS A 81 1.31 2.23 31.82
N VAL A 82 1.98 3.02 30.98
CA VAL A 82 3.37 3.38 31.21
C VAL A 82 3.48 4.53 32.20
N MET A 83 2.74 5.60 31.93
CA MET A 83 2.75 6.78 32.80
C MET A 83 2.17 6.44 34.17
N ALA A 84 1.57 5.26 34.29
CA ALA A 84 0.97 4.82 35.54
C ALA A 84 1.92 3.91 36.31
N ASN A 85 2.21 2.75 35.75
CA ASN A 85 3.11 1.78 36.39
C ASN A 85 4.56 2.24 36.29
N HIS A 86 4.98 2.63 35.09
CA HIS A 86 6.34 3.09 34.86
C HIS A 86 6.46 4.59 35.15
N ASN A 87 5.69 5.06 36.12
CA ASN A 87 5.72 6.47 36.49
C ASN A 87 7.06 6.86 37.09
N SER A 88 8.00 7.25 36.23
CA SER A 88 9.34 7.64 36.65
C SER A 88 9.76 8.94 36.00
N LEU A 89 10.81 9.55 36.53
CA LEU A 89 11.33 10.81 35.99
C LEU A 89 11.47 10.73 34.48
N PRO A 90 11.32 11.88 33.81
CA PRO A 90 11.45 11.97 32.34
C PRO A 90 12.88 11.76 31.87
N SER A 91 13.25 10.51 31.63
CA SER A 91 14.60 10.19 31.18
C SER A 91 14.70 10.30 29.66
N GLY A 92 15.85 9.94 29.12
CA GLY A 92 16.06 10.01 27.69
C GLY A 92 17.37 9.37 27.25
N PRO A 93 17.30 8.53 26.20
CA PRO A 93 18.48 7.83 25.66
C PRO A 93 19.45 8.78 24.97
N SER A 94 18.91 9.64 24.11
CA SER A 94 19.74 10.60 23.39
C SER A 94 18.92 11.83 23.00
N SER A 95 19.52 13.01 23.17
CA SER A 95 18.85 14.26 22.85
C SER A 95 19.03 14.61 21.37
N GLY A 96 18.39 15.69 20.94
CA GLY A 96 18.49 16.11 19.56
C GLY A 96 18.64 17.61 19.41
ZN ZN B . -4.53 -7.88 3.86
ZN ZN C . 4.97 -1.17 29.89
N GLY A 1 1.78 -15.47 -20.15
CA GLY A 1 2.19 -14.14 -20.55
C GLY A 1 1.27 -13.55 -21.61
N SER A 2 1.83 -12.69 -22.46
CA SER A 2 1.05 -12.06 -23.51
C SER A 2 1.31 -12.73 -24.86
N SER A 3 0.47 -12.41 -25.84
CA SER A 3 0.60 -12.98 -27.17
C SER A 3 1.69 -12.28 -27.97
N GLY A 4 1.67 -10.94 -27.93
CA GLY A 4 2.66 -10.17 -28.66
C GLY A 4 2.10 -8.86 -29.18
N SER A 5 1.66 -8.00 -28.26
CA SER A 5 1.09 -6.71 -28.63
C SER A 5 2.07 -5.58 -28.35
N SER A 6 2.40 -4.82 -29.38
CA SER A 6 3.33 -3.70 -29.23
C SER A 6 2.89 -2.76 -28.11
N GLY A 7 1.68 -2.22 -28.24
CA GLY A 7 1.16 -1.31 -27.24
C GLY A 7 -0.35 -1.19 -27.31
N ARG A 8 -0.86 -0.05 -26.82
CA ARG A 8 -2.30 0.19 -26.83
C ARG A 8 -2.65 1.33 -27.79
N ILE A 9 -3.89 1.32 -28.26
CA ILE A 9 -4.36 2.36 -29.19
C ILE A 9 -5.16 3.43 -28.46
N ARG A 10 -5.63 3.10 -27.25
CA ARG A 10 -6.41 4.03 -26.46
C ARG A 10 -5.82 4.17 -25.05
N LYS A 11 -4.95 5.16 -24.87
CA LYS A 11 -4.31 5.39 -23.57
C LYS A 11 -4.75 6.73 -23.00
N GLU A 12 -5.34 6.69 -21.80
CA GLU A 12 -5.80 7.90 -21.14
C GLU A 12 -5.91 7.69 -19.64
N PRO A 13 -5.61 8.75 -18.87
CA PRO A 13 -5.66 8.71 -17.40
C PRO A 13 -7.09 8.61 -16.87
N PRO A 14 -7.36 7.55 -16.09
CA PRO A 14 -8.68 7.31 -15.51
C PRO A 14 -9.03 8.33 -14.43
N VAL A 15 -10.22 8.19 -13.84
CA VAL A 15 -10.67 9.09 -12.79
C VAL A 15 -9.61 9.24 -11.70
N TYR A 16 -8.99 8.12 -11.33
CA TYR A 16 -7.96 8.12 -10.30
C TYR A 16 -6.83 9.09 -10.66
N ALA A 17 -6.19 9.64 -9.63
CA ALA A 17 -5.09 10.58 -9.84
C ALA A 17 -3.92 9.92 -10.55
N ALA A 18 -3.20 10.70 -11.35
CA ALA A 18 -2.05 10.18 -12.09
C ALA A 18 -0.82 10.09 -11.19
N GLY A 19 -1.00 9.52 -10.01
CA GLY A 19 0.11 9.38 -9.08
C GLY A 19 -0.34 8.97 -7.70
N SER A 20 -1.34 8.09 -7.63
CA SER A 20 -1.86 7.63 -6.35
C SER A 20 -2.01 6.11 -6.35
N LEU A 21 -2.20 5.55 -5.17
CA LEU A 21 -2.36 4.10 -5.02
C LEU A 21 -3.49 3.59 -5.91
N GLU A 22 -4.66 4.20 -5.79
CA GLU A 22 -5.82 3.80 -6.57
C GLU A 22 -5.42 3.49 -8.01
N GLU A 23 -4.59 4.34 -8.59
CA GLU A 23 -4.13 4.16 -9.96
C GLU A 23 -3.32 2.87 -10.10
N GLN A 24 -2.35 2.69 -9.20
CA GLN A 24 -1.51 1.51 -9.21
C GLN A 24 -2.35 0.24 -9.16
N TRP A 25 -3.15 0.11 -8.11
CA TRP A 25 -4.01 -1.05 -7.93
C TRP A 25 -4.77 -1.37 -9.22
N TYR A 26 -5.54 -0.40 -9.70
CA TYR A 26 -6.31 -0.57 -10.92
C TYR A 26 -5.54 -1.40 -11.95
N LEU A 27 -4.30 -1.00 -12.21
CA LEU A 27 -3.46 -1.70 -13.17
C LEU A 27 -3.35 -3.18 -12.81
N GLU A 28 -2.98 -3.46 -11.57
CA GLU A 28 -2.83 -4.83 -11.11
C GLU A 28 -4.05 -5.67 -11.49
N ILE A 29 -5.17 -4.99 -11.73
CA ILE A 29 -6.40 -5.66 -12.10
C ILE A 29 -6.61 -5.64 -13.62
N VAL A 30 -6.19 -4.55 -14.25
CA VAL A 30 -6.33 -4.40 -15.69
C VAL A 30 -5.24 -5.19 -16.42
N ASP A 31 -4.24 -5.65 -15.67
CA ASP A 31 -3.15 -6.42 -16.25
C ASP A 31 -3.25 -7.89 -15.86
N LYS A 32 -3.33 -8.13 -14.55
CA LYS A 32 -3.44 -9.50 -14.04
C LYS A 32 -4.90 -9.94 -13.95
N GLY A 33 -5.73 -9.08 -13.37
CA GLY A 33 -7.14 -9.40 -13.23
C GLY A 33 -7.66 -9.11 -11.85
N SER A 34 -6.76 -8.96 -10.89
CA SER A 34 -7.14 -8.67 -9.51
C SER A 34 -5.96 -8.09 -8.73
N VAL A 35 -6.27 -7.18 -7.81
CA VAL A 35 -5.24 -6.55 -6.99
C VAL A 35 -5.02 -7.30 -5.68
N SER A 36 -3.79 -7.28 -5.20
CA SER A 36 -3.45 -7.97 -3.95
C SER A 36 -3.31 -6.98 -2.80
N CYS A 37 -3.47 -7.47 -1.58
CA CYS A 37 -3.37 -6.64 -0.39
C CYS A 37 -1.94 -6.09 -0.23
N PRO A 38 -1.80 -4.77 -0.40
CA PRO A 38 -0.49 -4.10 -0.28
C PRO A 38 0.02 -4.07 1.15
N THR A 39 -0.78 -4.63 2.07
CA THR A 39 -0.42 -4.66 3.47
C THR A 39 0.11 -6.04 3.87
N CYS A 40 -0.72 -7.06 3.69
CA CYS A 40 -0.35 -8.43 4.02
C CYS A 40 0.10 -9.19 2.77
N GLN A 41 -0.41 -8.78 1.62
CA GLN A 41 -0.06 -9.42 0.36
C GLN A 41 -0.36 -10.91 0.41
N ALA A 42 -1.49 -11.27 0.99
CA ALA A 42 -1.89 -12.67 1.10
C ALA A 42 -3.16 -12.94 0.29
N VAL A 43 -4.13 -12.03 0.40
CA VAL A 43 -5.39 -12.17 -0.33
C VAL A 43 -5.78 -10.87 -1.00
N GLY A 44 -6.17 -10.96 -2.28
CA GLY A 44 -6.56 -9.78 -3.02
C GLY A 44 -8.03 -9.80 -3.40
N ARG A 45 -8.47 -8.77 -4.11
CA ARG A 45 -9.86 -8.68 -4.54
C ARG A 45 -9.96 -8.45 -6.05
N LYS A 46 -11.15 -8.66 -6.60
CA LYS A 46 -11.37 -8.48 -8.02
C LYS A 46 -11.31 -7.01 -8.40
N THR A 47 -11.59 -6.13 -7.44
CA THR A 47 -11.56 -4.70 -7.68
C THR A 47 -10.96 -3.96 -6.48
N ILE A 48 -10.73 -2.65 -6.66
CA ILE A 48 -10.17 -1.84 -5.59
C ILE A 48 -11.17 -1.64 -4.45
N GLU A 49 -12.34 -1.11 -4.78
CA GLU A 49 -13.38 -0.87 -3.79
C GLU A 49 -13.36 -1.97 -2.72
N GLY A 50 -13.59 -3.21 -3.15
CA GLY A 50 -13.61 -4.32 -2.22
C GLY A 50 -12.34 -4.41 -1.40
N LEU A 51 -11.19 -4.28 -2.07
CA LEU A 51 -9.90 -4.35 -1.40
C LEU A 51 -9.80 -3.30 -0.29
N LYS A 52 -10.11 -2.05 -0.63
CA LYS A 52 -10.07 -0.96 0.33
C LYS A 52 -10.61 -1.41 1.69
N LYS A 53 -11.79 -2.02 1.67
CA LYS A 53 -12.42 -2.49 2.90
C LYS A 53 -11.54 -3.54 3.59
N HIS A 54 -10.83 -4.34 2.80
CA HIS A 54 -9.96 -5.36 3.34
C HIS A 54 -8.75 -4.74 4.04
N MET A 55 -8.02 -3.91 3.31
CA MET A 55 -6.85 -3.24 3.85
C MET A 55 -7.22 -2.35 5.03
N GLU A 56 -8.49 -1.94 5.07
CA GLU A 56 -8.97 -1.08 6.15
C GLU A 56 -8.95 -1.82 7.49
N ASN A 57 -9.35 -3.09 7.47
CA ASN A 57 -9.37 -3.90 8.67
C ASN A 57 -8.11 -4.75 8.79
N CYS A 58 -7.35 -4.81 7.69
CA CYS A 58 -6.11 -5.59 7.67
C CYS A 58 -4.92 -4.71 8.00
N LYS A 59 -5.19 -3.54 8.57
CA LYS A 59 -4.13 -2.60 8.93
C LYS A 59 -3.16 -3.23 9.94
N GLN A 60 -1.91 -2.82 9.88
CA GLN A 60 -0.90 -3.34 10.79
C GLN A 60 -0.87 -2.55 12.09
N GLU A 61 -0.84 -3.28 13.21
CA GLU A 61 -0.82 -2.65 14.53
C GLU A 61 0.42 -3.07 15.31
N MET A 62 0.82 -2.23 16.27
CA MET A 62 1.99 -2.51 17.08
C MET A 62 2.12 -4.02 17.35
N PHE A 63 3.35 -4.51 17.28
CA PHE A 63 3.61 -5.93 17.51
C PHE A 63 4.59 -6.13 18.66
N THR A 64 4.87 -7.38 18.98
CA THR A 64 5.79 -7.70 20.07
C THR A 64 6.36 -9.10 19.91
N CYS A 65 7.68 -9.20 19.75
CA CYS A 65 8.35 -10.48 19.58
C CYS A 65 8.09 -11.39 20.78
N HIS A 66 8.29 -12.69 20.59
CA HIS A 66 8.09 -13.66 21.65
C HIS A 66 9.41 -14.19 22.18
N HIS A 67 10.38 -14.37 21.28
CA HIS A 67 11.69 -14.86 21.65
C HIS A 67 12.34 -13.96 22.70
N CYS A 68 12.50 -12.67 22.35
CA CYS A 68 13.10 -11.70 23.25
C CYS A 68 12.04 -10.85 23.92
N GLY A 69 11.06 -10.39 23.13
CA GLY A 69 10.00 -9.56 23.67
C GLY A 69 10.11 -8.11 23.24
N LYS A 70 10.74 -7.89 22.08
CA LYS A 70 10.91 -6.54 21.55
C LYS A 70 9.55 -5.91 21.22
N GLN A 71 9.51 -4.58 21.25
CA GLN A 71 8.27 -3.86 20.95
C GLN A 71 8.56 -2.64 20.10
N LEU A 72 8.22 -2.72 18.82
CA LEU A 72 8.44 -1.61 17.89
C LEU A 72 7.20 -1.34 17.06
N ARG A 73 6.93 -0.06 16.80
CA ARG A 73 5.77 0.34 16.02
C ARG A 73 6.01 0.10 14.53
N SER A 74 7.27 0.14 14.13
CA SER A 74 7.64 -0.07 12.73
C SER A 74 8.10 -1.51 12.51
N LEU A 75 7.26 -2.29 11.84
CA LEU A 75 7.57 -3.68 11.55
C LEU A 75 8.97 -3.82 10.98
N ALA A 76 9.33 -2.92 10.07
CA ALA A 76 10.65 -2.93 9.45
C ALA A 76 11.74 -3.12 10.50
N GLY A 77 11.87 -2.16 11.41
CA GLY A 77 12.87 -2.24 12.44
C GLY A 77 12.85 -3.57 13.18
N MET A 78 11.65 -4.03 13.53
CA MET A 78 11.48 -5.29 14.23
C MET A 78 12.06 -6.44 13.42
N LYS A 79 11.56 -6.62 12.20
CA LYS A 79 12.02 -7.68 11.33
C LYS A 79 13.54 -7.75 11.31
N TYR A 80 14.18 -6.66 11.70
CA TYR A 80 15.64 -6.59 11.73
C TYR A 80 16.18 -7.05 13.08
N HIS A 81 15.47 -6.69 14.14
CA HIS A 81 15.87 -7.07 15.49
C HIS A 81 16.14 -8.56 15.58
N VAL A 82 15.44 -9.34 14.76
CA VAL A 82 15.60 -10.79 14.74
C VAL A 82 16.93 -11.19 14.10
N MET A 83 17.18 -10.65 12.91
CA MET A 83 18.41 -10.95 12.18
C MET A 83 19.62 -10.40 12.92
N ALA A 84 19.39 -9.38 13.74
CA ALA A 84 20.46 -8.75 14.50
C ALA A 84 20.71 -9.51 15.81
N ASN A 85 19.65 -9.74 16.57
CA ASN A 85 19.76 -10.44 17.85
C ASN A 85 19.73 -11.95 17.62
N HIS A 86 18.64 -12.44 17.05
CA HIS A 86 18.49 -13.87 16.78
C HIS A 86 19.19 -14.26 15.48
N ASN A 87 20.38 -13.71 15.26
CA ASN A 87 21.14 -14.00 14.05
C ASN A 87 21.48 -15.49 13.96
N SER A 88 20.64 -16.23 13.25
CA SER A 88 20.83 -17.66 13.09
C SER A 88 20.86 -18.04 11.61
N LEU A 89 22.01 -17.83 10.98
CA LEU A 89 22.17 -18.16 9.56
C LEU A 89 23.12 -19.34 9.37
N PRO A 90 22.89 -20.13 8.32
CA PRO A 90 23.71 -21.29 8.00
C PRO A 90 25.11 -20.90 7.52
N SER A 91 26.03 -21.86 7.53
CA SER A 91 27.39 -21.61 7.09
C SER A 91 27.43 -20.62 5.94
N GLY A 92 26.61 -20.87 4.93
CA GLY A 92 26.56 -19.98 3.78
C GLY A 92 26.83 -18.53 4.14
N PRO A 93 28.09 -18.10 3.99
CA PRO A 93 28.49 -16.73 4.31
C PRO A 93 27.92 -15.71 3.33
N SER A 94 28.09 -14.43 3.65
CA SER A 94 27.59 -13.36 2.80
C SER A 94 28.74 -12.65 2.08
N SER A 95 28.41 -11.99 0.97
CA SER A 95 29.41 -11.28 0.19
C SER A 95 30.13 -10.23 1.05
N GLY A 96 29.35 -9.28 1.57
CA GLY A 96 29.93 -8.24 2.40
C GLY A 96 31.22 -7.69 1.83
ZN ZN B . -4.54 -8.02 3.96
ZN ZN C . 13.01 -10.95 19.15
N GLY A 1 4.50 51.23 -28.31
CA GLY A 1 4.57 50.12 -27.37
C GLY A 1 3.25 49.38 -27.26
N SER A 2 3.32 48.07 -27.08
CA SER A 2 2.12 47.25 -26.97
C SER A 2 2.46 45.84 -26.46
N SER A 3 1.46 45.15 -25.95
CA SER A 3 1.66 43.80 -25.42
C SER A 3 0.32 43.12 -25.17
N GLY A 4 0.36 41.80 -24.97
CA GLY A 4 -0.86 41.06 -24.72
C GLY A 4 -0.63 39.55 -24.78
N SER A 5 -1.55 38.79 -24.18
CA SER A 5 -1.45 37.34 -24.17
C SER A 5 -2.68 36.71 -23.53
N SER A 6 -2.77 35.39 -23.58
CA SER A 6 -3.90 34.66 -23.02
C SER A 6 -3.65 33.16 -23.05
N GLY A 7 -4.55 32.41 -22.42
CA GLY A 7 -4.41 30.97 -22.37
C GLY A 7 -5.40 30.31 -21.43
N ARG A 8 -6.02 29.23 -21.88
CA ARG A 8 -6.99 28.51 -21.07
C ARG A 8 -6.87 27.00 -21.27
N ILE A 9 -6.87 26.27 -20.17
CA ILE A 9 -6.76 24.82 -20.23
C ILE A 9 -7.74 24.15 -19.27
N ARG A 10 -8.65 23.36 -19.82
CA ARG A 10 -9.66 22.67 -19.01
C ARG A 10 -9.46 21.16 -19.09
N LYS A 11 -9.71 20.47 -17.98
CA LYS A 11 -9.56 19.03 -17.93
C LYS A 11 -10.18 18.46 -16.65
N GLU A 12 -10.42 17.16 -16.64
CA GLU A 12 -11.01 16.50 -15.48
C GLU A 12 -10.35 15.15 -15.22
N PRO A 13 -9.67 15.05 -14.06
CA PRO A 13 -8.97 13.82 -13.67
C PRO A 13 -9.93 12.69 -13.31
N PRO A 14 -9.47 11.45 -13.47
CA PRO A 14 -10.27 10.26 -13.17
C PRO A 14 -10.51 10.09 -11.67
N VAL A 15 -11.35 9.12 -11.32
CA VAL A 15 -11.66 8.84 -9.92
C VAL A 15 -10.43 9.04 -9.04
N TYR A 16 -9.29 8.52 -9.50
CA TYR A 16 -8.04 8.62 -8.76
C TYR A 16 -7.16 9.73 -9.32
N ALA A 17 -6.13 10.09 -8.57
CA ALA A 17 -5.20 11.13 -9.01
C ALA A 17 -4.33 10.65 -10.15
N ALA A 18 -3.57 11.57 -10.76
CA ALA A 18 -2.70 11.23 -11.87
C ALA A 18 -1.38 10.64 -11.36
N GLY A 19 -1.47 9.75 -10.38
CA GLY A 19 -0.28 9.13 -9.82
C GLY A 19 -0.45 8.76 -8.36
N SER A 20 -1.57 8.13 -8.03
CA SER A 20 -1.85 7.73 -6.66
C SER A 20 -2.00 6.22 -6.55
N LEU A 21 -1.85 5.70 -5.33
CA LEU A 21 -1.96 4.27 -5.09
C LEU A 21 -3.28 3.73 -5.63
N GLU A 22 -4.32 4.54 -5.55
CA GLU A 22 -5.65 4.14 -6.03
C GLU A 22 -5.60 3.79 -7.51
N GLU A 23 -4.63 4.37 -8.22
CA GLU A 23 -4.47 4.12 -9.65
C GLU A 23 -3.59 2.90 -9.90
N GLN A 24 -2.54 2.76 -9.09
CA GLN A 24 -1.62 1.64 -9.23
C GLN A 24 -2.36 0.31 -9.09
N TRP A 25 -3.20 0.20 -8.08
CA TRP A 25 -3.97 -1.01 -7.84
C TRP A 25 -4.81 -1.38 -9.07
N TYR A 26 -5.57 -0.41 -9.56
CA TYR A 26 -6.41 -0.63 -10.72
C TYR A 26 -5.66 -1.37 -11.81
N LEU A 27 -4.46 -0.89 -12.12
CA LEU A 27 -3.63 -1.51 -13.15
C LEU A 27 -3.44 -3.00 -12.87
N GLU A 28 -2.80 -3.32 -11.76
CA GLU A 28 -2.56 -4.70 -11.38
C GLU A 28 -3.74 -5.58 -11.75
N ILE A 29 -4.93 -5.00 -11.73
CA ILE A 29 -6.14 -5.74 -12.06
C ILE A 29 -6.39 -5.73 -13.58
N VAL A 30 -6.31 -4.55 -14.16
CA VAL A 30 -6.53 -4.40 -15.61
C VAL A 30 -5.48 -5.18 -16.39
N ASP A 31 -4.42 -5.60 -15.71
CA ASP A 31 -3.34 -6.35 -16.35
C ASP A 31 -3.47 -7.84 -16.03
N LYS A 32 -3.78 -8.15 -14.79
CA LYS A 32 -3.93 -9.53 -14.36
C LYS A 32 -5.41 -9.90 -14.20
N GLY A 33 -6.14 -9.09 -13.45
CA GLY A 33 -7.55 -9.35 -13.24
C GLY A 33 -7.98 -9.08 -11.81
N SER A 34 -7.01 -9.04 -10.90
CA SER A 34 -7.30 -8.80 -9.48
C SER A 34 -6.09 -8.18 -8.78
N VAL A 35 -6.35 -7.45 -7.70
CA VAL A 35 -5.28 -6.81 -6.93
C VAL A 35 -5.11 -7.47 -5.58
N SER A 36 -3.85 -7.65 -5.17
CA SER A 36 -3.54 -8.28 -3.89
C SER A 36 -3.33 -7.22 -2.81
N CYS A 37 -3.47 -7.64 -1.55
CA CYS A 37 -3.30 -6.73 -0.42
C CYS A 37 -1.85 -6.27 -0.31
N PRO A 38 -1.63 -4.98 -0.55
CA PRO A 38 -0.29 -4.37 -0.49
C PRO A 38 0.23 -4.29 0.95
N THR A 39 -0.59 -4.73 1.90
CA THR A 39 -0.21 -4.70 3.31
C THR A 39 0.32 -6.06 3.76
N CYS A 40 -0.52 -7.09 3.60
CA CYS A 40 -0.15 -8.44 3.98
C CYS A 40 0.20 -9.29 2.76
N GLN A 41 -0.36 -8.92 1.62
CA GLN A 41 -0.12 -9.64 0.37
C GLN A 41 -0.49 -11.11 0.52
N ALA A 42 -1.59 -11.37 1.22
CA ALA A 42 -2.05 -12.74 1.42
C ALA A 42 -3.35 -13.01 0.65
N VAL A 43 -4.28 -12.06 0.72
CA VAL A 43 -5.56 -12.19 0.03
C VAL A 43 -5.83 -10.96 -0.85
N GLY A 44 -6.34 -11.21 -2.05
CA GLY A 44 -6.65 -10.13 -2.96
C GLY A 44 -8.14 -10.00 -3.23
N ARG A 45 -8.50 -8.99 -4.02
CA ARG A 45 -9.91 -8.76 -4.35
C ARG A 45 -10.08 -8.53 -5.85
N LYS A 46 -11.32 -8.59 -6.32
CA LYS A 46 -11.62 -8.38 -7.73
C LYS A 46 -11.16 -7.00 -8.19
N THR A 47 -11.52 -5.98 -7.41
CA THR A 47 -11.15 -4.61 -7.74
C THR A 47 -10.65 -3.86 -6.50
N ILE A 48 -10.37 -2.57 -6.67
CA ILE A 48 -9.89 -1.75 -5.57
C ILE A 48 -10.96 -1.56 -4.51
N GLU A 49 -12.20 -1.37 -4.96
CA GLU A 49 -13.32 -1.17 -4.04
C GLU A 49 -13.34 -2.26 -2.96
N GLY A 50 -13.19 -3.50 -3.39
CA GLY A 50 -13.19 -4.62 -2.46
C GLY A 50 -11.96 -4.63 -1.58
N LEU A 51 -10.80 -4.38 -2.18
CA LEU A 51 -9.54 -4.37 -1.44
C LEU A 51 -9.56 -3.30 -0.35
N LYS A 52 -10.08 -2.13 -0.67
CA LYS A 52 -10.16 -1.03 0.28
C LYS A 52 -10.78 -1.50 1.59
N LYS A 53 -11.93 -2.18 1.49
CA LYS A 53 -12.63 -2.68 2.65
C LYS A 53 -11.78 -3.73 3.39
N HIS A 54 -10.75 -4.22 2.72
CA HIS A 54 -9.86 -5.21 3.31
C HIS A 54 -8.67 -4.55 4.00
N MET A 55 -8.01 -3.65 3.28
CA MET A 55 -6.86 -2.93 3.82
C MET A 55 -7.28 -1.94 4.90
N GLU A 56 -8.54 -1.52 4.85
CA GLU A 56 -9.06 -0.57 5.82
C GLU A 56 -8.78 -1.03 7.24
N ASN A 57 -8.93 -2.33 7.49
CA ASN A 57 -8.69 -2.90 8.81
C ASN A 57 -7.36 -3.64 8.84
N CYS A 58 -7.03 -4.30 7.74
CA CYS A 58 -5.79 -5.05 7.64
C CYS A 58 -4.58 -4.12 7.74
N LYS A 59 -4.54 -3.11 6.86
CA LYS A 59 -3.44 -2.15 6.85
C LYS A 59 -3.05 -1.75 8.27
N GLN A 60 -1.88 -2.20 8.71
CA GLN A 60 -1.40 -1.88 10.04
C GLN A 60 -0.60 -0.59 10.05
N GLU A 61 -0.22 -0.12 11.23
CA GLU A 61 0.55 1.10 11.37
C GLU A 61 1.84 1.03 10.55
N MET A 62 2.37 2.19 10.20
CA MET A 62 3.60 2.26 9.42
C MET A 62 4.40 3.51 9.79
N PHE A 63 5.60 3.63 9.21
CA PHE A 63 6.46 4.78 9.47
C PHE A 63 7.21 5.20 8.21
N THR A 64 8.01 6.26 8.33
CA THR A 64 8.79 6.75 7.20
C THR A 64 9.89 7.70 7.66
N CYS A 65 11.13 7.37 7.34
CA CYS A 65 12.27 8.18 7.72
C CYS A 65 12.20 9.56 7.06
N HIS A 66 12.94 10.51 7.61
CA HIS A 66 12.97 11.87 7.08
C HIS A 66 14.27 12.14 6.34
N HIS A 67 15.37 11.58 6.85
CA HIS A 67 16.68 11.76 6.23
C HIS A 67 16.64 11.40 4.76
N CYS A 68 16.43 10.12 4.48
CA CYS A 68 16.37 9.63 3.10
C CYS A 68 14.92 9.48 2.64
N GLY A 69 14.07 8.98 3.53
CA GLY A 69 12.67 8.80 3.20
C GLY A 69 12.33 7.34 2.92
N LYS A 70 12.89 6.44 3.72
CA LYS A 70 12.64 5.02 3.56
C LYS A 70 11.36 4.60 4.27
N GLN A 71 10.74 3.53 3.79
CA GLN A 71 9.50 3.02 4.36
C GLN A 71 9.60 1.53 4.65
N LEU A 72 9.60 1.18 5.94
CA LEU A 72 9.70 -0.22 6.35
C LEU A 72 8.46 -0.63 7.15
N ARG A 73 8.03 -1.87 6.95
CA ARG A 73 6.86 -2.40 7.65
C ARG A 73 6.99 -2.20 9.16
N SER A 74 8.09 -2.69 9.71
CA SER A 74 8.33 -2.57 11.15
C SER A 74 9.07 -1.27 11.47
N LEU A 75 9.27 -1.02 12.75
CA LEU A 75 9.97 0.19 13.20
C LEU A 75 11.43 -0.12 13.54
N ALA A 76 11.63 -1.15 14.34
CA ALA A 76 12.97 -1.55 14.74
C ALA A 76 13.94 -1.49 13.56
N GLY A 77 13.72 -2.36 12.57
CA GLY A 77 14.58 -2.39 11.40
C GLY A 77 14.89 -1.00 10.88
N MET A 78 13.84 -0.21 10.66
CA MET A 78 14.00 1.15 10.15
C MET A 78 14.91 1.97 11.06
N LYS A 79 14.46 2.20 12.29
CA LYS A 79 15.23 2.97 13.25
C LYS A 79 16.71 2.61 13.19
N TYR A 80 16.99 1.39 12.71
CA TYR A 80 18.36 0.92 12.59
C TYR A 80 19.00 1.40 11.30
N HIS A 81 18.20 1.43 10.24
CA HIS A 81 18.68 1.87 8.93
C HIS A 81 19.25 3.28 9.00
N VAL A 82 18.75 4.07 9.96
CA VAL A 82 19.21 5.44 10.15
C VAL A 82 20.62 5.47 10.73
N MET A 83 20.82 4.74 11.82
CA MET A 83 22.12 4.68 12.48
C MET A 83 23.14 3.95 11.61
N ALA A 84 22.65 3.14 10.69
CA ALA A 84 23.51 2.38 9.79
C ALA A 84 23.98 3.25 8.62
N ASN A 85 23.03 3.84 7.91
CA ASN A 85 23.35 4.69 6.77
C ASN A 85 23.66 6.11 7.22
N HIS A 86 22.71 6.72 7.94
CA HIS A 86 22.89 8.08 8.43
C HIS A 86 23.64 8.08 9.77
N ASN A 87 24.75 7.37 9.82
CA ASN A 87 25.56 7.29 11.03
C ASN A 87 26.25 8.62 11.31
N SER A 88 25.90 9.24 12.43
CA SER A 88 26.49 10.52 12.81
C SER A 88 27.24 10.40 14.13
N LEU A 89 28.04 11.42 14.45
CA LEU A 89 28.81 11.43 15.69
C LEU A 89 27.96 10.97 16.87
N PRO A 90 28.59 10.25 17.81
CA PRO A 90 27.91 9.74 19.00
C PRO A 90 27.53 10.86 19.97
N SER A 91 26.96 10.47 21.11
CA SER A 91 26.55 11.44 22.12
C SER A 91 27.49 12.63 22.15
N GLY A 92 26.92 13.82 21.95
CA GLY A 92 27.72 15.04 21.97
C GLY A 92 26.99 16.22 21.38
N PRO A 93 27.70 17.02 20.55
CA PRO A 93 27.13 18.19 19.89
C PRO A 93 26.10 17.83 18.83
N SER A 94 25.01 18.58 18.77
CA SER A 94 23.96 18.34 17.80
C SER A 94 24.40 18.76 16.40
N SER A 95 23.82 18.13 15.39
CA SER A 95 24.16 18.43 14.00
C SER A 95 23.01 18.07 13.07
N GLY A 96 22.73 18.96 12.11
CA GLY A 96 21.65 18.72 11.17
C GLY A 96 20.58 19.78 11.23
ZN ZN B . -4.36 -7.85 4.04
ZN ZN C . 16.61 7.14 6.23
N GLY A 1 -20.11 -4.62 -46.96
CA GLY A 1 -20.23 -3.33 -46.30
C GLY A 1 -18.96 -2.93 -45.58
N SER A 2 -18.76 -1.63 -45.42
CA SER A 2 -17.57 -1.12 -44.74
C SER A 2 -17.75 0.36 -44.39
N SER A 3 -17.66 0.67 -43.10
CA SER A 3 -17.80 2.04 -42.62
C SER A 3 -17.30 2.18 -41.19
N GLY A 4 -16.65 3.30 -40.90
CA GLY A 4 -16.13 3.54 -39.57
C GLY A 4 -15.49 4.90 -39.43
N SER A 5 -16.28 5.95 -39.55
CA SER A 5 -15.77 7.32 -39.44
C SER A 5 -14.72 7.42 -38.33
N SER A 6 -13.49 7.74 -38.72
CA SER A 6 -12.40 7.87 -37.76
C SER A 6 -12.23 9.32 -37.33
N GLY A 7 -11.79 9.51 -36.09
CA GLY A 7 -11.59 10.86 -35.57
C GLY A 7 -10.31 10.97 -34.77
N ARG A 8 -10.44 11.43 -33.52
CA ARG A 8 -9.29 11.59 -32.65
C ARG A 8 -9.41 10.71 -31.41
N ILE A 9 -8.27 10.25 -30.91
CA ILE A 9 -8.25 9.39 -29.72
C ILE A 9 -7.29 9.92 -28.68
N ARG A 10 -7.77 10.05 -27.45
CA ARG A 10 -6.93 10.55 -26.35
C ARG A 10 -7.35 9.91 -25.02
N LYS A 11 -6.37 9.58 -24.20
CA LYS A 11 -6.63 8.97 -22.90
C LYS A 11 -6.85 10.04 -21.83
N GLU A 12 -7.38 9.62 -20.68
CA GLU A 12 -7.64 10.55 -19.59
C GLU A 12 -7.54 9.83 -18.25
N PRO A 13 -7.17 10.59 -17.20
CA PRO A 13 -7.02 10.05 -15.84
C PRO A 13 -8.37 9.68 -15.23
N PRO A 14 -8.47 8.44 -14.73
CA PRO A 14 -9.69 7.94 -14.10
C PRO A 14 -9.97 8.60 -12.75
N VAL A 15 -11.20 8.48 -12.28
CA VAL A 15 -11.59 9.06 -11.00
C VAL A 15 -10.43 9.04 -10.01
N TYR A 16 -9.69 7.94 -10.00
CA TYR A 16 -8.56 7.79 -9.10
C TYR A 16 -7.56 8.92 -9.29
N ALA A 17 -6.91 9.33 -8.20
CA ALA A 17 -5.93 10.41 -8.24
C ALA A 17 -4.98 10.23 -9.42
N ALA A 18 -4.44 11.35 -9.91
CA ALA A 18 -3.51 11.31 -11.03
C ALA A 18 -2.10 10.93 -10.57
N GLY A 19 -2.02 9.93 -9.70
CA GLY A 19 -0.74 9.47 -9.20
C GLY A 19 -0.82 9.00 -7.77
N SER A 20 -1.75 8.09 -7.49
CA SER A 20 -1.92 7.55 -6.16
C SER A 20 -2.03 6.03 -6.19
N LEU A 21 -1.92 5.41 -5.01
CA LEU A 21 -2.00 3.95 -4.91
C LEU A 21 -3.17 3.41 -5.73
N GLU A 22 -4.29 4.14 -5.71
CA GLU A 22 -5.47 3.74 -6.45
C GLU A 22 -5.13 3.36 -7.88
N GLU A 23 -4.42 4.26 -8.57
CA GLU A 23 -4.02 4.02 -9.94
C GLU A 23 -3.22 2.73 -10.07
N GLN A 24 -2.19 2.60 -9.24
CA GLN A 24 -1.34 1.42 -9.25
C GLN A 24 -2.17 0.15 -9.09
N TRP A 25 -2.99 0.12 -8.05
CA TRP A 25 -3.85 -1.03 -7.76
C TRP A 25 -4.76 -1.32 -8.94
N TYR A 26 -5.29 -0.27 -9.56
CA TYR A 26 -6.18 -0.43 -10.71
C TYR A 26 -5.52 -1.24 -11.81
N LEU A 27 -4.30 -0.87 -12.16
CA LEU A 27 -3.55 -1.57 -13.20
C LEU A 27 -3.47 -3.07 -12.91
N GLU A 28 -2.96 -3.40 -11.73
CA GLU A 28 -2.82 -4.79 -11.32
C GLU A 28 -4.08 -5.59 -11.67
N ILE A 29 -5.20 -4.88 -11.80
CA ILE A 29 -6.46 -5.51 -12.13
C ILE A 29 -6.69 -5.52 -13.64
N VAL A 30 -6.61 -4.34 -14.25
CA VAL A 30 -6.81 -4.21 -15.69
C VAL A 30 -5.80 -5.05 -16.45
N ASP A 31 -4.69 -5.38 -15.80
CA ASP A 31 -3.64 -6.19 -16.43
C ASP A 31 -3.87 -7.67 -16.17
N LYS A 32 -4.14 -8.02 -14.91
CA LYS A 32 -4.38 -9.40 -14.54
C LYS A 32 -5.87 -9.67 -14.35
N GLY A 33 -6.51 -8.87 -13.50
CA GLY A 33 -7.92 -9.03 -13.24
C GLY A 33 -8.31 -8.66 -11.83
N SER A 34 -7.33 -8.71 -10.92
CA SER A 34 -7.57 -8.38 -9.52
C SER A 34 -6.33 -7.77 -8.88
N VAL A 35 -6.46 -7.35 -7.63
CA VAL A 35 -5.35 -6.75 -6.90
C VAL A 35 -5.12 -7.45 -5.57
N SER A 36 -3.86 -7.47 -5.13
CA SER A 36 -3.50 -8.12 -3.87
C SER A 36 -3.32 -7.08 -2.77
N CYS A 37 -3.53 -7.52 -1.52
CA CYS A 37 -3.39 -6.63 -0.38
C CYS A 37 -1.96 -6.10 -0.25
N PRO A 38 -1.78 -4.80 -0.52
CA PRO A 38 -0.46 -4.15 -0.45
C PRO A 38 0.05 -4.03 0.98
N THR A 39 -0.80 -4.40 1.94
CA THR A 39 -0.43 -4.34 3.35
C THR A 39 0.09 -5.68 3.85
N CYS A 40 -0.70 -6.73 3.63
CA CYS A 40 -0.32 -8.07 4.05
C CYS A 40 0.12 -8.91 2.86
N GLN A 41 -0.47 -8.65 1.70
CA GLN A 41 -0.15 -9.38 0.49
C GLN A 41 -0.48 -10.86 0.64
N ALA A 42 -1.63 -11.14 1.25
CA ALA A 42 -2.07 -12.52 1.46
C ALA A 42 -3.28 -12.85 0.60
N VAL A 43 -4.24 -11.92 0.56
CA VAL A 43 -5.45 -12.11 -0.23
C VAL A 43 -5.76 -10.87 -1.07
N GLY A 44 -6.22 -11.10 -2.29
CA GLY A 44 -6.55 -9.98 -3.18
C GLY A 44 -8.04 -9.81 -3.36
N ARG A 45 -8.43 -8.75 -4.05
CA ARG A 45 -9.84 -8.47 -4.30
C ARG A 45 -10.09 -8.19 -5.78
N LYS A 46 -11.31 -8.45 -6.22
CA LYS A 46 -11.69 -8.23 -7.61
C LYS A 46 -11.21 -6.86 -8.09
N THR A 47 -11.62 -5.81 -7.38
CA THR A 47 -11.23 -4.45 -7.74
C THR A 47 -10.76 -3.68 -6.51
N ILE A 48 -10.33 -2.45 -6.72
CA ILE A 48 -9.85 -1.60 -5.64
C ILE A 48 -10.84 -1.57 -4.48
N GLU A 49 -12.11 -1.32 -4.81
CA GLU A 49 -13.16 -1.26 -3.80
C GLU A 49 -13.02 -2.42 -2.81
N GLY A 50 -12.98 -3.63 -3.33
CA GLY A 50 -12.85 -4.80 -2.47
C GLY A 50 -11.60 -4.76 -1.63
N LEU A 51 -10.51 -4.28 -2.21
CA LEU A 51 -9.24 -4.20 -1.49
C LEU A 51 -9.33 -3.19 -0.35
N LYS A 52 -9.66 -1.95 -0.68
CA LYS A 52 -9.79 -0.90 0.33
C LYS A 52 -10.50 -1.41 1.57
N LYS A 53 -11.69 -1.98 1.38
CA LYS A 53 -12.46 -2.52 2.49
C LYS A 53 -11.68 -3.59 3.24
N HIS A 54 -10.85 -4.33 2.51
CA HIS A 54 -10.03 -5.38 3.11
C HIS A 54 -8.91 -4.79 3.95
N MET A 55 -8.11 -3.92 3.34
CA MET A 55 -7.00 -3.28 4.03
C MET A 55 -7.50 -2.39 5.16
N GLU A 56 -8.68 -1.81 4.96
CA GLU A 56 -9.28 -0.93 5.96
C GLU A 56 -9.27 -1.59 7.34
N ASN A 57 -9.71 -2.84 7.40
CA ASN A 57 -9.75 -3.58 8.65
C ASN A 57 -8.51 -4.45 8.83
N CYS A 58 -8.12 -5.13 7.74
CA CYS A 58 -6.94 -5.99 7.77
C CYS A 58 -5.76 -5.28 8.41
N LYS A 59 -5.29 -4.22 7.78
CA LYS A 59 -4.16 -3.45 8.29
C LYS A 59 -3.93 -2.20 7.45
N GLN A 60 -3.14 -1.27 7.98
CA GLN A 60 -2.84 -0.03 7.27
C GLN A 60 -1.48 -0.12 6.59
N GLU A 61 -1.13 0.93 5.85
CA GLU A 61 0.15 0.97 5.15
C GLU A 61 1.30 0.56 6.07
N MET A 62 2.49 0.42 5.49
CA MET A 62 3.66 0.02 6.26
C MET A 62 4.48 1.25 6.67
N PHE A 63 5.60 1.00 7.35
CA PHE A 63 6.47 2.09 7.79
C PHE A 63 7.93 1.74 7.54
N THR A 64 8.80 2.74 7.66
CA THR A 64 10.22 2.55 7.45
C THR A 64 11.05 3.62 8.17
N CYS A 65 11.79 3.22 9.18
CA CYS A 65 12.62 4.14 9.94
C CYS A 65 13.46 5.01 9.01
N HIS A 66 13.96 6.13 9.54
CA HIS A 66 14.79 7.04 8.76
C HIS A 66 16.25 6.96 9.20
N HIS A 67 16.46 6.77 10.50
CA HIS A 67 17.81 6.67 11.04
C HIS A 67 18.59 5.54 10.38
N CYS A 68 18.07 4.33 10.49
CA CYS A 68 18.71 3.16 9.90
C CYS A 68 18.00 2.73 8.62
N GLY A 69 16.67 2.68 8.67
CA GLY A 69 15.90 2.29 7.51
C GLY A 69 15.27 0.92 7.67
N LYS A 70 14.91 0.58 8.90
CA LYS A 70 14.29 -0.71 9.18
C LYS A 70 12.89 -0.79 8.59
N GLN A 71 12.45 -2.00 8.27
CA GLN A 71 11.13 -2.20 7.70
C GLN A 71 10.40 -3.35 8.40
N LEU A 72 9.45 -3.00 9.26
CA LEU A 72 8.69 -4.00 10.00
C LEU A 72 7.19 -3.74 9.87
N ARG A 73 6.44 -4.79 9.53
CA ARG A 73 4.99 -4.67 9.36
C ARG A 73 4.34 -4.23 10.66
N SER A 74 4.71 -4.88 11.76
CA SER A 74 4.16 -4.57 13.07
C SER A 74 4.88 -3.37 13.69
N LEU A 75 4.16 -2.27 13.84
CA LEU A 75 4.73 -1.05 14.42
C LEU A 75 5.44 -1.36 15.73
N ALA A 76 4.77 -2.12 16.60
CA ALA A 76 5.34 -2.49 17.89
C ALA A 76 6.81 -2.88 17.75
N GLY A 77 7.06 -3.94 16.99
CA GLY A 77 8.42 -4.41 16.80
C GLY A 77 9.37 -3.28 16.41
N MET A 78 8.91 -2.43 15.49
CA MET A 78 9.73 -1.31 15.04
C MET A 78 10.04 -0.36 16.19
N LYS A 79 9.00 0.27 16.74
CA LYS A 79 9.15 1.20 17.84
C LYS A 79 10.19 0.69 18.85
N TYR A 80 10.37 -0.62 18.87
CA TYR A 80 11.33 -1.24 19.78
C TYR A 80 12.74 -1.19 19.21
N HIS A 81 12.85 -1.42 17.90
CA HIS A 81 14.15 -1.40 17.23
C HIS A 81 14.91 -0.11 17.54
N VAL A 82 14.15 0.97 17.76
CA VAL A 82 14.75 2.26 18.07
C VAL A 82 15.41 2.25 19.44
N MET A 83 14.61 1.98 20.47
CA MET A 83 15.11 1.94 21.84
C MET A 83 16.16 0.84 22.00
N ALA A 84 16.14 -0.13 21.09
CA ALA A 84 17.09 -1.23 21.13
C ALA A 84 18.40 -0.86 20.43
N ASN A 85 18.34 -0.71 19.12
CA ASN A 85 19.51 -0.35 18.34
C ASN A 85 19.92 1.10 18.60
N HIS A 86 18.97 2.01 18.40
CA HIS A 86 19.22 3.44 18.60
C HIS A 86 19.11 3.80 20.08
N ASN A 87 19.68 2.97 20.95
CA ASN A 87 19.64 3.19 22.38
C ASN A 87 20.62 4.29 22.79
N SER A 88 20.13 5.53 22.81
CA SER A 88 20.97 6.67 23.18
C SER A 88 21.64 6.43 24.53
N LEU A 89 20.86 5.98 25.50
CA LEU A 89 21.38 5.72 26.84
C LEU A 89 22.55 4.74 26.79
N PRO A 90 23.69 5.16 27.35
CA PRO A 90 24.91 4.33 27.38
C PRO A 90 24.77 3.13 28.32
N SER A 91 25.75 2.24 28.26
CA SER A 91 25.73 1.04 29.11
C SER A 91 26.94 1.02 30.03
N GLY A 92 28.13 1.14 29.46
CA GLY A 92 29.34 1.13 30.25
C GLY A 92 30.54 0.63 29.47
N PRO A 93 31.69 1.32 29.63
CA PRO A 93 32.93 0.97 28.95
C PRO A 93 33.53 -0.33 29.46
N SER A 94 34.65 -0.74 28.87
CA SER A 94 35.31 -1.98 29.28
C SER A 94 36.82 -1.77 29.41
N SER A 95 37.38 -2.24 30.52
CA SER A 95 38.81 -2.09 30.78
C SER A 95 39.28 -3.11 31.81
N GLY A 96 40.58 -3.42 31.77
CA GLY A 96 41.13 -4.38 32.71
C GLY A 96 42.43 -4.99 32.22
ZN ZN B . -4.72 -7.81 3.98
ZN ZN C . 15.96 2.75 12.95
N GLY A 1 -12.47 -10.45 -33.01
CA GLY A 1 -11.12 -10.96 -32.85
C GLY A 1 -10.11 -9.86 -32.57
N SER A 2 -8.85 -10.09 -32.93
CA SER A 2 -7.79 -9.11 -32.70
C SER A 2 -7.31 -8.52 -34.01
N SER A 3 -7.66 -7.25 -34.26
CA SER A 3 -7.27 -6.58 -35.48
C SER A 3 -5.89 -5.93 -35.32
N GLY A 4 -5.01 -6.17 -36.28
CA GLY A 4 -3.67 -5.60 -36.24
C GLY A 4 -3.06 -5.70 -34.86
N SER A 5 -2.58 -6.90 -34.51
CA SER A 5 -1.96 -7.12 -33.20
C SER A 5 -0.76 -6.19 -33.00
N SER A 6 -0.64 -5.65 -31.79
CA SER A 6 0.45 -4.75 -31.47
C SER A 6 0.55 -4.54 -29.95
N GLY A 7 1.76 -4.28 -29.48
CA GLY A 7 1.97 -4.07 -28.06
C GLY A 7 1.65 -2.65 -27.63
N ARG A 8 1.06 -2.51 -26.45
CA ARG A 8 0.69 -1.20 -25.92
C ARG A 8 1.91 -0.51 -25.30
N ILE A 9 2.29 0.62 -25.88
CA ILE A 9 3.43 1.38 -25.37
C ILE A 9 3.01 2.34 -24.26
N ARG A 10 1.73 2.71 -24.26
CA ARG A 10 1.21 3.63 -23.25
C ARG A 10 -0.32 3.55 -23.21
N LYS A 11 -0.90 4.17 -22.19
CA LYS A 11 -2.35 4.17 -22.03
C LYS A 11 -2.80 5.41 -21.26
N GLU A 12 -3.87 6.05 -21.73
CA GLU A 12 -4.40 7.24 -21.08
C GLU A 12 -4.71 6.97 -19.61
N PRO A 13 -4.28 7.89 -18.74
CA PRO A 13 -4.50 7.77 -17.29
C PRO A 13 -5.97 7.95 -16.91
N PRO A 14 -6.56 6.91 -16.29
CA PRO A 14 -7.95 6.94 -15.86
C PRO A 14 -8.18 7.90 -14.70
N VAL A 15 -9.42 7.91 -14.19
CA VAL A 15 -9.76 8.79 -13.08
C VAL A 15 -8.67 8.79 -12.01
N TYR A 16 -8.26 7.60 -11.61
CA TYR A 16 -7.23 7.46 -10.59
C TYR A 16 -6.04 8.37 -10.89
N ALA A 17 -5.56 9.07 -9.86
CA ALA A 17 -4.43 9.97 -10.02
C ALA A 17 -3.24 9.26 -10.65
N ALA A 18 -2.54 9.97 -11.53
CA ALA A 18 -1.38 9.42 -12.22
C ALA A 18 -0.17 9.34 -11.29
N GLY A 19 -0.15 8.32 -10.44
CA GLY A 19 0.95 8.15 -9.51
C GLY A 19 0.50 7.60 -8.18
N SER A 20 -0.66 8.07 -7.70
CA SER A 20 -1.20 7.62 -6.43
C SER A 20 -1.23 6.10 -6.35
N LEU A 21 -1.11 5.56 -5.15
CA LEU A 21 -1.13 4.12 -4.94
C LEU A 21 -2.35 3.49 -5.61
N GLU A 22 -3.45 4.23 -5.65
CA GLU A 22 -4.67 3.75 -6.27
C GLU A 22 -4.42 3.29 -7.70
N GLU A 23 -3.94 4.21 -8.53
CA GLU A 23 -3.67 3.90 -9.92
C GLU A 23 -2.92 2.58 -10.05
N GLN A 24 -1.83 2.45 -9.31
CA GLN A 24 -1.02 1.23 -9.34
C GLN A 24 -1.89 -0.01 -9.13
N TRP A 25 -2.65 -0.01 -8.04
CA TRP A 25 -3.53 -1.14 -7.73
C TRP A 25 -4.47 -1.44 -8.91
N TYR A 26 -5.04 -0.39 -9.47
CA TYR A 26 -5.96 -0.53 -10.59
C TYR A 26 -5.35 -1.42 -11.68
N LEU A 27 -4.14 -1.08 -12.10
CA LEU A 27 -3.44 -1.84 -13.14
C LEU A 27 -3.51 -3.34 -12.84
N GLU A 28 -3.01 -3.72 -11.67
CA GLU A 28 -3.02 -5.13 -11.26
C GLU A 28 -4.33 -5.81 -11.67
N ILE A 29 -5.41 -5.03 -11.68
CA ILE A 29 -6.71 -5.56 -12.05
C ILE A 29 -6.87 -5.62 -13.56
N VAL A 30 -6.68 -4.49 -14.22
CA VAL A 30 -6.80 -4.41 -15.67
C VAL A 30 -5.78 -5.32 -16.35
N ASP A 31 -4.79 -5.77 -15.59
CA ASP A 31 -3.74 -6.63 -16.12
C ASP A 31 -4.05 -8.10 -15.81
N LYS A 32 -4.43 -8.36 -14.56
CA LYS A 32 -4.75 -9.72 -14.13
C LYS A 32 -6.25 -9.89 -13.94
N GLY A 33 -6.87 -8.95 -13.24
CA GLY A 33 -8.29 -9.01 -13.00
C GLY A 33 -8.65 -8.74 -11.55
N SER A 34 -7.64 -8.75 -10.68
CA SER A 34 -7.86 -8.51 -9.25
C SER A 34 -6.61 -7.93 -8.60
N VAL A 35 -6.81 -7.06 -7.62
CA VAL A 35 -5.70 -6.43 -6.92
C VAL A 35 -5.42 -7.13 -5.60
N SER A 36 -4.14 -7.21 -5.23
CA SER A 36 -3.74 -7.86 -3.99
C SER A 36 -3.66 -6.85 -2.85
N CYS A 37 -3.51 -7.34 -1.63
CA CYS A 37 -3.41 -6.49 -0.45
C CYS A 37 -2.01 -5.89 -0.33
N PRO A 38 -1.91 -4.57 -0.53
CA PRO A 38 -0.63 -3.85 -0.45
C PRO A 38 -0.10 -3.78 0.98
N THR A 39 -0.89 -4.28 1.93
CA THR A 39 -0.50 -4.27 3.33
C THR A 39 0.08 -5.61 3.75
N CYS A 40 -0.63 -6.69 3.44
CA CYS A 40 -0.18 -8.03 3.79
C CYS A 40 0.30 -8.78 2.55
N GLN A 41 -0.28 -8.45 1.40
CA GLN A 41 0.08 -9.09 0.14
C GLN A 41 -0.18 -10.60 0.19
N ALA A 42 -1.32 -10.96 0.75
CA ALA A 42 -1.70 -12.37 0.86
C ALA A 42 -2.89 -12.69 -0.04
N VAL A 43 -3.84 -11.77 -0.10
CA VAL A 43 -5.03 -11.97 -0.92
C VAL A 43 -5.36 -10.71 -1.72
N GLY A 44 -6.36 -10.80 -2.58
CA GLY A 44 -6.75 -9.66 -3.40
C GLY A 44 -8.24 -9.61 -3.65
N ARG A 45 -8.74 -8.46 -4.06
CA ARG A 45 -10.16 -8.29 -4.34
C ARG A 45 -10.40 -8.01 -5.82
N LYS A 46 -11.66 -8.02 -6.23
CA LYS A 46 -12.03 -7.77 -7.62
C LYS A 46 -11.52 -6.40 -8.08
N THR A 47 -11.90 -5.36 -7.35
CA THR A 47 -11.48 -4.01 -7.69
C THR A 47 -10.98 -3.27 -6.45
N ILE A 48 -10.67 -1.99 -6.62
CA ILE A 48 -10.18 -1.16 -5.51
C ILE A 48 -11.14 -1.21 -4.33
N GLU A 49 -12.43 -0.98 -4.61
CA GLU A 49 -13.45 -0.99 -3.57
C GLU A 49 -13.27 -2.20 -2.66
N GLY A 50 -13.40 -3.39 -3.23
CA GLY A 50 -13.26 -4.61 -2.46
C GLY A 50 -12.03 -4.59 -1.57
N LEU A 51 -10.92 -4.10 -2.11
CA LEU A 51 -9.67 -4.03 -1.36
C LEU A 51 -9.79 -3.07 -0.18
N LYS A 52 -10.50 -1.97 -0.40
CA LYS A 52 -10.70 -0.97 0.64
C LYS A 52 -11.24 -1.60 1.91
N LYS A 53 -12.32 -2.36 1.77
CA LYS A 53 -12.94 -3.03 2.91
C LYS A 53 -12.01 -4.08 3.49
N HIS A 54 -10.96 -4.42 2.75
CA HIS A 54 -9.99 -5.42 3.19
C HIS A 54 -8.87 -4.76 3.99
N MET A 55 -8.28 -3.73 3.42
CA MET A 55 -7.19 -3.01 4.08
C MET A 55 -7.71 -2.21 5.26
N GLU A 56 -8.93 -1.70 5.15
CA GLU A 56 -9.54 -0.92 6.21
C GLU A 56 -9.40 -1.62 7.56
N ASN A 57 -9.62 -2.93 7.56
CA ASN A 57 -9.51 -3.72 8.79
C ASN A 57 -8.18 -4.47 8.83
N CYS A 58 -7.56 -4.66 7.67
CA CYS A 58 -6.28 -5.35 7.58
C CYS A 58 -5.12 -4.38 7.66
N LYS A 59 -5.36 -3.22 8.27
CA LYS A 59 -4.33 -2.20 8.41
C LYS A 59 -3.23 -2.67 9.34
N GLN A 60 -2.27 -1.78 9.63
CA GLN A 60 -1.16 -2.11 10.51
C GLN A 60 -1.48 -1.72 11.96
N GLU A 61 -1.79 -2.72 12.77
CA GLU A 61 -2.11 -2.48 14.18
C GLU A 61 -1.21 -3.30 15.09
N MET A 62 -1.26 -3.00 16.39
CA MET A 62 -0.44 -3.70 17.37
C MET A 62 -0.33 -5.18 17.01
N PHE A 63 0.76 -5.81 17.45
CA PHE A 63 0.99 -7.22 17.17
C PHE A 63 1.06 -8.02 18.48
N THR A 64 0.58 -7.42 19.56
CA THR A 64 0.60 -8.07 20.87
C THR A 64 0.34 -9.57 20.74
N CYS A 65 1.38 -10.37 20.93
CA CYS A 65 1.26 -11.81 20.83
C CYS A 65 0.06 -12.32 21.62
N HIS A 66 -0.42 -13.50 21.26
CA HIS A 66 -1.57 -14.09 21.93
C HIS A 66 -1.13 -15.24 22.84
N HIS A 67 -0.08 -15.95 22.43
CA HIS A 67 0.44 -17.06 23.20
C HIS A 67 0.81 -16.62 24.62
N CYS A 68 1.72 -15.66 24.71
CA CYS A 68 2.17 -15.15 26.00
C CYS A 68 1.56 -13.77 26.28
N GLY A 69 1.56 -12.92 25.26
CA GLY A 69 1.01 -11.59 25.40
C GLY A 69 2.08 -10.52 25.43
N LYS A 70 3.16 -10.74 24.69
CA LYS A 70 4.27 -9.79 24.63
C LYS A 70 3.93 -8.62 23.71
N GLN A 71 4.55 -7.47 23.96
CA GLN A 71 4.31 -6.28 23.15
C GLN A 71 5.62 -5.66 22.69
N LEU A 72 5.78 -5.51 21.38
CA LEU A 72 6.99 -4.94 20.81
C LEU A 72 6.66 -4.02 19.64
N ARG A 73 7.15 -2.78 19.70
CA ARG A 73 6.91 -1.81 18.65
C ARG A 73 7.26 -2.40 17.28
N SER A 74 8.40 -3.06 17.21
CA SER A 74 8.87 -3.66 15.96
C SER A 74 8.31 -5.08 15.80
N LEU A 75 8.10 -5.48 14.55
CA LEU A 75 7.58 -6.81 14.26
C LEU A 75 8.69 -7.85 14.28
N ALA A 76 9.78 -7.57 13.58
CA ALA A 76 10.91 -8.48 13.52
C ALA A 76 11.21 -9.08 14.89
N GLY A 77 11.62 -8.23 15.82
CA GLY A 77 11.94 -8.70 17.16
C GLY A 77 10.87 -9.63 17.71
N MET A 78 9.63 -9.15 17.73
CA MET A 78 8.52 -9.96 18.23
C MET A 78 8.47 -11.32 17.55
N LYS A 79 8.24 -11.31 16.24
CA LYS A 79 8.17 -12.54 15.46
C LYS A 79 9.27 -13.51 15.89
N TYR A 80 10.34 -12.97 16.47
CA TYR A 80 11.46 -13.79 16.92
C TYR A 80 11.20 -14.34 18.31
N HIS A 81 10.56 -13.54 19.16
CA HIS A 81 10.25 -13.93 20.52
C HIS A 81 9.39 -15.20 20.54
N VAL A 82 8.62 -15.39 19.47
CA VAL A 82 7.75 -16.56 19.36
C VAL A 82 8.56 -17.82 19.11
N MET A 83 9.45 -17.77 18.13
CA MET A 83 10.29 -18.91 17.79
C MET A 83 11.29 -19.21 18.90
N ALA A 84 11.69 -18.17 19.63
CA ALA A 84 12.63 -18.31 20.72
C ALA A 84 11.98 -18.99 21.92
N ASN A 85 10.86 -18.44 22.38
CA ASN A 85 10.14 -19.00 23.51
C ASN A 85 9.17 -20.08 23.08
N HIS A 86 8.32 -19.74 22.10
CA HIS A 86 7.34 -20.69 21.59
C HIS A 86 7.92 -21.49 20.42
N ASN A 87 9.18 -21.91 20.56
CA ASN A 87 9.84 -22.68 19.52
C ASN A 87 8.99 -23.88 19.11
N SER A 88 8.41 -23.80 17.92
CA SER A 88 7.56 -24.87 17.40
C SER A 88 7.33 -24.70 15.90
N LEU A 89 7.98 -25.55 15.11
CA LEU A 89 7.85 -25.50 13.66
C LEU A 89 8.42 -26.77 13.02
N PRO A 90 7.87 -27.13 11.85
CA PRO A 90 8.31 -28.31 11.11
C PRO A 90 9.70 -28.15 10.51
N SER A 91 10.12 -29.12 9.70
CA SER A 91 11.43 -29.08 9.08
C SER A 91 11.44 -28.12 7.90
N GLY A 92 12.59 -27.47 7.68
CA GLY A 92 12.71 -26.52 6.58
C GLY A 92 13.98 -26.73 5.77
N PRO A 93 14.12 -25.96 4.69
CA PRO A 93 15.29 -26.05 3.80
C PRO A 93 16.56 -25.54 4.48
N SER A 94 17.68 -25.60 3.75
CA SER A 94 18.95 -25.14 4.27
C SER A 94 19.27 -23.72 3.79
N SER A 95 20.41 -23.20 4.22
CA SER A 95 20.83 -21.86 3.83
C SER A 95 21.52 -21.88 2.47
N GLY A 96 21.90 -20.69 1.99
CA GLY A 96 22.57 -20.59 0.71
C GLY A 96 24.06 -20.37 0.85
ZN ZN B . -4.54 -7.88 3.90
ZN ZN C . 4.50 -14.71 22.64
N GLY A 1 7.26 40.53 -39.76
CA GLY A 1 6.68 40.40 -38.44
C GLY A 1 6.65 38.96 -37.96
N SER A 2 6.31 38.77 -36.68
CA SER A 2 6.25 37.43 -36.10
C SER A 2 4.88 37.18 -35.47
N SER A 3 4.31 36.03 -35.78
CA SER A 3 3.00 35.67 -35.25
C SER A 3 3.13 34.94 -33.91
N GLY A 4 3.97 33.92 -33.88
CA GLY A 4 4.18 33.16 -32.66
C GLY A 4 3.59 31.77 -32.73
N SER A 5 3.42 31.14 -31.58
CA SER A 5 2.87 29.80 -31.52
C SER A 5 2.52 29.41 -30.08
N SER A 6 1.81 28.30 -29.93
CA SER A 6 1.41 27.83 -28.60
C SER A 6 1.13 26.33 -28.62
N GLY A 7 0.94 25.75 -27.45
CA GLY A 7 0.67 24.32 -27.35
C GLY A 7 0.55 23.86 -25.92
N ARG A 8 -0.60 24.13 -25.30
CA ARG A 8 -0.84 23.73 -23.92
C ARG A 8 -1.42 22.32 -23.85
N ILE A 9 -0.87 21.51 -22.95
CA ILE A 9 -1.34 20.13 -22.78
C ILE A 9 -1.80 19.88 -21.35
N ARG A 10 -2.80 19.01 -21.21
CA ARG A 10 -3.34 18.68 -19.89
C ARG A 10 -4.27 17.49 -19.97
N LYS A 11 -4.30 16.69 -18.91
CA LYS A 11 -5.16 15.51 -18.86
C LYS A 11 -5.80 15.36 -17.49
N GLU A 12 -6.94 14.67 -17.44
CA GLU A 12 -7.66 14.47 -16.19
C GLU A 12 -7.63 13.00 -15.79
N PRO A 13 -7.10 12.72 -14.59
CA PRO A 13 -7.00 11.35 -14.06
C PRO A 13 -8.35 10.77 -13.70
N PRO A 14 -8.40 9.45 -13.51
CA PRO A 14 -9.64 8.74 -13.16
C PRO A 14 -10.09 9.05 -11.74
N VAL A 15 -11.16 8.39 -11.31
CA VAL A 15 -11.70 8.59 -9.97
C VAL A 15 -10.60 8.51 -8.91
N TYR A 16 -9.51 7.84 -9.26
CA TYR A 16 -8.39 7.69 -8.34
C TYR A 16 -7.48 8.93 -8.37
N ALA A 17 -6.74 9.13 -7.29
CA ALA A 17 -5.83 10.27 -7.19
C ALA A 17 -4.97 10.40 -8.44
N ALA A 18 -4.37 11.58 -8.63
CA ALA A 18 -3.52 11.83 -9.78
C ALA A 18 -2.10 11.33 -9.53
N GLY A 19 -1.92 10.00 -9.56
CA GLY A 19 -0.61 9.43 -9.33
C GLY A 19 -0.45 8.92 -7.92
N SER A 20 -1.39 8.10 -7.47
CA SER A 20 -1.34 7.54 -6.13
C SER A 20 -1.35 6.01 -6.17
N LEU A 21 -1.19 5.39 -5.01
CA LEU A 21 -1.17 3.94 -4.92
C LEU A 21 -2.38 3.33 -5.62
N GLU A 22 -3.52 4.02 -5.52
CA GLU A 22 -4.74 3.55 -6.16
C GLU A 22 -4.50 3.22 -7.63
N GLU A 23 -4.10 4.23 -8.40
CA GLU A 23 -3.83 4.05 -9.82
C GLU A 23 -3.04 2.77 -10.07
N GLN A 24 -2.05 2.53 -9.23
CA GLN A 24 -1.21 1.34 -9.36
C GLN A 24 -2.06 0.07 -9.27
N TRP A 25 -2.72 -0.10 -8.14
CA TRP A 25 -3.57 -1.28 -7.92
C TRP A 25 -4.49 -1.51 -9.12
N TYR A 26 -5.20 -0.47 -9.53
CA TYR A 26 -6.11 -0.57 -10.67
C TYR A 26 -5.49 -1.36 -11.80
N LEU A 27 -4.26 -1.02 -12.15
CA LEU A 27 -3.55 -1.71 -13.23
C LEU A 27 -3.52 -3.22 -12.98
N GLU A 28 -3.02 -3.61 -11.81
CA GLU A 28 -2.94 -5.03 -11.46
C GLU A 28 -4.25 -5.74 -11.78
N ILE A 29 -5.35 -4.98 -11.84
CA ILE A 29 -6.65 -5.54 -12.13
C ILE A 29 -6.92 -5.54 -13.63
N VAL A 30 -6.62 -4.41 -14.28
CA VAL A 30 -6.83 -4.28 -15.72
C VAL A 30 -5.88 -5.17 -16.50
N ASP A 31 -4.84 -5.65 -15.82
CA ASP A 31 -3.85 -6.53 -16.46
C ASP A 31 -4.08 -7.98 -16.06
N LYS A 32 -4.45 -8.20 -14.81
CA LYS A 32 -4.70 -9.54 -14.30
C LYS A 32 -6.17 -9.74 -13.97
N GLY A 33 -6.74 -8.80 -13.22
CA GLY A 33 -8.13 -8.89 -12.85
C GLY A 33 -8.35 -8.69 -11.35
N SER A 34 -7.26 -8.56 -10.62
CA SER A 34 -7.34 -8.37 -9.17
C SER A 34 -6.01 -7.88 -8.62
N VAL A 35 -6.07 -7.14 -7.51
CA VAL A 35 -4.87 -6.61 -6.87
C VAL A 35 -4.61 -7.28 -5.53
N SER A 36 -3.34 -7.34 -5.14
CA SER A 36 -2.96 -7.96 -3.88
C SER A 36 -2.89 -6.92 -2.76
N CYS A 37 -3.19 -7.35 -1.54
CA CYS A 37 -3.17 -6.47 -0.39
C CYS A 37 -1.79 -5.84 -0.21
N PRO A 38 -1.73 -4.50 -0.32
CA PRO A 38 -0.47 -3.75 -0.18
C PRO A 38 0.04 -3.76 1.25
N THR A 39 -0.68 -4.44 2.14
CA THR A 39 -0.30 -4.52 3.54
C THR A 39 0.24 -5.91 3.88
N CYS A 40 -0.57 -6.92 3.65
CA CYS A 40 -0.19 -8.30 3.93
C CYS A 40 0.31 -9.00 2.66
N GLN A 41 -0.23 -8.59 1.52
CA GLN A 41 0.15 -9.18 0.24
C GLN A 41 -0.15 -10.67 0.21
N ALA A 42 -1.34 -11.04 0.69
CA ALA A 42 -1.75 -12.44 0.72
C ALA A 42 -3.09 -12.63 0.02
N VAL A 43 -4.05 -11.76 0.37
CA VAL A 43 -5.39 -11.84 -0.22
C VAL A 43 -5.80 -10.50 -0.81
N GLY A 44 -6.64 -10.54 -1.84
CA GLY A 44 -7.10 -9.32 -2.48
C GLY A 44 -8.46 -9.48 -3.12
N ARG A 45 -8.92 -8.43 -3.79
CA ARG A 45 -10.23 -8.46 -4.45
C ARG A 45 -10.08 -8.13 -5.93
N LYS A 46 -11.03 -8.61 -6.73
CA LYS A 46 -11.03 -8.37 -8.17
C LYS A 46 -11.32 -6.91 -8.48
N THR A 47 -11.52 -6.12 -7.43
CA THR A 47 -11.82 -4.70 -7.59
C THR A 47 -11.17 -3.87 -6.48
N ILE A 48 -11.08 -2.57 -6.71
CA ILE A 48 -10.48 -1.67 -5.73
C ILE A 48 -11.35 -1.57 -4.48
N GLU A 49 -12.57 -1.05 -4.66
CA GLU A 49 -13.50 -0.89 -3.55
C GLU A 49 -13.44 -2.10 -2.61
N GLY A 50 -13.72 -3.27 -3.16
CA GLY A 50 -13.70 -4.49 -2.36
C GLY A 50 -12.45 -4.59 -1.50
N LEU A 51 -11.29 -4.34 -2.10
CA LEU A 51 -10.03 -4.40 -1.38
C LEU A 51 -9.99 -3.36 -0.26
N LYS A 52 -10.64 -2.23 -0.48
CA LYS A 52 -10.68 -1.16 0.51
C LYS A 52 -11.28 -1.65 1.82
N LYS A 53 -12.30 -2.50 1.71
CA LYS A 53 -12.96 -3.04 2.90
C LYS A 53 -12.04 -4.01 3.63
N HIS A 54 -11.21 -4.72 2.87
CA HIS A 54 -10.28 -5.67 3.46
C HIS A 54 -9.10 -4.96 4.11
N MET A 55 -8.46 -4.06 3.36
CA MET A 55 -7.33 -3.32 3.87
C MET A 55 -7.75 -2.37 4.98
N GLU A 56 -8.93 -1.76 4.82
CA GLU A 56 -9.45 -0.83 5.82
C GLU A 56 -9.17 -1.34 7.23
N ASN A 57 -9.20 -2.66 7.40
CA ASN A 57 -8.96 -3.27 8.70
C ASN A 57 -7.57 -3.89 8.76
N CYS A 58 -7.09 -4.38 7.62
CA CYS A 58 -5.77 -5.00 7.54
C CYS A 58 -4.67 -3.96 7.70
N LYS A 59 -4.68 -2.95 6.84
CA LYS A 59 -3.68 -1.90 6.89
C LYS A 59 -3.40 -1.47 8.32
N GLN A 60 -2.13 -1.47 8.71
CA GLN A 60 -1.73 -1.10 10.06
C GLN A 60 -1.39 0.39 10.13
N GLU A 61 -1.33 0.92 11.34
CA GLU A 61 -1.01 2.33 11.55
C GLU A 61 0.03 2.80 10.54
N MET A 62 -0.24 3.94 9.91
CA MET A 62 0.68 4.50 8.92
C MET A 62 1.29 5.80 9.43
N PHE A 63 2.30 6.28 8.71
CA PHE A 63 2.97 7.52 9.09
C PHE A 63 3.38 8.32 7.86
N THR A 64 3.64 9.61 8.06
CA THR A 64 4.03 10.50 6.96
C THR A 64 4.91 11.63 7.46
N CYS A 65 6.16 11.63 7.03
CA CYS A 65 7.11 12.66 7.43
C CYS A 65 6.56 14.06 7.12
N HIS A 66 7.09 15.06 7.82
CA HIS A 66 6.65 16.44 7.62
C HIS A 66 7.70 17.25 6.87
N HIS A 67 8.96 16.91 7.10
CA HIS A 67 10.08 17.60 6.44
C HIS A 67 9.99 17.43 4.93
N CYS A 68 10.00 16.18 4.48
CA CYS A 68 9.92 15.89 3.05
C CYS A 68 8.52 15.45 2.65
N GLY A 69 7.91 14.61 3.48
CA GLY A 69 6.56 14.14 3.20
C GLY A 69 6.55 12.72 2.67
N LYS A 70 7.50 11.92 3.12
CA LYS A 70 7.60 10.53 2.70
C LYS A 70 6.49 9.69 3.32
N GLN A 71 6.16 8.57 2.68
CA GLN A 71 5.12 7.69 3.16
C GLN A 71 5.54 6.23 3.07
N LEU A 72 5.88 5.64 4.21
CA LEU A 72 6.31 4.25 4.25
C LEU A 72 5.38 3.41 5.13
N ARG A 73 5.23 2.14 4.78
CA ARG A 73 4.37 1.24 5.53
C ARG A 73 5.06 0.76 6.81
N SER A 74 6.38 0.87 6.83
CA SER A 74 7.16 0.45 7.99
C SER A 74 7.77 1.65 8.70
N LEU A 75 7.46 1.79 9.98
CA LEU A 75 7.97 2.90 10.78
C LEU A 75 9.50 2.89 10.80
N ALA A 76 10.08 1.71 10.99
CA ALA A 76 11.53 1.57 11.04
C ALA A 76 12.17 2.23 9.82
N GLY A 77 12.01 1.60 8.66
CA GLY A 77 12.59 2.15 7.45
C GLY A 77 12.48 3.66 7.38
N MET A 78 11.29 4.17 7.65
CA MET A 78 11.06 5.61 7.62
C MET A 78 12.00 6.34 8.58
N LYS A 79 11.94 5.96 9.85
CA LYS A 79 12.80 6.58 10.86
C LYS A 79 14.22 6.71 10.36
N TYR A 80 14.62 5.83 9.44
CA TYR A 80 15.96 5.86 8.89
C TYR A 80 16.09 6.92 7.79
N HIS A 81 15.03 7.07 7.00
CA HIS A 81 15.02 8.04 5.92
C HIS A 81 15.37 9.43 6.44
N VAL A 82 14.93 9.73 7.66
CA VAL A 82 15.20 11.02 8.28
C VAL A 82 16.70 11.23 8.49
N MET A 83 17.37 10.18 8.98
CA MET A 83 18.80 10.25 9.23
C MET A 83 19.60 9.96 7.96
N ALA A 84 18.97 10.20 6.81
CA ALA A 84 19.61 9.97 5.52
C ALA A 84 19.57 11.21 4.64
N ASN A 85 18.40 11.86 4.61
CA ASN A 85 18.23 13.06 3.80
C ASN A 85 18.35 14.31 4.67
N HIS A 86 17.64 14.32 5.79
CA HIS A 86 17.67 15.45 6.71
C HIS A 86 18.92 15.41 7.58
N ASN A 87 19.02 14.40 8.43
CA ASN A 87 20.16 14.26 9.32
C ASN A 87 20.28 15.45 10.27
N SER A 88 19.14 15.89 10.79
CA SER A 88 19.11 17.03 11.70
C SER A 88 20.20 16.89 12.77
N LEU A 89 20.38 15.68 13.28
CA LEU A 89 21.39 15.43 14.30
C LEU A 89 22.57 14.65 13.72
N PRO A 90 23.79 15.18 13.93
CA PRO A 90 25.01 14.56 13.43
C PRO A 90 25.35 13.26 14.16
N SER A 91 25.35 13.33 15.49
CA SER A 91 25.65 12.16 16.31
C SER A 91 24.88 12.20 17.63
N GLY A 92 24.90 11.09 18.36
CA GLY A 92 24.19 11.02 19.62
C GLY A 92 23.08 9.99 19.62
N PRO A 93 23.01 9.20 20.71
CA PRO A 93 21.99 8.16 20.85
C PRO A 93 20.60 8.73 21.04
N SER A 94 19.60 7.85 21.11
CA SER A 94 18.22 8.27 21.30
C SER A 94 17.92 8.54 22.77
N SER A 95 18.43 7.67 23.64
CA SER A 95 18.22 7.81 25.07
C SER A 95 19.33 7.11 25.86
N GLY A 96 19.39 7.38 27.16
CA GLY A 96 20.41 6.76 27.99
C GLY A 96 21.81 7.17 27.60
ZN ZN B . -4.39 -7.77 3.97
ZN ZN C . 11.46 13.06 5.67
N GLY A 1 -1.24 35.94 -42.00
CA GLY A 1 -1.67 34.59 -41.66
C GLY A 1 -0.85 33.99 -40.53
N SER A 2 -0.20 32.87 -40.82
CA SER A 2 0.61 32.18 -39.82
C SER A 2 -0.12 32.10 -38.49
N SER A 3 -1.41 31.78 -38.55
CA SER A 3 -2.23 31.67 -37.35
C SER A 3 -1.79 30.48 -36.50
N GLY A 4 -1.79 30.67 -35.17
CA GLY A 4 -1.39 29.60 -34.29
C GLY A 4 -2.02 28.27 -34.65
N SER A 5 -1.20 27.31 -35.02
CA SER A 5 -1.68 25.99 -35.41
C SER A 5 -2.19 25.23 -34.19
N SER A 6 -3.38 24.65 -34.30
CA SER A 6 -3.98 23.91 -33.21
C SER A 6 -3.55 22.44 -33.25
N GLY A 7 -3.37 21.84 -32.08
CA GLY A 7 -2.96 20.46 -32.01
C GLY A 7 -2.67 20.00 -30.60
N ARG A 8 -3.71 19.88 -29.78
CA ARG A 8 -3.56 19.46 -28.40
C ARG A 8 -4.61 18.41 -28.02
N ILE A 9 -4.15 17.22 -27.67
CA ILE A 9 -5.05 16.15 -27.29
C ILE A 9 -5.70 16.41 -25.94
N ARG A 10 -6.62 15.53 -25.55
CA ARG A 10 -7.31 15.68 -24.27
C ARG A 10 -7.26 14.37 -23.48
N LYS A 11 -6.98 14.48 -22.19
CA LYS A 11 -6.90 13.31 -21.32
C LYS A 11 -7.00 13.72 -19.86
N GLU A 12 -7.65 12.88 -19.05
CA GLU A 12 -7.81 13.15 -17.62
C GLU A 12 -7.71 11.86 -16.81
N PRO A 13 -7.30 12.00 -15.54
CA PRO A 13 -7.15 10.86 -14.63
C PRO A 13 -8.49 10.25 -14.24
N PRO A 14 -8.47 8.96 -13.86
CA PRO A 14 -9.68 8.24 -13.46
C PRO A 14 -10.23 8.72 -12.11
N VAL A 15 -11.27 8.05 -11.63
CA VAL A 15 -11.88 8.42 -10.35
C VAL A 15 -10.86 8.38 -9.23
N TYR A 16 -9.71 7.77 -9.49
CA TYR A 16 -8.65 7.66 -8.49
C TYR A 16 -7.80 8.92 -8.46
N ALA A 17 -7.28 9.26 -7.28
CA ALA A 17 -6.46 10.44 -7.12
C ALA A 17 -5.45 10.56 -8.26
N ALA A 18 -4.86 11.75 -8.41
CA ALA A 18 -3.88 11.99 -9.45
C ALA A 18 -2.47 11.64 -8.98
N GLY A 19 -2.17 10.34 -8.94
CA GLY A 19 -0.86 9.89 -8.50
C GLY A 19 -0.89 9.28 -7.12
N SER A 20 -1.82 8.35 -6.90
CA SER A 20 -1.96 7.70 -5.61
C SER A 20 -1.87 6.19 -5.75
N LEU A 21 -1.76 5.50 -4.63
CA LEU A 21 -1.66 4.04 -4.62
C LEU A 21 -2.77 3.42 -5.47
N GLU A 22 -3.96 4.01 -5.41
CA GLU A 22 -5.10 3.53 -6.17
C GLU A 22 -4.70 3.24 -7.62
N GLU A 23 -4.22 4.27 -8.30
CA GLU A 23 -3.80 4.13 -9.69
C GLU A 23 -3.02 2.83 -9.91
N GLN A 24 -2.09 2.56 -8.99
CA GLN A 24 -1.28 1.35 -9.09
C GLN A 24 -2.15 0.10 -9.04
N TRP A 25 -2.82 -0.11 -7.91
CA TRP A 25 -3.69 -1.27 -7.73
C TRP A 25 -4.52 -1.51 -8.99
N TYR A 26 -5.29 -0.51 -9.40
CA TYR A 26 -6.13 -0.62 -10.57
C TYR A 26 -5.43 -1.41 -11.68
N LEU A 27 -4.16 -1.10 -11.90
CA LEU A 27 -3.37 -1.77 -12.92
C LEU A 27 -3.36 -3.29 -12.68
N GLU A 28 -3.07 -3.69 -11.45
CA GLU A 28 -3.03 -5.10 -11.10
C GLU A 28 -4.33 -5.80 -11.50
N ILE A 29 -5.40 -5.02 -11.61
CA ILE A 29 -6.70 -5.56 -11.98
C ILE A 29 -6.90 -5.54 -13.49
N VAL A 30 -6.32 -4.53 -14.14
CA VAL A 30 -6.43 -4.39 -15.59
C VAL A 30 -5.35 -5.21 -16.29
N ASP A 31 -4.33 -5.61 -15.55
CA ASP A 31 -3.24 -6.41 -16.10
C ASP A 31 -3.33 -7.85 -15.64
N LYS A 32 -3.43 -8.05 -14.33
CA LYS A 32 -3.52 -9.39 -13.76
C LYS A 32 -4.97 -9.84 -13.67
N GLY A 33 -5.84 -8.95 -13.22
CA GLY A 33 -7.25 -9.27 -13.09
C GLY A 33 -7.74 -9.16 -11.66
N SER A 34 -6.82 -8.86 -10.75
CA SER A 34 -7.17 -8.73 -9.33
C SER A 34 -6.05 -8.04 -8.56
N VAL A 35 -6.43 -7.18 -7.61
CA VAL A 35 -5.46 -6.47 -6.80
C VAL A 35 -5.22 -7.17 -5.47
N SER A 36 -3.96 -7.24 -5.07
CA SER A 36 -3.58 -7.90 -3.82
C SER A 36 -3.44 -6.88 -2.70
N CYS A 37 -3.64 -7.33 -1.46
CA CYS A 37 -3.53 -6.47 -0.29
C CYS A 37 -2.19 -5.75 -0.26
N PRO A 38 -2.22 -4.42 -0.31
CA PRO A 38 -1.01 -3.60 -0.29
C PRO A 38 -0.30 -3.62 1.06
N THR A 39 -0.87 -4.38 2.00
CA THR A 39 -0.30 -4.50 3.34
C THR A 39 0.24 -5.90 3.58
N CYS A 40 -0.64 -6.89 3.49
CA CYS A 40 -0.26 -8.28 3.71
C CYS A 40 0.10 -8.96 2.39
N GLN A 41 -0.41 -8.42 1.30
CA GLN A 41 -0.15 -8.97 -0.02
C GLN A 41 -0.33 -10.48 -0.04
N ALA A 42 -1.42 -10.94 0.58
CA ALA A 42 -1.71 -12.36 0.65
C ALA A 42 -3.09 -12.67 0.07
N VAL A 43 -4.02 -11.73 0.25
CA VAL A 43 -5.38 -11.89 -0.25
C VAL A 43 -5.91 -10.59 -0.85
N GLY A 44 -6.70 -10.71 -1.90
CA GLY A 44 -7.26 -9.54 -2.55
C GLY A 44 -8.61 -9.81 -3.18
N ARG A 45 -8.93 -9.06 -4.24
CA ARG A 45 -10.19 -9.23 -4.94
C ARG A 45 -10.06 -8.83 -6.40
N LYS A 46 -11.18 -8.85 -7.12
CA LYS A 46 -11.20 -8.49 -8.53
C LYS A 46 -11.51 -7.01 -8.71
N THR A 47 -11.08 -6.20 -7.75
CA THR A 47 -11.32 -4.76 -7.81
C THR A 47 -10.63 -4.05 -6.65
N ILE A 48 -10.77 -2.72 -6.61
CA ILE A 48 -10.16 -1.92 -5.55
C ILE A 48 -11.20 -1.51 -4.51
N GLU A 49 -12.46 -1.77 -4.81
CA GLU A 49 -13.55 -1.42 -3.90
C GLU A 49 -13.68 -2.46 -2.79
N GLY A 50 -13.74 -3.73 -3.18
CA GLY A 50 -13.86 -4.81 -2.21
C GLY A 50 -12.60 -4.98 -1.38
N LEU A 51 -11.47 -4.62 -1.96
CA LEU A 51 -10.19 -4.75 -1.26
C LEU A 51 -10.02 -3.65 -0.22
N LYS A 52 -10.22 -2.41 -0.65
CA LYS A 52 -10.10 -1.27 0.27
C LYS A 52 -10.77 -1.55 1.60
N LYS A 53 -11.87 -2.28 1.56
CA LYS A 53 -12.61 -2.63 2.78
C LYS A 53 -11.82 -3.65 3.61
N HIS A 54 -11.08 -4.52 2.93
CA HIS A 54 -10.29 -5.53 3.61
C HIS A 54 -8.97 -4.94 4.10
N MET A 55 -8.26 -4.25 3.22
CA MET A 55 -6.99 -3.65 3.57
C MET A 55 -7.18 -2.54 4.61
N GLU A 56 -8.32 -1.86 4.54
CA GLU A 56 -8.63 -0.78 5.47
C GLU A 56 -8.30 -1.19 6.90
N ASN A 57 -8.83 -2.33 7.32
CA ASN A 57 -8.60 -2.85 8.67
C ASN A 57 -7.33 -3.67 8.73
N CYS A 58 -6.91 -4.20 7.57
CA CYS A 58 -5.71 -5.01 7.49
C CYS A 58 -4.50 -4.17 7.12
N LYS A 59 -4.59 -2.86 7.37
CA LYS A 59 -3.50 -1.94 7.05
C LYS A 59 -2.27 -2.23 7.92
N GLN A 60 -2.44 -3.14 8.88
CA GLN A 60 -1.35 -3.50 9.78
C GLN A 60 -1.07 -5.00 9.72
N GLU A 61 0.16 -5.35 9.33
CA GLU A 61 0.55 -6.75 9.23
C GLU A 61 2.06 -6.87 9.05
N MET A 62 2.64 -7.89 9.68
CA MET A 62 4.08 -8.12 9.58
C MET A 62 4.55 -8.07 8.14
N PHE A 63 5.75 -7.55 7.93
CA PHE A 63 6.31 -7.45 6.58
C PHE A 63 7.43 -8.47 6.38
N THR A 64 7.96 -8.52 5.16
CA THR A 64 9.03 -9.45 4.83
C THR A 64 9.73 -9.06 3.53
N CYS A 65 11.03 -8.83 3.61
CA CYS A 65 11.82 -8.45 2.45
C CYS A 65 11.77 -9.54 1.38
N HIS A 66 12.10 -9.16 0.15
CA HIS A 66 12.11 -10.11 -0.96
C HIS A 66 13.54 -10.47 -1.36
N HIS A 67 14.42 -9.48 -1.35
CA HIS A 67 15.82 -9.70 -1.71
C HIS A 67 16.42 -10.82 -0.88
N CYS A 68 16.49 -10.61 0.42
CA CYS A 68 17.06 -11.59 1.34
C CYS A 68 15.97 -12.40 2.02
N GLY A 69 14.93 -11.71 2.48
CA GLY A 69 13.82 -12.36 3.15
C GLY A 69 13.81 -12.09 4.64
N LYS A 70 14.30 -10.91 5.04
CA LYS A 70 14.34 -10.53 6.44
C LYS A 70 12.92 -10.36 6.99
N GLN A 71 12.78 -10.59 8.30
CA GLN A 71 11.47 -10.46 8.95
C GLN A 71 11.59 -9.66 10.24
N LEU A 72 11.20 -8.39 10.17
CA LEU A 72 11.26 -7.50 11.33
C LEU A 72 9.90 -6.87 11.60
N ARG A 73 9.58 -6.68 12.88
CA ARG A 73 8.32 -6.08 13.27
C ARG A 73 8.31 -4.58 12.97
N SER A 74 9.41 -3.92 13.29
CA SER A 74 9.54 -2.48 13.06
C SER A 74 9.98 -2.19 11.63
N LEU A 75 9.17 -1.44 10.89
CA LEU A 75 9.47 -1.10 9.51
C LEU A 75 10.84 -0.43 9.41
N ALA A 76 11.10 0.52 10.30
CA ALA A 76 12.37 1.23 10.32
C ALA A 76 13.54 0.25 10.27
N GLY A 77 13.72 -0.50 11.35
CA GLY A 77 14.81 -1.46 11.42
C GLY A 77 15.00 -2.21 10.11
N MET A 78 13.90 -2.55 9.45
CA MET A 78 13.96 -3.26 8.18
C MET A 78 14.46 -2.35 7.07
N LYS A 79 13.89 -1.15 6.98
CA LYS A 79 14.28 -0.19 5.97
C LYS A 79 15.77 0.11 6.03
N TYR A 80 16.39 -0.27 7.15
CA TYR A 80 17.81 -0.04 7.34
C TYR A 80 18.62 -1.27 6.94
N HIS A 81 17.96 -2.43 6.93
CA HIS A 81 18.61 -3.69 6.57
C HIS A 81 18.96 -3.71 5.09
N VAL A 82 18.14 -3.05 4.28
CA VAL A 82 18.36 -2.99 2.84
C VAL A 82 19.49 -2.02 2.50
N MET A 83 19.38 -0.81 3.01
CA MET A 83 20.40 0.22 2.76
C MET A 83 21.79 -0.30 3.14
N ALA A 84 21.85 -1.10 4.19
CA ALA A 84 23.11 -1.66 4.65
C ALA A 84 23.49 -2.89 3.86
N ASN A 85 22.77 -3.99 4.09
CA ASN A 85 23.04 -5.24 3.39
C ASN A 85 22.85 -5.08 1.89
N HIS A 86 21.69 -4.55 1.50
CA HIS A 86 21.39 -4.35 0.09
C HIS A 86 21.73 -2.93 -0.33
N ASN A 87 22.96 -2.52 -0.05
CA ASN A 87 23.42 -1.17 -0.40
C ASN A 87 23.83 -1.11 -1.86
N SER A 88 23.01 -1.69 -2.74
CA SER A 88 23.29 -1.71 -4.17
C SER A 88 22.19 -0.98 -4.93
N LEU A 89 22.33 0.33 -5.06
CA LEU A 89 21.36 1.15 -5.77
C LEU A 89 21.86 1.50 -7.17
N PRO A 90 21.11 1.05 -8.20
CA PRO A 90 21.45 1.30 -9.60
C PRO A 90 21.27 2.77 -9.98
N SER A 91 20.15 3.35 -9.61
CA SER A 91 19.86 4.74 -9.91
C SER A 91 21.13 5.58 -9.84
N GLY A 92 21.42 6.30 -10.91
CA GLY A 92 22.60 7.15 -10.95
C GLY A 92 22.27 8.62 -10.88
N PRO A 93 22.30 9.18 -9.66
CA PRO A 93 22.00 10.60 -9.43
C PRO A 93 23.09 11.51 -9.98
N SER A 94 22.84 12.82 -9.91
CA SER A 94 23.80 13.80 -10.40
C SER A 94 25.12 13.71 -9.65
N SER A 95 26.14 13.17 -10.31
CA SER A 95 27.46 13.01 -9.70
C SER A 95 28.54 13.67 -10.56
N GLY A 96 29.69 13.95 -9.95
CA GLY A 96 30.77 14.57 -10.67
C GLY A 96 32.01 13.70 -10.72
ZN ZN B . -4.64 -7.90 4.05
ZN ZN C . 16.47 -7.80 2.54
#